data_9FRQ
#
_entry.id   9FRQ
#
_entity_poly.entity_id   1
_entity_poly.type   'polypeptide(L)'
_entity_poly.pdbx_seq_one_letter_code
;KSHTTCPTSTEIDSCSNDNNACGKDVSGSCSSLCNCGNGQTCFTDSNHTITLVPYYTEDGPFEKKYYTCGDPSELDECYD
IDKALEVNESDDPNSVEVLCHCPSDKIYLWIHRGYYICITPPQP
;
_entity_poly.pdbx_strand_id   A
#
# COMPACT_ATOMS: atom_id res chain seq x y z
N LYS A 1 -18.71 17.32 -7.40
CA LYS A 1 -20.10 16.77 -7.33
C LYS A 1 -20.11 15.33 -7.76
N SER A 2 -19.59 15.06 -8.97
CA SER A 2 -19.56 13.70 -9.49
C SER A 2 -18.64 12.88 -8.61
N HIS A 3 -17.50 13.48 -8.19
CA HIS A 3 -16.57 12.78 -7.35
C HIS A 3 -16.20 13.70 -6.24
N THR A 4 -15.81 13.11 -5.08
CA THR A 4 -15.42 13.91 -3.95
C THR A 4 -14.39 13.12 -3.19
N THR A 5 -13.59 13.81 -2.35
CA THR A 5 -12.58 13.13 -1.57
C THR A 5 -13.24 12.52 -0.36
N CYS A 6 -12.55 11.53 0.25
CA CYS A 6 -13.08 10.87 1.42
C CYS A 6 -12.75 11.71 2.61
N PRO A 7 -13.60 11.65 3.62
CA PRO A 7 -13.40 12.40 4.86
C PRO A 7 -12.29 11.83 5.69
N THR A 8 -11.72 12.67 6.59
CA THR A 8 -10.64 12.21 7.44
C THR A 8 -11.23 11.80 8.74
N SER A 9 -10.66 10.74 9.35
CA SER A 9 -11.15 10.27 10.63
C SER A 9 -10.40 11.00 11.69
N THR A 10 -11.05 11.19 12.86
CA THR A 10 -10.40 11.88 13.96
C THR A 10 -9.82 10.86 14.89
N GLU A 11 -9.97 9.56 14.54
CA GLU A 11 -9.45 8.50 15.39
C GLU A 11 -8.08 8.13 14.89
N ILE A 12 -7.58 8.84 13.86
CA ILE A 12 -6.28 8.52 13.34
C ILE A 12 -5.43 9.76 13.42
N ASP A 13 -4.10 9.58 13.50
CA ASP A 13 -3.20 10.70 13.59
C ASP A 13 -2.31 10.67 12.38
N SER A 14 -1.54 11.76 12.17
CA SER A 14 -0.63 11.82 11.04
C SER A 14 0.48 10.84 11.29
N CYS A 15 1.04 10.29 10.19
CA CYS A 15 2.12 9.34 10.32
C CYS A 15 3.40 10.12 10.48
N SER A 16 4.40 9.50 11.15
CA SER A 16 5.66 10.17 11.37
C SER A 16 6.32 10.44 10.05
N ASN A 17 6.26 9.46 9.13
CA ASN A 17 6.86 9.64 7.82
C ASN A 17 5.75 9.76 6.82
N ASP A 18 5.97 10.59 5.78
CA ASP A 18 4.97 10.82 4.76
C ASP A 18 5.02 9.72 3.73
N ASN A 19 5.98 8.77 3.85
CA ASN A 19 6.08 7.72 2.86
C ASN A 19 5.31 6.52 3.34
N ASN A 20 4.36 6.71 4.28
CA ASN A 20 3.60 5.60 4.76
C ASN A 20 2.38 5.46 3.90
N ALA A 21 1.85 4.22 3.85
CA ALA A 21 0.67 3.95 3.06
C ALA A 21 -0.51 4.06 3.97
N CYS A 22 -1.69 4.34 3.40
CA CYS A 22 -2.86 4.48 4.21
C CYS A 22 -4.05 4.10 3.39
N GLY A 23 -5.13 3.70 4.09
CA GLY A 23 -6.35 3.36 3.41
C GLY A 23 -6.28 1.95 2.94
N LYS A 24 -7.47 1.33 2.78
CA LYS A 24 -7.53 -0.02 2.32
C LYS A 24 -8.95 -0.28 1.91
N ASP A 25 -9.16 -1.28 1.04
CA ASP A 25 -10.49 -1.60 0.57
C ASP A 25 -11.01 -2.73 1.40
N VAL A 26 -12.05 -2.46 2.24
CA VAL A 26 -12.61 -3.49 3.07
C VAL A 26 -14.02 -3.76 2.61
N SER A 27 -14.94 -2.78 2.82
CA SER A 27 -16.32 -2.97 2.46
C SER A 27 -16.60 -2.26 1.17
N GLY A 28 -15.55 -1.72 0.51
CA GLY A 28 -15.75 -1.00 -0.73
C GLY A 28 -15.73 0.46 -0.40
N SER A 29 -15.77 0.76 0.91
CA SER A 29 -15.74 2.14 1.35
C SER A 29 -14.30 2.46 1.59
N CYS A 30 -13.92 3.75 1.44
CA CYS A 30 -12.54 4.12 1.64
C CYS A 30 -12.29 4.22 3.12
N SER A 31 -11.42 3.33 3.63
CA SER A 31 -11.09 3.33 5.03
C SER A 31 -9.88 4.21 5.19
N SER A 32 -9.70 4.77 6.41
CA SER A 32 -8.55 5.62 6.67
C SER A 32 -7.81 4.94 7.79
N LEU A 33 -6.47 4.80 7.62
CA LEU A 33 -5.69 4.13 8.64
C LEU A 33 -4.74 5.11 9.25
N CYS A 34 -4.25 6.07 8.45
CA CYS A 34 -3.30 7.03 8.96
C CYS A 34 -3.42 8.27 8.14
N ASN A 35 -3.28 9.43 8.80
CA ASN A 35 -3.36 10.69 8.12
C ASN A 35 -2.02 10.94 7.48
N CYS A 36 -2.02 11.46 6.24
CA CYS A 36 -0.78 11.73 5.55
C CYS A 36 -0.52 13.20 5.64
N GLY A 37 0.74 13.59 5.89
CA GLY A 37 1.10 14.98 5.96
C GLY A 37 0.47 15.59 7.18
N ASN A 38 -0.24 16.72 6.99
CA ASN A 38 -0.86 17.42 8.09
C ASN A 38 -2.28 16.94 8.24
N GLY A 39 -2.70 15.97 7.40
CA GLY A 39 -4.06 15.49 7.50
C GLY A 39 -4.66 15.51 6.13
N GLN A 40 -4.04 14.76 5.19
CA GLN A 40 -4.55 14.70 3.84
C GLN A 40 -5.36 13.45 3.71
N THR A 41 -6.30 13.47 2.75
CA THR A 41 -7.14 12.33 2.51
C THR A 41 -6.34 11.32 1.73
N CYS A 42 -6.70 10.02 1.88
CA CYS A 42 -5.98 8.98 1.19
C CYS A 42 -6.63 8.76 -0.16
N PHE A 43 -7.76 9.45 -0.41
CA PHE A 43 -8.48 9.29 -1.66
C PHE A 43 -7.66 9.86 -2.80
N THR A 44 -6.96 11.00 -2.56
CA THR A 44 -6.20 11.64 -3.60
C THR A 44 -4.97 10.83 -3.91
N ASP A 45 -4.69 9.77 -3.14
CA ASP A 45 -3.53 8.95 -3.37
C ASP A 45 -3.94 7.77 -4.21
N SER A 46 -5.15 7.83 -4.80
CA SER A 46 -5.64 6.74 -5.64
C SER A 46 -4.73 6.55 -6.81
N ASN A 47 -4.18 7.67 -7.35
CA ASN A 47 -3.32 7.58 -8.51
C ASN A 47 -2.00 6.96 -8.13
N HIS A 48 -1.74 6.82 -6.80
CA HIS A 48 -0.48 6.24 -6.37
C HIS A 48 -0.78 4.91 -5.71
N THR A 49 -1.91 4.29 -6.09
CA THR A 49 -2.29 3.01 -5.51
C THR A 49 -1.24 1.98 -5.89
N ILE A 50 -1.08 0.96 -5.02
CA ILE A 50 -0.12 -0.08 -5.26
C ILE A 50 -0.85 -1.38 -5.17
N THR A 51 -0.21 -2.48 -5.64
CA THR A 51 -0.84 -3.78 -5.59
C THR A 51 -0.05 -4.62 -4.63
N LEU A 52 -0.75 -5.19 -3.64
CA LEU A 52 -0.11 -6.02 -2.65
C LEU A 52 -0.78 -7.37 -2.69
N VAL A 53 0.03 -8.46 -2.74
CA VAL A 53 -0.53 -9.79 -2.80
C VAL A 53 -0.11 -10.50 -1.54
N PRO A 54 -0.99 -10.54 -0.56
CA PRO A 54 -0.73 -11.22 0.70
C PRO A 54 -0.77 -12.71 0.60
N TYR A 55 -1.59 -13.24 -0.32
CA TYR A 55 -1.71 -14.67 -0.46
C TYR A 55 -2.25 -14.98 -1.82
N TYR A 56 -2.11 -16.26 -2.23
CA TYR A 56 -2.59 -16.69 -3.52
C TYR A 56 -3.78 -17.56 -3.30
N THR A 57 -4.66 -17.66 -4.33
CA THR A 57 -5.84 -18.48 -4.21
C THR A 57 -5.83 -19.41 -5.38
N GLU A 58 -6.74 -20.41 -5.36
CA GLU A 58 -6.82 -21.38 -6.42
C GLU A 58 -7.20 -20.67 -7.70
N ASP A 59 -8.08 -19.65 -7.59
CA ASP A 59 -8.53 -18.93 -8.76
C ASP A 59 -7.39 -18.15 -9.35
N GLY A 60 -6.39 -17.77 -8.52
CA GLY A 60 -5.28 -17.01 -9.05
C GLY A 60 -4.77 -16.14 -7.96
N PRO A 61 -3.98 -15.16 -8.35
CA PRO A 61 -3.41 -14.21 -7.42
C PRO A 61 -4.43 -13.30 -6.82
N PHE A 62 -4.30 -13.02 -5.51
CA PHE A 62 -5.24 -12.14 -4.86
C PHE A 62 -4.57 -10.80 -4.80
N GLU A 63 -5.12 -9.83 -5.56
CA GLU A 63 -4.54 -8.51 -5.58
C GLU A 63 -5.33 -7.64 -4.67
N LYS A 64 -4.63 -6.97 -3.73
CA LYS A 64 -5.28 -6.09 -2.81
C LYS A 64 -4.70 -4.73 -3.05
N LYS A 65 -5.57 -3.70 -3.10
CA LYS A 65 -5.09 -2.37 -3.38
C LYS A 65 -4.81 -1.65 -2.09
N TYR A 66 -3.78 -0.79 -2.14
CA TYR A 66 -3.40 0.00 -0.99
C TYR A 66 -2.99 1.32 -1.56
N TYR A 67 -3.17 2.41 -0.79
CA TYR A 67 -2.83 3.71 -1.29
C TYR A 67 -1.61 4.15 -0.55
N THR A 68 -0.66 4.80 -1.25
CA THR A 68 0.57 5.21 -0.59
C THR A 68 0.70 6.70 -0.70
N CYS A 69 1.44 7.29 0.25
CA CYS A 69 1.63 8.72 0.25
C CYS A 69 3.10 8.98 0.10
N GLY A 70 3.45 10.19 -0.38
CA GLY A 70 4.84 10.56 -0.52
C GLY A 70 5.22 10.49 -1.97
N ASP A 71 4.45 9.70 -2.76
CA ASP A 71 4.72 9.58 -4.18
C ASP A 71 6.13 9.09 -4.38
N PRO A 72 6.38 7.83 -4.06
CA PRO A 72 7.71 7.24 -4.21
C PRO A 72 8.10 6.97 -5.63
N SER A 73 7.89 7.96 -6.53
CA SER A 73 8.25 7.77 -7.92
C SER A 73 9.70 8.15 -8.11
N GLU A 74 10.23 9.02 -7.20
CA GLU A 74 11.60 9.44 -7.31
C GLU A 74 12.44 8.56 -6.42
N LEU A 75 11.81 7.57 -5.79
CA LEU A 75 12.51 6.67 -4.91
C LEU A 75 13.22 5.64 -5.76
N ASP A 76 14.29 5.04 -5.19
CA ASP A 76 15.05 4.05 -5.90
C ASP A 76 14.21 2.81 -6.04
N GLU A 77 14.48 2.00 -7.10
CA GLU A 77 13.72 0.79 -7.31
C GLU A 77 14.42 -0.33 -6.59
N CYS A 78 13.65 -1.20 -5.89
CA CYS A 78 14.23 -2.30 -5.16
C CYS A 78 14.49 -3.45 -6.10
N TYR A 79 15.37 -4.38 -5.66
CA TYR A 79 15.69 -5.56 -6.43
C TYR A 79 14.52 -6.51 -6.32
N ASP A 80 14.48 -7.52 -7.22
CA ASP A 80 13.39 -8.47 -7.23
C ASP A 80 13.32 -9.22 -5.92
N ILE A 81 14.47 -9.59 -5.34
CA ILE A 81 14.45 -10.32 -4.09
C ILE A 81 15.22 -9.51 -3.09
N ASP A 82 14.52 -8.66 -2.33
CA ASP A 82 15.18 -7.85 -1.35
C ASP A 82 14.10 -7.16 -0.57
N LYS A 83 14.50 -6.50 0.55
CA LYS A 83 13.55 -5.78 1.38
C LYS A 83 12.96 -4.69 0.54
N ALA A 84 11.62 -4.56 0.53
CA ALA A 84 11.01 -3.54 -0.28
C ALA A 84 9.86 -2.92 0.47
N LEU A 85 9.09 -3.72 1.24
CA LEU A 85 7.96 -3.14 1.93
C LEU A 85 7.95 -3.68 3.33
N GLU A 86 7.72 -2.77 4.31
CA GLU A 86 7.67 -3.15 5.69
C GLU A 86 6.26 -2.89 6.15
N VAL A 87 5.61 -3.93 6.70
CA VAL A 87 4.25 -3.79 7.15
C VAL A 87 4.17 -4.37 8.53
N ASN A 88 3.17 -3.89 9.33
CA ASN A 88 3.00 -4.37 10.68
C ASN A 88 2.56 -5.81 10.64
N GLU A 89 1.62 -6.15 9.72
CA GLU A 89 1.14 -7.51 9.64
C GLU A 89 0.99 -7.86 8.20
N SER A 90 1.04 -9.18 7.92
CA SER A 90 0.92 -9.64 6.55
C SER A 90 -0.54 -9.79 6.18
N ASP A 91 -1.44 -9.88 7.18
CA ASP A 91 -2.84 -10.08 6.86
C ASP A 91 -3.55 -8.75 6.80
N ASP A 92 -3.47 -7.94 7.88
CA ASP A 92 -4.17 -6.67 7.88
C ASP A 92 -3.25 -5.60 8.40
N PRO A 93 -2.35 -5.14 7.57
CA PRO A 93 -1.43 -4.09 7.97
C PRO A 93 -2.07 -2.74 7.97
N ASN A 94 -2.18 -2.12 9.16
CA ASN A 94 -2.77 -0.80 9.24
C ASN A 94 -1.64 0.19 9.19
N SER A 95 -0.39 -0.34 9.11
CA SER A 95 0.76 0.52 9.04
C SER A 95 1.65 -0.07 7.98
N VAL A 96 1.88 0.70 6.90
CA VAL A 96 2.71 0.25 5.82
C VAL A 96 3.68 1.36 5.55
N GLU A 97 4.99 1.06 5.48
CA GLU A 97 5.97 2.09 5.23
C GLU A 97 6.65 1.80 3.92
N VAL A 98 6.70 2.80 3.02
CA VAL A 98 7.35 2.62 1.74
C VAL A 98 8.82 2.82 1.95
N LEU A 99 9.63 1.81 1.56
CA LEU A 99 11.06 1.90 1.70
C LEU A 99 11.64 2.22 0.35
N CYS A 100 10.95 1.81 -0.72
CA CYS A 100 11.48 2.06 -2.04
C CYS A 100 10.37 2.08 -3.05
N HIS A 101 10.72 2.43 -4.30
CA HIS A 101 9.75 2.55 -5.36
C HIS A 101 9.52 1.21 -5.98
N CYS A 102 8.24 0.86 -6.19
CA CYS A 102 7.89 -0.36 -6.86
C CYS A 102 7.08 0.05 -8.05
N PRO A 103 7.37 -0.52 -9.19
CA PRO A 103 6.64 -0.21 -10.41
C PRO A 103 5.28 -0.83 -10.44
N SER A 104 4.41 -0.31 -11.33
CA SER A 104 3.05 -0.82 -11.44
C SER A 104 3.07 -2.19 -12.09
N ASP A 105 4.24 -2.60 -12.61
CA ASP A 105 4.32 -3.89 -13.26
C ASP A 105 4.78 -4.92 -12.26
N LYS A 106 4.89 -4.53 -10.96
CA LYS A 106 5.31 -5.47 -9.95
C LYS A 106 4.36 -5.40 -8.80
N ILE A 107 4.36 -6.49 -8.00
CA ILE A 107 3.49 -6.57 -6.85
C ILE A 107 4.34 -6.85 -5.66
N TYR A 108 3.75 -6.68 -4.46
CA TYR A 108 4.46 -6.96 -3.24
C TYR A 108 4.05 -8.35 -2.87
N LEU A 109 5.03 -9.28 -2.79
CA LEU A 109 4.71 -10.65 -2.47
C LEU A 109 5.32 -10.96 -1.14
N TRP A 110 4.49 -11.54 -0.23
CA TRP A 110 4.96 -11.89 1.09
C TRP A 110 5.75 -13.16 0.96
N ILE A 111 6.91 -13.24 1.64
CA ILE A 111 7.72 -14.43 1.55
C ILE A 111 7.96 -14.96 2.95
N HIS A 112 8.54 -16.19 3.02
CA HIS A 112 8.80 -16.86 4.27
C HIS A 112 9.71 -16.04 5.15
N ARG A 113 10.48 -15.09 4.58
CA ARG A 113 11.38 -14.29 5.38
C ARG A 113 10.59 -13.53 6.41
N GLY A 114 9.37 -13.07 6.05
CA GLY A 114 8.56 -12.35 7.00
C GLY A 114 8.37 -10.95 6.51
N TYR A 115 8.77 -10.66 5.26
CA TYR A 115 8.61 -9.33 4.74
C TYR A 115 8.21 -9.47 3.30
N TYR A 116 7.72 -8.35 2.71
CA TYR A 116 7.27 -8.36 1.35
C TYR A 116 8.40 -7.97 0.45
N ILE A 117 8.43 -8.60 -0.75
CA ILE A 117 9.46 -8.31 -1.72
C ILE A 117 8.78 -7.78 -2.94
N CYS A 118 9.53 -6.99 -3.75
CA CYS A 118 8.96 -6.41 -4.94
C CYS A 118 9.30 -7.33 -6.08
N ILE A 119 8.28 -7.98 -6.67
CA ILE A 119 8.56 -8.91 -7.75
C ILE A 119 7.41 -8.87 -8.72
N THR A 120 7.70 -9.19 -10.00
CA THR A 120 6.68 -9.21 -11.02
C THR A 120 5.79 -10.39 -10.71
N PRO A 121 4.49 -10.19 -10.74
CA PRO A 121 3.55 -11.25 -10.42
C PRO A 121 3.53 -12.37 -11.42
N PRO A 122 3.82 -13.58 -11.00
CA PRO A 122 3.80 -14.73 -11.89
C PRO A 122 2.39 -15.23 -12.11
N GLN A 123 2.12 -15.75 -13.33
CA GLN A 123 0.82 -16.27 -13.64
C GLN A 123 0.79 -17.70 -13.17
N PRO A 124 -0.11 -18.03 -12.29
CA PRO A 124 -0.22 -19.40 -11.78
C PRO A 124 -0.95 -20.31 -12.72
N LYS A 1 -24.85 14.44 -1.35
CA LYS A 1 -24.52 13.48 -0.25
C LYS A 1 -23.42 12.54 -0.65
N SER A 2 -22.53 13.00 -1.54
CA SER A 2 -21.43 12.17 -1.99
C SER A 2 -20.18 12.97 -1.86
N HIS A 3 -19.05 12.29 -1.61
CA HIS A 3 -17.80 12.99 -1.46
C HIS A 3 -16.82 12.33 -2.39
N THR A 4 -16.21 13.13 -3.30
CA THR A 4 -15.25 12.61 -4.24
C THR A 4 -14.00 12.24 -3.48
N THR A 5 -13.58 13.12 -2.54
CA THR A 5 -12.39 12.87 -1.77
C THR A 5 -12.73 11.92 -0.66
N CYS A 6 -11.69 11.24 -0.11
CA CYS A 6 -11.91 10.29 0.96
C CYS A 6 -12.10 11.08 2.23
N PRO A 7 -12.89 10.51 3.12
CA PRO A 7 -13.15 11.14 4.41
C PRO A 7 -11.99 11.04 5.34
N THR A 8 -11.90 11.98 6.31
CA THR A 8 -10.80 11.96 7.24
C THR A 8 -11.28 11.29 8.48
N SER A 9 -10.61 10.19 8.87
CA SER A 9 -10.99 9.46 10.05
C SER A 9 -10.53 10.26 11.24
N THR A 10 -11.25 10.15 12.38
CA THR A 10 -10.87 10.90 13.56
C THR A 10 -10.12 9.99 14.49
N GLU A 11 -9.95 8.71 14.08
CA GLU A 11 -9.24 7.76 14.90
C GLU A 11 -7.84 7.63 14.37
N ILE A 12 -7.42 8.54 13.47
CA ILE A 12 -6.10 8.47 12.90
C ILE A 12 -5.43 9.79 13.13
N ASP A 13 -4.11 9.84 12.85
CA ASP A 13 -3.37 11.05 13.01
C ASP A 13 -2.33 11.05 11.93
N SER A 14 -1.56 12.16 11.80
CA SER A 14 -0.54 12.23 10.78
C SER A 14 0.55 11.25 11.12
N CYS A 15 1.16 10.65 10.07
CA CYS A 15 2.23 9.71 10.27
C CYS A 15 3.51 10.48 10.31
N SER A 16 4.51 9.95 11.07
CA SER A 16 5.79 10.62 11.17
C SER A 16 6.42 10.64 9.81
N ASN A 17 6.35 9.50 9.09
CA ASN A 17 6.93 9.42 7.77
C ASN A 17 5.80 9.50 6.78
N ASP A 18 6.01 10.30 5.71
CA ASP A 18 4.99 10.51 4.72
C ASP A 18 5.03 9.41 3.69
N ASN A 19 5.99 8.45 3.82
CA ASN A 19 6.08 7.39 2.83
C ASN A 19 5.19 6.24 3.27
N ASN A 20 4.31 6.48 4.27
CA ASN A 20 3.44 5.42 4.71
C ASN A 20 2.25 5.37 3.79
N ALA A 21 1.62 4.18 3.70
CA ALA A 21 0.47 3.99 2.86
C ALA A 21 -0.73 4.57 3.56
N CYS A 22 -1.76 4.92 2.76
CA CYS A 22 -2.96 5.49 3.34
C CYS A 22 -4.10 5.13 2.43
N GLY A 23 -4.87 4.10 2.81
CA GLY A 23 -6.00 3.70 2.00
C GLY A 23 -5.94 2.23 1.81
N LYS A 24 -7.08 1.58 2.13
CA LYS A 24 -7.19 0.16 1.99
C LYS A 24 -8.56 -0.09 1.45
N ASP A 25 -8.66 -0.98 0.44
CA ASP A 25 -9.94 -1.28 -0.16
C ASP A 25 -10.52 -2.46 0.58
N VAL A 26 -11.58 -2.20 1.38
CA VAL A 26 -12.20 -3.27 2.13
C VAL A 26 -13.64 -3.39 1.68
N SER A 27 -14.43 -2.33 1.91
CA SER A 27 -15.84 -2.35 1.54
C SER A 27 -16.03 -1.60 0.25
N GLY A 28 -14.93 -1.18 -0.39
CA GLY A 28 -15.05 -0.43 -1.62
C GLY A 28 -14.88 1.02 -1.30
N SER A 29 -14.94 1.34 0.01
CA SER A 29 -14.76 2.71 0.43
C SER A 29 -13.34 2.83 0.85
N CYS A 30 -12.71 3.99 0.58
CA CYS A 30 -11.32 4.17 0.94
C CYS A 30 -11.26 4.51 2.40
N SER A 31 -10.63 3.63 3.18
CA SER A 31 -10.49 3.87 4.60
C SER A 31 -9.19 4.58 4.80
N SER A 32 -9.19 5.66 5.61
CA SER A 32 -7.96 6.37 5.86
C SER A 32 -7.35 5.71 7.05
N LEU A 33 -6.14 5.15 6.87
CA LEU A 33 -5.50 4.44 7.95
C LEU A 33 -4.58 5.38 8.67
N CYS A 34 -3.99 6.34 7.95
CA CYS A 34 -3.10 7.29 8.58
C CYS A 34 -3.10 8.52 7.75
N ASN A 35 -3.06 9.69 8.42
CA ASN A 35 -3.06 10.94 7.70
C ASN A 35 -1.69 11.15 7.13
N CYS A 36 -1.63 11.61 5.87
CA CYS A 36 -0.36 11.85 5.23
C CYS A 36 -0.12 13.33 5.28
N GLY A 37 1.12 13.73 5.63
CA GLY A 37 1.43 15.13 5.70
C GLY A 37 0.67 15.76 6.82
N ASN A 38 -0.07 16.85 6.52
CA ASN A 38 -0.82 17.54 7.54
C ASN A 38 -2.24 17.04 7.54
N GLY A 39 -2.57 16.07 6.66
CA GLY A 39 -3.93 15.56 6.62
C GLY A 39 -4.37 15.50 5.19
N GLN A 40 -3.63 14.74 4.37
CA GLN A 40 -3.98 14.59 2.98
C GLN A 40 -5.15 13.65 2.93
N THR A 41 -6.11 13.90 2.01
CA THR A 41 -7.29 13.07 1.91
C THR A 41 -6.90 11.67 1.49
N CYS A 42 -5.74 11.53 0.78
CA CYS A 42 -5.25 10.23 0.34
C CYS A 42 -5.95 9.83 -0.93
N PHE A 43 -7.13 10.43 -1.21
CA PHE A 43 -7.87 10.10 -2.43
C PHE A 43 -7.07 10.55 -3.62
N THR A 44 -6.47 11.75 -3.52
CA THR A 44 -5.72 12.31 -4.61
C THR A 44 -4.41 11.56 -4.79
N ASP A 45 -4.10 10.61 -3.87
CA ASP A 45 -2.88 9.86 -3.99
C ASP A 45 -3.21 8.51 -4.59
N SER A 46 -4.39 8.41 -5.25
CA SER A 46 -4.80 7.16 -5.85
C SER A 46 -3.96 6.89 -7.06
N ASN A 47 -3.21 7.91 -7.55
CA ASN A 47 -2.38 7.72 -8.72
C ASN A 47 -1.10 7.02 -8.30
N HIS A 48 -0.91 6.83 -6.98
CA HIS A 48 0.27 6.16 -6.49
C HIS A 48 -0.14 4.83 -5.94
N THR A 49 -1.28 4.29 -6.42
CA THR A 49 -1.76 3.01 -5.95
C THR A 49 -0.74 1.94 -6.26
N ILE A 50 -0.71 0.91 -5.41
CA ILE A 50 0.23 -0.18 -5.58
C ILE A 50 -0.54 -1.47 -5.53
N THR A 51 0.08 -2.57 -5.99
CA THR A 51 -0.57 -3.87 -5.97
C THR A 51 0.14 -4.69 -4.95
N LEU A 52 -0.63 -5.22 -3.97
CA LEU A 52 -0.06 -6.03 -2.93
C LEU A 52 -0.71 -7.37 -3.00
N VAL A 53 0.10 -8.46 -3.00
CA VAL A 53 -0.45 -9.79 -3.06
C VAL A 53 -0.06 -10.49 -1.78
N PRO A 54 -0.95 -10.50 -0.82
CA PRO A 54 -0.71 -11.16 0.45
C PRO A 54 -0.80 -12.65 0.38
N TYR A 55 -1.60 -13.18 -0.55
CA TYR A 55 -1.76 -14.60 -0.67
C TYR A 55 -2.26 -14.91 -2.06
N TYR A 56 -2.14 -16.20 -2.45
CA TYR A 56 -2.60 -16.62 -3.74
C TYR A 56 -3.80 -17.48 -3.52
N THR A 57 -4.69 -17.58 -4.55
CA THR A 57 -5.87 -18.38 -4.42
C THR A 57 -5.86 -19.35 -5.58
N GLU A 58 -6.75 -20.36 -5.52
CA GLU A 58 -6.81 -21.35 -6.57
C GLU A 58 -7.39 -20.72 -7.81
N ASP A 59 -8.00 -19.51 -7.67
CA ASP A 59 -8.58 -18.85 -8.80
C ASP A 59 -7.52 -18.02 -9.47
N GLY A 60 -6.37 -17.81 -8.78
CA GLY A 60 -5.31 -17.02 -9.36
C GLY A 60 -4.78 -16.13 -8.29
N PRO A 61 -4.00 -15.16 -8.71
CA PRO A 61 -3.40 -14.19 -7.80
C PRO A 61 -4.42 -13.27 -7.21
N PHE A 62 -4.28 -12.97 -5.90
CA PHE A 62 -5.20 -12.08 -5.25
C PHE A 62 -4.53 -10.75 -5.23
N GLU A 63 -5.07 -9.79 -6.00
CA GLU A 63 -4.49 -8.48 -6.06
C GLU A 63 -5.27 -7.57 -5.17
N LYS A 64 -4.55 -6.92 -4.23
CA LYS A 64 -5.20 -6.01 -3.32
C LYS A 64 -4.56 -4.68 -3.57
N LYS A 65 -5.37 -3.60 -3.65
CA LYS A 65 -4.83 -2.30 -3.96
C LYS A 65 -4.71 -1.50 -2.69
N TYR A 66 -3.67 -0.65 -2.66
CA TYR A 66 -3.43 0.23 -1.55
C TYR A 66 -2.95 1.51 -2.13
N TYR A 67 -3.11 2.62 -1.40
CA TYR A 67 -2.68 3.90 -1.89
C TYR A 67 -1.50 4.29 -1.05
N THR A 68 -0.51 4.98 -1.66
CA THR A 68 0.67 5.34 -0.91
C THR A 68 0.85 6.83 -0.98
N CYS A 69 1.62 7.37 -0.03
CA CYS A 69 1.87 8.79 0.03
C CYS A 69 3.35 8.98 -0.04
N GLY A 70 3.79 10.21 -0.38
CA GLY A 70 5.19 10.52 -0.45
C GLY A 70 5.62 10.49 -1.87
N ASP A 71 4.83 9.83 -2.74
CA ASP A 71 5.15 9.75 -4.15
C ASP A 71 6.51 9.12 -4.30
N PRO A 72 6.60 7.83 -4.04
CA PRO A 72 7.86 7.10 -4.16
C PRO A 72 8.32 6.91 -5.58
N SER A 73 7.77 7.68 -6.53
CA SER A 73 8.18 7.54 -7.91
C SER A 73 9.62 7.93 -8.00
N GLU A 74 10.02 8.98 -7.24
CA GLU A 74 11.40 9.45 -7.25
C GLU A 74 12.23 8.59 -6.34
N LEU A 75 11.61 7.64 -5.59
CA LEU A 75 12.35 6.80 -4.70
C LEU A 75 13.12 5.79 -5.51
N ASP A 76 14.18 5.21 -4.89
CA ASP A 76 15.00 4.23 -5.57
C ASP A 76 14.17 2.99 -5.80
N GLU A 77 14.48 2.27 -6.90
CA GLU A 77 13.75 1.07 -7.23
C GLU A 77 14.12 -0.01 -6.25
N CYS A 78 13.11 -0.81 -5.83
CA CYS A 78 13.34 -1.88 -4.88
C CYS A 78 14.12 -2.96 -5.57
N TYR A 79 14.96 -3.68 -4.80
CA TYR A 79 15.73 -4.76 -5.35
C TYR A 79 14.85 -5.97 -5.34
N ASP A 80 15.23 -7.00 -6.11
CA ASP A 80 14.44 -8.21 -6.18
C ASP A 80 14.39 -8.86 -4.83
N ILE A 81 15.53 -8.87 -4.09
CA ILE A 81 15.56 -9.47 -2.78
C ILE A 81 15.93 -8.42 -1.79
N ASP A 82 14.92 -7.76 -1.21
CA ASP A 82 15.18 -6.74 -0.24
C ASP A 82 13.85 -6.39 0.35
N LYS A 83 13.84 -5.65 1.48
CA LYS A 83 12.59 -5.28 2.11
C LYS A 83 11.93 -4.29 1.21
N ALA A 84 10.88 -4.74 0.51
CA ALA A 84 10.19 -3.86 -0.40
C ALA A 84 9.08 -3.18 0.35
N LEU A 85 8.50 -3.88 1.34
CA LEU A 85 7.44 -3.28 2.11
C LEU A 85 7.52 -3.78 3.52
N GLU A 86 7.28 -2.87 4.48
CA GLU A 86 7.30 -3.21 5.87
C GLU A 86 5.92 -2.91 6.36
N VAL A 87 5.26 -3.93 6.96
CA VAL A 87 3.91 -3.73 7.42
C VAL A 87 3.83 -4.22 8.84
N ASN A 88 2.83 -3.73 9.59
CA ASN A 88 2.68 -4.12 10.97
C ASN A 88 1.94 -5.43 11.05
N GLU A 89 1.22 -5.82 9.98
CA GLU A 89 0.51 -7.07 10.00
C GLU A 89 0.52 -7.63 8.61
N SER A 90 0.76 -8.94 8.52
CA SER A 90 0.87 -9.60 7.24
C SER A 90 -0.47 -9.68 6.55
N ASP A 91 -1.57 -9.95 7.29
CA ASP A 91 -2.86 -10.11 6.63
C ASP A 91 -3.59 -8.80 6.50
N ASP A 92 -3.72 -8.02 7.59
CA ASP A 92 -4.45 -6.78 7.50
C ASP A 92 -3.64 -5.67 8.12
N PRO A 93 -2.69 -5.16 7.38
CA PRO A 93 -1.85 -4.09 7.86
C PRO A 93 -2.55 -2.76 7.87
N ASN A 94 -2.30 -1.97 8.93
CA ASN A 94 -2.90 -0.65 9.02
C ASN A 94 -1.80 0.35 8.82
N SER A 95 -0.54 -0.11 9.00
CA SER A 95 0.58 0.77 8.82
C SER A 95 1.50 0.09 7.87
N VAL A 96 1.68 0.71 6.69
CA VAL A 96 2.54 0.16 5.68
C VAL A 96 3.53 1.24 5.36
N GLU A 97 4.84 0.93 5.46
CA GLU A 97 5.84 1.94 5.19
C GLU A 97 6.54 1.59 3.91
N VAL A 98 6.60 2.58 2.98
CA VAL A 98 7.27 2.38 1.73
C VAL A 98 8.75 2.56 1.96
N LEU A 99 9.54 1.51 1.67
CA LEU A 99 10.97 1.58 1.86
C LEU A 99 11.58 1.96 0.54
N CYS A 100 10.93 1.57 -0.57
CA CYS A 100 11.49 1.87 -1.87
C CYS A 100 10.39 1.82 -2.89
N HIS A 101 10.71 2.24 -4.13
CA HIS A 101 9.74 2.29 -5.19
C HIS A 101 9.61 0.93 -5.81
N CYS A 102 8.36 0.47 -6.00
CA CYS A 102 8.12 -0.80 -6.61
C CYS A 102 7.28 -0.49 -7.82
N PRO A 103 7.70 -0.97 -8.98
CA PRO A 103 6.97 -0.71 -10.22
C PRO A 103 5.65 -1.41 -10.29
N SER A 104 4.73 -0.88 -11.11
CA SER A 104 3.41 -1.47 -11.24
C SER A 104 3.50 -2.74 -12.03
N ASP A 105 4.68 -3.01 -12.63
CA ASP A 105 4.85 -4.22 -13.40
C ASP A 105 5.25 -5.31 -12.45
N LYS A 106 5.38 -4.99 -11.15
CA LYS A 106 5.76 -5.98 -10.17
C LYS A 106 4.78 -5.90 -9.04
N ILE A 107 4.75 -6.96 -8.23
CA ILE A 107 3.84 -7.00 -7.11
C ILE A 107 4.65 -7.25 -5.88
N TYR A 108 4.03 -6.99 -4.72
CA TYR A 108 4.70 -7.25 -3.47
C TYR A 108 4.26 -8.62 -3.08
N LEU A 109 5.23 -9.56 -3.02
CA LEU A 109 4.90 -10.93 -2.70
C LEU A 109 5.21 -11.15 -1.25
N TRP A 110 4.22 -11.70 -0.52
CA TRP A 110 4.38 -11.97 0.88
C TRP A 110 5.11 -13.27 1.03
N ILE A 111 6.27 -13.23 1.73
CA ILE A 111 7.04 -14.44 1.95
C ILE A 111 7.48 -14.42 3.38
N HIS A 112 7.82 -15.62 3.92
CA HIS A 112 8.26 -15.74 5.29
C HIS A 112 7.15 -15.32 6.22
N ARG A 113 7.50 -14.91 7.46
CA ARG A 113 6.50 -14.50 8.42
C ARG A 113 5.82 -13.24 7.93
N GLY A 114 6.62 -12.27 7.45
CA GLY A 114 6.04 -11.03 6.99
C GLY A 114 7.12 -10.24 6.33
N TYR A 115 7.55 -10.70 5.14
CA TYR A 115 8.57 -10.00 4.41
C TYR A 115 8.05 -9.84 3.02
N TYR A 116 7.96 -8.58 2.54
CA TYR A 116 7.46 -8.37 1.21
C TYR A 116 8.62 -8.03 0.32
N ILE A 117 8.63 -8.65 -0.88
CA ILE A 117 9.69 -8.42 -1.83
C ILE A 117 9.02 -8.08 -3.13
N CYS A 118 9.73 -7.33 -4.01
CA CYS A 118 9.16 -6.98 -5.28
C CYS A 118 9.53 -8.04 -6.25
N ILE A 119 8.51 -8.63 -6.90
CA ILE A 119 8.78 -9.67 -7.85
C ILE A 119 7.73 -9.57 -8.92
N THR A 120 8.06 -9.99 -10.16
CA THR A 120 7.10 -9.94 -11.23
C THR A 120 6.10 -11.02 -10.93
N PRO A 121 4.82 -10.70 -10.98
CA PRO A 121 3.78 -11.66 -10.65
C PRO A 121 3.71 -12.83 -11.61
N PRO A 122 3.89 -14.04 -11.12
CA PRO A 122 3.79 -15.22 -11.95
C PRO A 122 2.38 -15.65 -12.17
N GLN A 123 2.06 -16.08 -13.41
CA GLN A 123 0.72 -16.52 -13.71
C GLN A 123 0.63 -17.97 -13.33
N PRO A 124 -0.31 -18.32 -12.47
CA PRO A 124 -0.47 -19.69 -12.04
C PRO A 124 -1.28 -20.50 -13.01
N LYS A 1 -24.90 9.66 2.26
CA LYS A 1 -23.92 8.64 2.72
C LYS A 1 -23.00 8.24 1.59
N SER A 2 -22.53 9.24 0.82
CA SER A 2 -21.65 8.95 -0.29
C SER A 2 -20.82 10.18 -0.50
N HIS A 3 -19.56 10.00 -0.93
CA HIS A 3 -18.70 11.12 -1.15
C HIS A 3 -17.69 10.69 -2.17
N THR A 4 -17.32 11.61 -3.10
CA THR A 4 -16.37 11.28 -4.14
C THR A 4 -15.03 10.98 -3.51
N THR A 5 -14.60 11.83 -2.54
CA THR A 5 -13.32 11.62 -1.91
C THR A 5 -13.54 10.82 -0.66
N CYS A 6 -12.45 10.24 -0.12
CA CYS A 6 -12.54 9.44 1.08
C CYS A 6 -12.56 10.39 2.25
N PRO A 7 -13.57 10.29 3.09
CA PRO A 7 -13.68 11.15 4.27
C PRO A 7 -12.53 11.01 5.21
N THR A 8 -12.17 12.12 5.89
CA THR A 8 -11.06 12.08 6.82
C THR A 8 -11.61 11.68 8.16
N SER A 9 -11.06 10.58 8.71
CA SER A 9 -11.50 10.10 10.01
C SER A 9 -10.86 10.96 11.05
N THR A 10 -11.56 11.15 12.20
CA THR A 10 -11.01 11.95 13.26
C THR A 10 -10.26 11.05 14.20
N GLU A 11 -10.23 9.72 13.88
CA GLU A 11 -9.55 8.79 14.73
C GLU A 11 -8.18 8.54 14.16
N ILE A 12 -7.78 9.31 13.12
CA ILE A 12 -6.49 9.13 12.52
C ILE A 12 -5.77 10.45 12.61
N ASP A 13 -4.47 10.44 12.26
CA ASP A 13 -3.69 11.65 12.31
C ASP A 13 -2.75 11.59 11.14
N SER A 14 -2.00 12.70 10.91
CA SER A 14 -1.05 12.73 9.82
C SER A 14 0.03 11.73 10.09
N CYS A 15 0.55 11.12 9.01
CA CYS A 15 1.58 10.12 9.13
C CYS A 15 2.84 10.78 9.59
N SER A 16 3.61 10.10 10.46
CA SER A 16 4.84 10.65 10.96
C SER A 16 5.82 10.74 9.82
N ASN A 17 5.86 9.70 8.96
CA ASN A 17 6.78 9.70 7.85
C ASN A 17 5.98 9.95 6.61
N ASP A 18 6.61 10.59 5.61
CA ASP A 18 5.92 10.90 4.39
C ASP A 18 5.95 9.72 3.45
N ASN A 19 6.65 8.62 3.83
CA ASN A 19 6.73 7.48 2.94
C ASN A 19 5.79 6.41 3.43
N ASN A 20 4.77 6.79 4.22
CA ASN A 20 3.84 5.80 4.72
C ASN A 20 2.68 5.72 3.75
N ALA A 21 1.97 4.57 3.78
CA ALA A 21 0.85 4.36 2.91
C ALA A 21 -0.40 4.57 3.70
N CYS A 22 -1.53 4.82 3.00
CA CYS A 22 -2.78 5.04 3.67
C CYS A 22 -3.89 4.54 2.81
N GLY A 23 -5.03 4.20 3.46
CA GLY A 23 -6.20 3.75 2.76
C GLY A 23 -6.15 2.27 2.57
N LYS A 24 -7.34 1.63 2.49
CA LYS A 24 -7.40 0.22 2.29
C LYS A 24 -8.79 -0.10 1.81
N ASP A 25 -8.93 -1.21 1.04
CA ASP A 25 -10.22 -1.60 0.52
C ASP A 25 -10.63 -2.85 1.28
N VAL A 26 -11.69 -2.76 2.11
CA VAL A 26 -12.11 -3.91 2.87
C VAL A 26 -13.47 -4.34 2.38
N SER A 27 -14.53 -3.55 2.68
CA SER A 27 -15.87 -3.91 2.28
C SER A 27 -16.25 -3.13 1.06
N GLY A 28 -15.29 -2.40 0.47
CA GLY A 28 -15.59 -1.60 -0.69
C GLY A 28 -15.67 -0.17 -0.25
N SER A 29 -15.85 0.03 1.07
CA SER A 29 -15.91 1.37 1.61
C SER A 29 -14.49 1.84 1.67
N CYS A 30 -14.26 3.16 1.49
CA CYS A 30 -12.91 3.65 1.53
C CYS A 30 -12.60 4.03 2.94
N SER A 31 -11.66 3.28 3.54
CA SER A 31 -11.25 3.56 4.90
C SER A 31 -10.03 4.43 4.84
N SER A 32 -9.90 5.39 5.78
CA SER A 32 -8.72 6.23 5.81
C SER A 32 -7.99 5.79 7.04
N LEU A 33 -6.73 5.36 6.87
CA LEU A 33 -5.98 4.84 7.98
C LEU A 33 -5.03 5.88 8.49
N CYS A 34 -4.53 6.75 7.60
CA CYS A 34 -3.59 7.74 8.04
C CYS A 34 -3.68 8.91 7.12
N ASN A 35 -3.57 10.13 7.69
CA ASN A 35 -3.65 11.34 6.90
C ASN A 35 -2.32 11.51 6.22
N CYS A 36 -2.34 11.99 4.95
CA CYS A 36 -1.12 12.15 4.20
C CYS A 36 -0.73 13.60 4.26
N GLY A 37 0.55 13.87 4.59
CA GLY A 37 1.03 15.24 4.65
C GLY A 37 0.44 15.91 5.85
N ASN A 38 -0.09 17.13 5.65
CA ASN A 38 -0.65 17.90 6.75
C ASN A 38 -2.12 17.60 6.85
N GLY A 39 -2.64 16.69 6.00
CA GLY A 39 -4.05 16.38 6.04
C GLY A 39 -4.56 16.39 4.63
N GLN A 40 -3.83 15.71 3.73
CA GLN A 40 -4.24 15.65 2.35
C GLN A 40 -5.03 14.39 2.17
N THR A 41 -6.15 14.50 1.44
CA THR A 41 -7.01 13.37 1.19
C THR A 41 -6.23 12.33 0.43
N CYS A 42 -6.26 11.08 0.93
CA CYS A 42 -5.53 9.98 0.31
C CYS A 42 -6.09 9.72 -1.07
N PHE A 43 -7.43 9.82 -1.22
CA PHE A 43 -8.08 9.54 -2.49
C PHE A 43 -7.61 10.48 -3.57
N THR A 44 -7.51 11.78 -3.28
CA THR A 44 -7.14 12.75 -4.29
C THR A 44 -5.75 12.51 -4.82
N ASP A 45 -4.85 11.89 -4.01
CA ASP A 45 -3.50 11.66 -4.49
C ASP A 45 -3.28 10.18 -4.66
N SER A 46 -4.36 9.42 -4.98
CA SER A 46 -4.22 7.97 -5.14
C SER A 46 -3.64 7.65 -6.48
N ASN A 47 -3.02 8.63 -7.17
CA ASN A 47 -2.45 8.39 -8.47
C ASN A 47 -1.20 7.56 -8.31
N HIS A 48 -0.71 7.40 -7.05
CA HIS A 48 0.51 6.62 -6.83
C HIS A 48 0.11 5.32 -6.19
N THR A 49 -1.14 4.85 -6.44
CA THR A 49 -1.60 3.60 -5.87
C THR A 49 -0.67 2.48 -6.28
N ILE A 50 -0.54 1.47 -5.40
CA ILE A 50 0.32 0.35 -5.66
C ILE A 50 -0.52 -0.89 -5.57
N THR A 51 0.06 -2.03 -6.03
CA THR A 51 -0.67 -3.28 -5.98
C THR A 51 0.05 -4.16 -5.00
N LEU A 52 -0.70 -4.70 -4.02
CA LEU A 52 -0.12 -5.55 -3.01
C LEU A 52 -0.82 -6.87 -3.10
N VAL A 53 -0.03 -7.98 -3.16
CA VAL A 53 -0.63 -9.30 -3.24
C VAL A 53 -0.19 -10.07 -2.02
N PRO A 54 -1.07 -10.14 -1.03
CA PRO A 54 -0.78 -10.86 0.19
C PRO A 54 -0.82 -12.35 0.02
N TYR A 55 -1.67 -12.83 -0.91
CA TYR A 55 -1.78 -14.24 -1.14
C TYR A 55 -2.40 -14.45 -2.49
N TYR A 56 -2.28 -15.70 -3.01
CA TYR A 56 -2.84 -16.03 -4.30
C TYR A 56 -4.00 -16.95 -4.06
N THR A 57 -4.98 -16.93 -4.99
CA THR A 57 -6.14 -17.78 -4.85
C THR A 57 -6.23 -18.61 -6.09
N GLU A 58 -7.10 -19.64 -6.06
CA GLU A 58 -7.28 -20.51 -7.21
C GLU A 58 -7.84 -19.71 -8.35
N ASP A 59 -8.73 -18.74 -8.04
CA ASP A 59 -9.34 -17.94 -9.08
C ASP A 59 -8.29 -17.07 -9.73
N GLY A 60 -7.21 -16.74 -9.01
CA GLY A 60 -6.18 -15.91 -9.60
C GLY A 60 -5.53 -15.13 -8.50
N PRO A 61 -4.78 -14.14 -8.91
CA PRO A 61 -4.07 -13.27 -7.97
C PRO A 61 -5.00 -12.37 -7.22
N PHE A 62 -4.76 -12.21 -5.91
CA PHE A 62 -5.59 -11.35 -5.11
C PHE A 62 -4.84 -10.06 -5.03
N GLU A 63 -5.41 -8.99 -5.63
CA GLU A 63 -4.73 -7.72 -5.65
C GLU A 63 -5.42 -6.77 -4.73
N LYS A 64 -4.62 -6.08 -3.89
CA LYS A 64 -5.14 -5.11 -2.98
C LYS A 64 -4.56 -3.79 -3.40
N LYS A 65 -5.35 -2.70 -3.26
CA LYS A 65 -4.88 -1.41 -3.67
C LYS A 65 -4.57 -0.62 -2.43
N TYR A 66 -3.43 0.08 -2.47
CA TYR A 66 -3.00 0.88 -1.35
C TYR A 66 -2.36 2.10 -1.94
N TYR A 67 -2.51 3.26 -1.28
CA TYR A 67 -1.90 4.46 -1.79
C TYR A 67 -0.73 4.75 -0.92
N THR A 68 0.45 4.99 -1.53
CA THR A 68 1.63 5.25 -0.76
C THR A 68 2.02 6.68 -1.00
N CYS A 69 2.39 7.37 0.09
CA CYS A 69 2.76 8.76 -0.03
C CYS A 69 4.25 8.83 -0.15
N GLY A 70 4.75 9.99 -0.62
CA GLY A 70 6.17 10.20 -0.73
C GLY A 70 6.57 10.06 -2.17
N ASP A 71 5.76 9.32 -2.96
CA ASP A 71 6.07 9.13 -4.36
C ASP A 71 7.47 8.58 -4.48
N PRO A 72 7.64 7.32 -4.12
CA PRO A 72 8.95 6.68 -4.16
C PRO A 72 9.41 6.34 -5.56
N SER A 73 9.36 7.32 -6.47
CA SER A 73 9.80 7.11 -7.82
C SER A 73 11.27 7.38 -7.90
N GLU A 74 11.79 8.21 -6.97
CA GLU A 74 13.20 8.54 -6.98
C GLU A 74 13.90 7.71 -5.94
N LEU A 75 13.16 6.79 -5.29
CA LEU A 75 13.73 5.95 -4.29
C LEU A 75 14.53 4.88 -4.97
N ASP A 76 15.48 4.25 -4.22
CA ASP A 76 16.30 3.21 -4.80
C ASP A 76 15.42 2.02 -5.06
N GLU A 77 15.77 1.22 -6.09
CA GLU A 77 14.99 0.06 -6.44
C GLU A 77 15.48 -1.10 -5.64
N CYS A 78 14.56 -1.90 -5.06
CA CYS A 78 14.96 -3.05 -4.27
C CYS A 78 15.25 -4.21 -5.17
N TYR A 79 16.01 -5.18 -4.64
CA TYR A 79 16.35 -6.38 -5.38
C TYR A 79 15.13 -7.27 -5.35
N ASP A 80 15.10 -8.30 -6.22
CA ASP A 80 13.97 -9.20 -6.28
C ASP A 80 13.79 -9.89 -4.95
N ILE A 81 14.89 -10.28 -4.29
CA ILE A 81 14.77 -10.95 -3.02
C ILE A 81 15.30 -10.03 -1.95
N ASP A 82 14.42 -9.17 -1.42
CA ASP A 82 14.83 -8.26 -0.39
C ASP A 82 13.57 -7.63 0.14
N LYS A 83 13.63 -7.05 1.35
CA LYS A 83 12.46 -6.43 1.92
C LYS A 83 12.18 -5.19 1.12
N ALA A 84 10.91 -5.04 0.68
CA ALA A 84 10.56 -3.90 -0.10
C ALA A 84 9.41 -3.19 0.57
N LEU A 85 8.78 -3.83 1.58
CA LEU A 85 7.66 -3.19 2.23
C LEU A 85 7.61 -3.71 3.64
N GLU A 86 7.36 -2.79 4.60
CA GLU A 86 7.27 -3.16 5.97
C GLU A 86 5.87 -2.84 6.40
N VAL A 87 5.16 -3.86 6.93
CA VAL A 87 3.79 -3.66 7.34
C VAL A 87 3.62 -4.27 8.71
N ASN A 88 2.54 -3.85 9.42
CA ASN A 88 2.28 -4.39 10.74
C ASN A 88 1.71 -5.77 10.62
N GLU A 89 0.84 -6.00 9.60
CA GLU A 89 0.25 -7.30 9.43
C GLU A 89 0.05 -7.51 7.97
N SER A 90 0.38 -8.70 7.47
CA SER A 90 0.25 -8.99 6.06
C SER A 90 -1.21 -9.13 5.67
N ASP A 91 -2.04 -9.76 6.52
CA ASP A 91 -3.42 -9.97 6.19
C ASP A 91 -4.16 -8.65 6.06
N ASP A 92 -3.89 -7.68 6.95
CA ASP A 92 -4.59 -6.43 6.87
C ASP A 92 -3.71 -5.37 7.49
N PRO A 93 -2.82 -4.82 6.70
CA PRO A 93 -1.93 -3.79 7.19
C PRO A 93 -2.58 -2.45 7.27
N ASN A 94 -2.40 -1.78 8.44
CA ASN A 94 -2.97 -0.47 8.62
C ASN A 94 -1.82 0.50 8.60
N SER A 95 -0.61 -0.02 8.87
CA SER A 95 0.57 0.81 8.85
C SER A 95 1.48 0.20 7.82
N VAL A 96 1.76 0.95 6.75
CA VAL A 96 2.62 0.47 5.71
C VAL A 96 3.68 1.50 5.50
N GLU A 97 4.97 1.08 5.49
CA GLU A 97 6.05 2.01 5.30
C GLU A 97 6.79 1.61 4.06
N VAL A 98 7.00 2.58 3.15
CA VAL A 98 7.72 2.32 1.93
C VAL A 98 9.18 2.46 2.25
N LEU A 99 9.97 1.40 1.96
CA LEU A 99 11.38 1.43 2.23
C LEU A 99 12.10 1.71 0.95
N CYS A 100 11.53 1.29 -0.20
CA CYS A 100 12.22 1.49 -1.45
C CYS A 100 11.23 1.55 -2.58
N HIS A 101 11.76 1.86 -3.78
CA HIS A 101 10.95 1.99 -4.97
C HIS A 101 10.60 0.64 -5.49
N CYS A 102 9.30 0.42 -5.75
CA CYS A 102 8.83 -0.82 -6.31
C CYS A 102 8.13 -0.43 -7.57
N PRO A 103 8.57 -0.93 -8.70
CA PRO A 103 7.95 -0.64 -9.99
C PRO A 103 6.50 -1.04 -10.05
N SER A 104 5.71 -0.28 -10.84
CA SER A 104 4.29 -0.55 -10.99
C SER A 104 4.09 -1.93 -11.56
N ASP A 105 4.99 -2.36 -12.46
CA ASP A 105 4.86 -3.66 -13.10
C ASP A 105 5.15 -4.74 -12.09
N LYS A 106 5.69 -4.38 -10.91
CA LYS A 106 6.00 -5.38 -9.91
C LYS A 106 4.99 -5.27 -8.80
N ILE A 107 4.86 -6.34 -8.02
CA ILE A 107 3.91 -6.35 -6.93
C ILE A 107 4.65 -6.69 -5.67
N TYR A 108 3.98 -6.47 -4.52
CA TYR A 108 4.57 -6.80 -3.26
C TYR A 108 4.05 -8.16 -2.94
N LEU A 109 4.96 -9.15 -2.81
CA LEU A 109 4.53 -10.50 -2.53
C LEU A 109 5.01 -10.85 -1.15
N TRP A 110 4.08 -11.37 -0.32
CA TRP A 110 4.43 -11.75 1.03
C TRP A 110 5.08 -13.11 0.94
N ILE A 111 6.18 -13.30 1.70
CA ILE A 111 6.87 -14.57 1.67
C ILE A 111 6.94 -15.09 3.08
N HIS A 112 7.42 -16.36 3.22
CA HIS A 112 7.49 -17.02 4.51
C HIS A 112 8.48 -16.33 5.42
N ARG A 113 9.34 -15.44 4.88
CA ARG A 113 10.29 -14.75 5.71
C ARG A 113 9.56 -13.92 6.71
N GLY A 114 8.40 -13.33 6.31
CA GLY A 114 7.64 -12.52 7.23
C GLY A 114 7.62 -11.11 6.75
N TYR A 115 8.08 -10.86 5.51
CA TYR A 115 8.08 -9.53 4.98
C TYR A 115 7.78 -9.61 3.51
N TYR A 116 7.42 -8.45 2.92
CA TYR A 116 7.06 -8.41 1.52
C TYR A 116 8.29 -8.14 0.70
N ILE A 117 8.33 -8.77 -0.50
CA ILE A 117 9.44 -8.60 -1.40
C ILE A 117 8.89 -8.05 -2.68
N CYS A 118 9.75 -7.35 -3.46
CA CYS A 118 9.32 -6.78 -4.71
C CYS A 118 9.57 -7.82 -5.76
N ILE A 119 8.50 -8.35 -6.38
CA ILE A 119 8.69 -9.38 -7.37
C ILE A 119 7.68 -9.17 -8.47
N THR A 120 8.03 -9.64 -9.69
CA THR A 120 7.14 -9.52 -10.83
C THR A 120 6.05 -10.52 -10.59
N PRO A 121 4.81 -10.11 -10.74
CA PRO A 121 3.67 -11.00 -10.50
C PRO A 121 3.56 -12.12 -11.50
N PRO A 122 3.60 -13.35 -11.04
CA PRO A 122 3.46 -14.50 -11.93
C PRO A 122 2.03 -14.76 -12.28
N GLN A 123 1.78 -15.25 -13.51
CA GLN A 123 0.43 -15.54 -13.93
C GLN A 123 0.09 -16.92 -13.39
N PRO A 124 -1.09 -17.05 -12.82
CA PRO A 124 -1.53 -18.34 -12.28
C PRO A 124 -1.58 -19.42 -13.32
N LYS A 1 -22.74 18.38 -3.96
CA LYS A 1 -23.64 17.21 -3.72
C LYS A 1 -22.89 16.10 -3.05
N SER A 2 -21.77 15.67 -3.66
CA SER A 2 -20.98 14.61 -3.09
C SER A 2 -19.56 15.06 -3.08
N HIS A 3 -18.77 14.58 -2.09
CA HIS A 3 -17.38 14.96 -2.01
C HIS A 3 -16.63 14.10 -2.98
N THR A 4 -15.60 14.69 -3.64
CA THR A 4 -14.82 13.94 -4.60
C THR A 4 -13.66 13.31 -3.88
N THR A 5 -13.49 13.63 -2.58
CA THR A 5 -12.40 13.07 -1.82
C THR A 5 -12.97 12.53 -0.54
N CYS A 6 -12.24 11.60 0.11
CA CYS A 6 -12.72 11.03 1.35
C CYS A 6 -12.43 12.03 2.43
N PRO A 7 -13.26 12.04 3.45
CA PRO A 7 -13.10 12.96 4.57
C PRO A 7 -11.92 12.64 5.43
N THR A 8 -11.40 13.66 6.14
CA THR A 8 -10.25 13.45 6.99
C THR A 8 -10.76 12.95 8.32
N SER A 9 -10.28 11.77 8.74
CA SER A 9 -10.71 11.21 10.01
C SER A 9 -9.91 11.85 11.09
N THR A 10 -10.57 12.15 12.23
CA THR A 10 -9.89 12.77 13.34
C THR A 10 -9.52 11.70 14.34
N GLU A 11 -9.80 10.42 13.99
CA GLU A 11 -9.49 9.33 14.88
C GLU A 11 -8.12 8.82 14.54
N ILE A 12 -7.46 9.45 13.55
CA ILE A 12 -6.14 9.02 13.16
C ILE A 12 -5.24 10.22 13.25
N ASP A 13 -3.91 9.95 13.37
CA ASP A 13 -2.95 11.01 13.49
C ASP A 13 -2.11 11.00 12.24
N SER A 14 -1.36 12.10 12.02
CA SER A 14 -0.50 12.18 10.86
C SER A 14 0.66 11.26 11.09
N CYS A 15 1.22 10.70 9.99
CA CYS A 15 2.35 9.82 10.11
C CYS A 15 3.58 10.65 10.01
N SER A 16 4.66 10.24 10.72
CA SER A 16 5.91 10.98 10.70
C SER A 16 6.45 10.94 9.30
N ASN A 17 6.35 9.77 8.65
CA ASN A 17 6.84 9.62 7.31
C ASN A 17 5.63 9.63 6.40
N ASP A 18 5.71 10.41 5.31
CA ASP A 18 4.61 10.53 4.39
C ASP A 18 4.67 9.39 3.40
N ASN A 19 5.70 8.53 3.48
CA ASN A 19 5.82 7.44 2.53
C ASN A 19 5.08 6.23 3.05
N ASN A 20 4.12 6.44 3.96
CA ASN A 20 3.37 5.33 4.48
C ASN A 20 2.14 5.16 3.63
N ALA A 21 1.66 3.90 3.51
CA ALA A 21 0.48 3.63 2.72
C ALA A 21 -0.71 4.05 3.51
N CYS A 22 -1.79 4.43 2.80
CA CYS A 22 -2.99 4.86 3.47
C CYS A 22 -4.15 4.51 2.61
N GLY A 23 -5.07 3.69 3.15
CA GLY A 23 -6.25 3.33 2.42
C GLY A 23 -6.16 1.89 2.04
N LYS A 24 -7.31 1.20 2.15
CA LYS A 24 -7.38 -0.18 1.81
C LYS A 24 -8.80 -0.45 1.44
N ASP A 25 -9.03 -1.48 0.59
CA ASP A 25 -10.37 -1.80 0.16
C ASP A 25 -10.89 -2.90 1.03
N VAL A 26 -11.87 -2.59 1.90
CA VAL A 26 -12.43 -3.61 2.76
C VAL A 26 -13.88 -3.79 2.40
N SER A 27 -14.72 -2.78 2.73
CA SER A 27 -16.13 -2.86 2.44
C SER A 27 -16.43 -2.04 1.23
N GLY A 28 -15.39 -1.50 0.57
CA GLY A 28 -15.59 -0.67 -0.60
C GLY A 28 -15.47 0.75 -0.17
N SER A 29 -15.59 0.99 1.16
CA SER A 29 -15.47 2.33 1.68
C SER A 29 -14.00 2.58 1.87
N CYS A 30 -13.58 3.85 1.75
CA CYS A 30 -12.18 4.16 1.91
C CYS A 30 -11.89 4.23 3.38
N SER A 31 -11.02 3.32 3.85
CA SER A 31 -10.65 3.31 5.24
C SER A 31 -9.44 4.18 5.38
N SER A 32 -9.39 4.99 6.46
CA SER A 32 -8.25 5.86 6.67
C SER A 32 -7.37 5.15 7.66
N LEU A 33 -6.09 4.95 7.29
CA LEU A 33 -5.19 4.24 8.17
C LEU A 33 -4.29 5.22 8.85
N CYS A 34 -3.93 6.32 8.15
CA CYS A 34 -3.04 7.29 8.75
C CYS A 34 -3.17 8.55 7.96
N ASN A 35 -3.03 9.70 8.63
CA ASN A 35 -3.15 10.96 7.95
C ASN A 35 -1.84 11.21 7.24
N CYS A 36 -1.93 11.65 5.96
CA CYS A 36 -0.74 11.89 5.19
C CYS A 36 -0.46 13.36 5.23
N GLY A 37 0.79 13.73 5.60
CA GLY A 37 1.14 15.12 5.66
C GLY A 37 0.46 15.75 6.84
N ASN A 38 -0.27 16.85 6.60
CA ASN A 38 -0.95 17.55 7.67
C ASN A 38 -2.35 17.02 7.79
N GLY A 39 -2.71 16.01 6.96
CA GLY A 39 -4.05 15.47 7.01
C GLY A 39 -4.63 15.54 5.63
N GLN A 40 -3.86 15.03 4.65
CA GLN A 40 -4.33 15.03 3.29
C GLN A 40 -5.21 13.84 3.11
N THR A 41 -6.15 13.92 2.15
CA THR A 41 -7.05 12.83 1.90
C THR A 41 -6.26 11.73 1.26
N CYS A 42 -6.65 10.47 1.55
CA CYS A 42 -5.94 9.34 1.00
C CYS A 42 -6.63 8.90 -0.25
N PHE A 43 -7.73 9.59 -0.62
CA PHE A 43 -8.47 9.26 -1.82
C PHE A 43 -7.64 9.64 -3.03
N THR A 44 -6.90 10.76 -2.94
CA THR A 44 -6.12 11.24 -4.06
C THR A 44 -4.92 10.34 -4.26
N ASP A 45 -4.76 9.31 -3.41
CA ASP A 45 -3.64 8.40 -3.54
C ASP A 45 -4.07 7.27 -4.44
N SER A 46 -5.24 7.42 -5.09
CA SER A 46 -5.75 6.39 -5.99
C SER A 46 -4.78 6.19 -7.12
N ASN A 47 -4.16 7.28 -7.61
CA ASN A 47 -3.24 7.18 -8.73
C ASN A 47 -1.96 6.52 -8.27
N HIS A 48 -1.78 6.34 -6.93
CA HIS A 48 -0.58 5.75 -6.42
C HIS A 48 -0.92 4.39 -5.87
N THR A 49 -2.02 3.78 -6.37
CA THR A 49 -2.42 2.48 -5.90
C THR A 49 -1.36 1.47 -6.26
N ILE A 50 -1.23 0.42 -5.42
CA ILE A 50 -0.26 -0.62 -5.64
C ILE A 50 -0.97 -1.93 -5.56
N THR A 51 -0.32 -3.00 -6.04
CA THR A 51 -0.92 -4.32 -5.99
C THR A 51 -0.10 -5.13 -5.04
N LEU A 52 -0.76 -5.69 -4.02
CA LEU A 52 -0.08 -6.48 -3.02
C LEU A 52 -0.69 -7.85 -3.05
N VAL A 53 0.15 -8.90 -3.11
CA VAL A 53 -0.37 -10.26 -3.14
C VAL A 53 0.07 -10.94 -1.86
N PRO A 54 -0.82 -10.98 -0.89
CA PRO A 54 -0.53 -11.61 0.38
C PRO A 54 -0.59 -13.11 0.32
N TYR A 55 -1.40 -13.65 -0.60
CA TYR A 55 -1.53 -15.08 -0.70
C TYR A 55 -2.06 -15.41 -2.07
N TYR A 56 -1.92 -16.70 -2.47
CA TYR A 56 -2.38 -17.14 -3.76
C TYR A 56 -3.55 -18.04 -3.53
N THR A 57 -4.48 -18.08 -4.50
CA THR A 57 -5.65 -18.92 -4.39
C THR A 57 -5.60 -19.89 -5.54
N GLU A 58 -6.49 -20.89 -5.52
CA GLU A 58 -6.53 -21.88 -6.57
C GLU A 58 -6.91 -21.20 -7.86
N ASP A 59 -7.81 -20.20 -7.79
CA ASP A 59 -8.25 -19.52 -8.98
C ASP A 59 -7.11 -18.71 -9.56
N GLY A 60 -6.14 -18.30 -8.71
CA GLY A 60 -5.03 -17.52 -9.22
C GLY A 60 -4.56 -16.63 -8.13
N PRO A 61 -3.76 -15.66 -8.52
CA PRO A 61 -3.22 -14.69 -7.58
C PRO A 61 -4.27 -13.79 -7.00
N PHE A 62 -4.15 -13.47 -5.70
CA PHE A 62 -5.10 -12.61 -5.06
C PHE A 62 -4.49 -11.25 -5.07
N GLU A 63 -5.11 -10.30 -5.80
CA GLU A 63 -4.58 -8.97 -5.88
C GLU A 63 -5.31 -8.11 -4.89
N LYS A 64 -4.55 -7.50 -3.96
CA LYS A 64 -5.16 -6.64 -2.98
C LYS A 64 -4.68 -5.25 -3.31
N LYS A 65 -5.62 -4.29 -3.37
CA LYS A 65 -5.26 -2.93 -3.72
C LYS A 65 -5.01 -2.16 -2.47
N TYR A 66 -3.95 -1.33 -2.52
CA TYR A 66 -3.58 -0.49 -1.43
C TYR A 66 -3.17 0.80 -2.05
N TYR A 67 -3.30 1.91 -1.30
CA TYR A 67 -2.95 3.20 -1.84
C TYR A 67 -1.77 3.68 -1.07
N THR A 68 -0.82 4.36 -1.73
CA THR A 68 0.35 4.83 -1.05
C THR A 68 0.39 6.32 -1.13
N CYS A 69 1.12 6.95 -0.17
CA CYS A 69 1.21 8.39 -0.14
C CYS A 69 2.66 8.73 -0.19
N GLY A 70 2.98 9.96 -0.67
CA GLY A 70 4.34 10.41 -0.73
C GLY A 70 4.84 10.27 -2.14
N ASP A 71 4.18 9.39 -2.94
CA ASP A 71 4.56 9.20 -4.32
C ASP A 71 6.03 8.81 -4.39
N PRO A 72 6.32 7.56 -4.08
CA PRO A 72 7.70 7.07 -4.13
C PRO A 72 8.22 6.88 -5.53
N SER A 73 8.04 7.90 -6.39
CA SER A 73 8.52 7.82 -7.75
C SER A 73 9.95 8.29 -7.79
N GLU A 74 10.34 9.14 -6.81
CA GLU A 74 11.69 9.65 -6.77
C GLU A 74 12.49 8.81 -5.83
N LEU A 75 11.86 7.76 -5.27
CA LEU A 75 12.55 6.89 -4.35
C LEU A 75 13.42 5.97 -5.14
N ASP A 76 14.47 5.42 -4.48
CA ASP A 76 15.39 4.52 -5.15
C ASP A 76 14.64 3.26 -5.48
N GLU A 77 15.03 2.63 -6.61
CA GLU A 77 14.36 1.41 -7.03
C GLU A 77 14.70 0.32 -6.06
N CYS A 78 13.70 -0.52 -5.72
CA CYS A 78 13.91 -1.61 -4.78
C CYS A 78 14.79 -2.63 -5.43
N TYR A 79 15.63 -3.30 -4.61
CA TYR A 79 16.51 -4.31 -5.12
C TYR A 79 15.68 -5.56 -5.31
N ASP A 80 16.20 -6.53 -6.08
CA ASP A 80 15.47 -7.75 -6.33
C ASP A 80 15.22 -8.47 -5.03
N ILE A 81 16.22 -8.49 -4.13
CA ILE A 81 16.04 -9.16 -2.87
C ILE A 81 16.36 -8.19 -1.76
N ASP A 82 15.31 -7.55 -1.23
CA ASP A 82 15.51 -6.61 -0.17
C ASP A 82 14.14 -6.28 0.36
N LYS A 83 14.07 -5.58 1.52
CA LYS A 83 12.79 -5.25 2.10
C LYS A 83 12.14 -4.26 1.18
N ALA A 84 11.10 -4.72 0.47
CA ALA A 84 10.43 -3.85 -0.45
C ALA A 84 9.24 -3.25 0.24
N LEU A 85 8.70 -3.95 1.27
CA LEU A 85 7.56 -3.40 1.94
C LEU A 85 7.56 -3.92 3.35
N GLU A 86 7.30 -3.01 4.31
CA GLU A 86 7.27 -3.39 5.70
C GLU A 86 5.88 -3.12 6.17
N VAL A 87 5.18 -4.17 6.68
CA VAL A 87 3.83 -4.00 7.14
C VAL A 87 3.73 -4.62 8.49
N ASN A 88 2.77 -4.12 9.32
CA ASN A 88 2.61 -4.65 10.66
C ASN A 88 1.70 -5.86 10.62
N GLU A 89 1.02 -6.14 9.48
CA GLU A 89 0.14 -7.27 9.42
C GLU A 89 0.11 -7.75 8.00
N SER A 90 0.10 -9.08 7.82
CA SER A 90 0.09 -9.66 6.50
C SER A 90 -1.26 -9.46 5.84
N ASP A 91 -2.36 -9.69 6.59
CA ASP A 91 -3.68 -9.63 6.00
C ASP A 91 -4.12 -8.19 5.80
N ASP A 92 -4.41 -7.44 6.87
CA ASP A 92 -4.91 -6.09 6.71
C ASP A 92 -4.08 -5.14 7.54
N PRO A 93 -2.91 -4.81 7.07
CA PRO A 93 -2.04 -3.89 7.79
C PRO A 93 -2.55 -2.48 7.76
N ASN A 94 -2.41 -1.77 8.90
CA ASN A 94 -2.84 -0.40 8.97
C ASN A 94 -1.60 0.45 9.00
N SER A 95 -0.42 -0.22 9.04
CA SER A 95 0.82 0.51 9.05
C SER A 95 1.68 -0.12 8.00
N VAL A 96 1.82 0.58 6.86
CA VAL A 96 2.64 0.09 5.77
C VAL A 96 3.58 1.19 5.43
N GLU A 97 4.90 0.89 5.44
CA GLU A 97 5.87 1.92 5.14
C GLU A 97 6.59 1.55 3.88
N VAL A 98 6.67 2.52 2.93
CA VAL A 98 7.36 2.29 1.69
C VAL A 98 8.83 2.49 1.96
N LEU A 99 9.64 1.44 1.68
CA LEU A 99 11.06 1.53 1.92
C LEU A 99 11.73 1.96 0.65
N CYS A 100 11.13 1.62 -0.51
CA CYS A 100 11.76 1.98 -1.77
C CYS A 100 10.72 1.96 -2.85
N HIS A 101 11.11 2.42 -4.06
CA HIS A 101 10.21 2.50 -5.18
C HIS A 101 10.03 1.15 -5.82
N CYS A 102 8.74 0.76 -5.99
CA CYS A 102 8.41 -0.47 -6.66
C CYS A 102 7.54 -0.08 -7.81
N PRO A 103 7.78 -0.66 -8.95
CA PRO A 103 6.99 -0.36 -10.14
C PRO A 103 5.64 -1.01 -10.11
N SER A 104 4.69 -0.45 -10.89
CA SER A 104 3.34 -0.98 -10.92
C SER A 104 3.32 -2.27 -11.70
N ASP A 105 4.44 -2.61 -12.36
CA ASP A 105 4.50 -3.82 -13.15
C ASP A 105 4.93 -4.96 -12.25
N LYS A 106 5.17 -4.68 -10.94
CA LYS A 106 5.59 -5.72 -10.04
C LYS A 106 4.63 -5.74 -8.89
N ILE A 107 4.61 -6.88 -8.17
CA ILE A 107 3.71 -7.03 -7.05
C ILE A 107 4.54 -7.30 -5.83
N TYR A 108 3.92 -7.13 -4.65
CA TYR A 108 4.60 -7.41 -3.41
C TYR A 108 4.26 -8.84 -3.10
N LEU A 109 5.30 -9.70 -3.01
CA LEU A 109 5.08 -11.10 -2.76
C LEU A 109 5.42 -11.40 -1.33
N TRP A 110 4.50 -12.11 -0.65
CA TRP A 110 4.71 -12.50 0.74
C TRP A 110 5.62 -13.70 0.76
N ILE A 111 6.79 -13.55 1.43
CA ILE A 111 7.72 -14.65 1.53
C ILE A 111 8.23 -14.70 2.94
N HIS A 112 8.85 -15.85 3.31
CA HIS A 112 9.41 -16.02 4.63
C HIS A 112 8.30 -15.96 5.65
N ARG A 113 8.62 -15.49 6.88
CA ARG A 113 7.63 -15.42 7.93
C ARG A 113 7.01 -14.05 7.90
N GLY A 114 7.57 -13.13 7.10
CA GLY A 114 7.02 -11.81 7.04
C GLY A 114 8.00 -10.91 6.36
N TYR A 115 8.13 -11.07 5.03
CA TYR A 115 9.05 -10.27 4.29
C TYR A 115 8.44 -10.08 2.94
N TYR A 116 8.25 -8.81 2.51
CA TYR A 116 7.67 -8.58 1.21
C TYR A 116 8.76 -8.12 0.28
N ILE A 117 8.75 -8.69 -0.93
CA ILE A 117 9.73 -8.34 -1.93
C ILE A 117 8.95 -7.98 -3.17
N CYS A 118 9.55 -7.15 -4.05
CA CYS A 118 8.86 -6.77 -5.26
C CYS A 118 9.39 -7.60 -6.37
N ILE A 119 8.50 -8.38 -6.99
CA ILE A 119 8.89 -9.26 -8.05
C ILE A 119 7.77 -9.24 -9.06
N THR A 120 8.10 -9.56 -10.34
CA THR A 120 7.10 -9.58 -11.38
C THR A 120 6.20 -10.74 -11.07
N PRO A 121 4.89 -10.51 -11.10
CA PRO A 121 3.92 -11.55 -10.77
C PRO A 121 3.88 -12.67 -11.77
N PRO A 122 4.13 -13.88 -11.34
CA PRO A 122 4.07 -15.03 -12.21
C PRO A 122 2.67 -15.53 -12.40
N GLN A 123 2.33 -15.94 -13.64
CA GLN A 123 1.01 -16.44 -13.91
C GLN A 123 1.01 -17.92 -13.59
N PRO A 124 0.16 -18.34 -12.67
CA PRO A 124 0.09 -19.75 -12.30
C PRO A 124 -0.20 -20.65 -13.47
N LYS A 1 -20.17 10.57 -2.82
CA LYS A 1 -18.92 9.89 -2.36
C LYS A 1 -17.86 9.94 -3.43
N SER A 2 -18.26 9.80 -4.71
CA SER A 2 -17.31 9.86 -5.79
C SER A 2 -17.30 11.24 -6.37
N HIS A 3 -18.28 12.08 -5.96
CA HIS A 3 -18.35 13.42 -6.49
C HIS A 3 -17.52 14.34 -5.62
N THR A 4 -16.96 13.79 -4.52
CA THR A 4 -16.16 14.62 -3.64
C THR A 4 -15.09 13.75 -3.07
N THR A 5 -14.03 14.37 -2.51
CA THR A 5 -12.95 13.62 -1.92
C THR A 5 -13.37 13.17 -0.55
N CYS A 6 -12.66 12.17 0.01
CA CYS A 6 -13.00 11.67 1.32
C CYS A 6 -12.51 12.65 2.34
N PRO A 7 -13.21 12.75 3.44
CA PRO A 7 -12.86 13.68 4.51
C PRO A 7 -11.66 13.23 5.30
N THR A 8 -11.03 14.18 6.02
CA THR A 8 -9.87 13.85 6.81
C THR A 8 -10.38 13.33 8.12
N SER A 9 -9.95 12.10 8.49
CA SER A 9 -10.39 11.51 9.74
C SER A 9 -9.56 12.09 10.85
N THR A 10 -10.20 12.38 12.00
CA THR A 10 -9.50 12.94 13.12
C THR A 10 -9.28 11.85 14.13
N GLU A 11 -9.67 10.60 13.79
CA GLU A 11 -9.50 9.50 14.70
C GLU A 11 -8.19 8.84 14.41
N ILE A 12 -7.43 9.38 13.43
CA ILE A 12 -6.16 8.79 13.08
C ILE A 12 -5.13 9.87 13.17
N ASP A 13 -3.85 9.46 13.33
CA ASP A 13 -2.78 10.43 13.45
C ASP A 13 -1.98 10.41 12.19
N SER A 14 -1.19 11.49 11.97
CA SER A 14 -0.36 11.60 10.80
C SER A 14 0.73 10.56 10.91
N CYS A 15 1.12 10.00 9.75
CA CYS A 15 2.14 8.98 9.70
C CYS A 15 3.45 9.64 10.04
N SER A 16 4.35 8.89 10.73
CA SER A 16 5.65 9.44 11.08
C SER A 16 6.42 9.71 9.82
N ASN A 17 6.35 8.78 8.85
CA ASN A 17 7.05 8.97 7.60
C ASN A 17 6.00 9.18 6.54
N ASP A 18 6.36 9.96 5.49
CA ASP A 18 5.41 10.28 4.44
C ASP A 18 5.38 9.17 3.42
N ASN A 19 6.21 8.12 3.58
CA ASN A 19 6.23 7.05 2.60
C ASN A 19 5.34 5.93 3.07
N ASN A 20 4.39 6.22 4.00
CA ASN A 20 3.53 5.18 4.49
C ASN A 20 2.26 5.17 3.68
N ALA A 21 1.63 3.98 3.59
CA ALA A 21 0.40 3.82 2.86
C ALA A 21 -0.71 4.20 3.78
N CYS A 22 -1.89 4.53 3.21
CA CYS A 22 -3.00 4.93 4.03
C CYS A 22 -4.28 4.53 3.35
N GLY A 23 -5.20 3.93 4.13
CA GLY A 23 -6.48 3.55 3.59
C GLY A 23 -6.41 2.15 3.06
N LYS A 24 -7.60 1.53 2.92
CA LYS A 24 -7.67 0.19 2.41
C LYS A 24 -9.08 -0.01 1.90
N ASP A 25 -9.27 -1.02 1.02
CA ASP A 25 -10.58 -1.27 0.46
C ASP A 25 -11.26 -2.30 1.31
N VAL A 26 -12.34 -1.90 2.02
CA VAL A 26 -13.05 -2.84 2.86
C VAL A 26 -14.40 -3.12 2.24
N SER A 27 -15.36 -2.18 2.41
CA SER A 27 -16.69 -2.37 1.87
C SER A 27 -16.84 -1.55 0.62
N GLY A 28 -15.73 -0.94 0.15
CA GLY A 28 -15.79 -0.10 -1.03
C GLY A 28 -15.72 1.31 -0.56
N SER A 29 -16.00 1.53 0.75
CA SER A 29 -15.94 2.87 1.30
C SER A 29 -14.49 3.15 1.53
N CYS A 30 -14.09 4.43 1.43
CA CYS A 30 -12.69 4.75 1.63
C CYS A 30 -12.41 4.74 3.09
N SER A 31 -11.55 3.80 3.53
CA SER A 31 -11.19 3.72 4.91
C SER A 31 -9.93 4.52 5.08
N SER A 32 -9.67 5.02 6.30
CA SER A 32 -8.48 5.78 6.54
C SER A 32 -7.83 5.14 7.73
N LEU A 33 -6.51 4.87 7.64
CA LEU A 33 -5.82 4.21 8.73
C LEU A 33 -4.77 5.14 9.27
N CYS A 34 -4.19 5.97 8.39
CA CYS A 34 -3.14 6.86 8.82
C CYS A 34 -3.23 8.10 7.98
N ASN A 35 -3.02 9.27 8.62
CA ASN A 35 -3.09 10.53 7.91
C ASN A 35 -1.75 10.82 7.31
N CYS A 36 -1.72 11.62 6.22
CA CYS A 36 -0.47 11.96 5.59
C CYS A 36 -0.27 13.44 5.72
N GLY A 37 0.92 13.86 6.21
CA GLY A 37 1.19 15.28 6.36
C GLY A 37 0.34 15.82 7.47
N ASN A 38 -0.48 16.83 7.15
CA ASN A 38 -1.32 17.46 8.15
C ASN A 38 -2.68 16.81 8.09
N GLY A 39 -2.84 15.79 7.22
CA GLY A 39 -4.12 15.13 7.08
C GLY A 39 -4.55 15.30 5.67
N GLN A 40 -3.65 14.92 4.74
CA GLN A 40 -3.92 15.04 3.33
C GLN A 40 -4.85 13.91 2.96
N THR A 41 -5.86 14.21 2.12
CA THR A 41 -6.83 13.22 1.70
C THR A 41 -6.13 12.15 0.89
N CYS A 42 -6.32 10.87 1.30
CA CYS A 42 -5.67 9.78 0.61
C CYS A 42 -6.47 9.39 -0.61
N PHE A 43 -7.71 9.92 -0.73
CA PHE A 43 -8.55 9.60 -1.87
C PHE A 43 -7.95 10.15 -3.14
N THR A 44 -7.34 11.36 -3.06
CA THR A 44 -6.77 11.97 -4.24
C THR A 44 -5.52 11.24 -4.64
N ASP A 45 -5.03 10.31 -3.79
CA ASP A 45 -3.83 9.58 -4.11
C ASP A 45 -4.24 8.26 -4.73
N SER A 46 -5.41 8.25 -5.41
CA SER A 46 -5.91 7.06 -6.04
C SER A 46 -4.93 6.59 -7.09
N ASN A 47 -4.30 7.54 -7.81
CA ASN A 47 -3.38 7.19 -8.87
C ASN A 47 -2.11 6.63 -8.27
N HIS A 48 -1.93 6.71 -6.94
CA HIS A 48 -0.72 6.19 -6.33
C HIS A 48 -1.07 4.89 -5.64
N THR A 49 -2.15 4.21 -6.10
CA THR A 49 -2.53 2.96 -5.50
C THR A 49 -1.47 1.93 -5.84
N ILE A 50 -1.31 0.94 -4.93
CA ILE A 50 -0.32 -0.10 -5.14
C ILE A 50 -1.04 -1.41 -5.04
N THR A 51 -0.38 -2.50 -5.51
CA THR A 51 -0.99 -3.80 -5.47
C THR A 51 -0.19 -4.63 -4.51
N LEU A 52 -0.89 -5.25 -3.54
CA LEU A 52 -0.22 -6.06 -2.55
C LEU A 52 -0.79 -7.46 -2.66
N VAL A 53 0.11 -8.46 -2.75
CA VAL A 53 -0.34 -9.84 -2.85
C VAL A 53 0.20 -10.59 -1.65
N PRO A 54 -0.62 -10.75 -0.65
CA PRO A 54 -0.23 -11.46 0.55
C PRO A 54 -0.15 -12.95 0.38
N TYR A 55 -0.97 -13.49 -0.54
CA TYR A 55 -0.97 -14.92 -0.76
C TYR A 55 -1.60 -15.18 -2.10
N TYR A 56 -1.39 -16.42 -2.61
CA TYR A 56 -1.95 -16.80 -3.89
C TYR A 56 -3.04 -17.79 -3.62
N THR A 57 -4.02 -17.88 -4.55
CA THR A 57 -5.10 -18.81 -4.38
C THR A 57 -5.16 -19.67 -5.62
N GLU A 58 -5.98 -20.73 -5.58
CA GLU A 58 -6.12 -21.62 -6.71
C GLU A 58 -6.70 -20.87 -7.87
N ASP A 59 -7.64 -19.94 -7.58
CA ASP A 59 -8.28 -19.18 -8.63
C ASP A 59 -7.27 -18.25 -9.27
N GLY A 60 -6.21 -17.86 -8.54
CA GLY A 60 -5.22 -16.99 -9.12
C GLY A 60 -4.67 -16.14 -8.02
N PRO A 61 -3.99 -15.09 -8.43
CA PRO A 61 -3.39 -14.16 -7.48
C PRO A 61 -4.42 -13.37 -6.72
N PHE A 62 -4.19 -13.21 -5.40
CA PHE A 62 -5.10 -12.45 -4.58
C PHE A 62 -4.46 -11.11 -4.46
N GLU A 63 -5.12 -10.06 -5.00
CA GLU A 63 -4.54 -8.75 -4.98
C GLU A 63 -5.38 -7.84 -4.15
N LYS A 64 -4.71 -7.02 -3.31
CA LYS A 64 -5.39 -6.05 -2.50
C LYS A 64 -4.92 -4.72 -2.95
N LYS A 65 -5.85 -3.75 -3.04
CA LYS A 65 -5.49 -2.43 -3.47
C LYS A 65 -5.28 -1.60 -2.24
N TYR A 66 -4.16 -0.86 -2.22
CA TYR A 66 -3.86 -0.02 -1.10
C TYR A 66 -3.47 1.31 -1.68
N TYR A 67 -3.72 2.38 -0.93
CA TYR A 67 -3.41 3.70 -1.42
C TYR A 67 -2.21 4.17 -0.66
N THR A 68 -1.31 4.90 -1.35
CA THR A 68 -0.11 5.36 -0.69
C THR A 68 -0.03 6.83 -0.91
N CYS A 69 0.82 7.51 -0.10
CA CYS A 69 0.97 8.93 -0.24
C CYS A 69 2.44 9.20 -0.20
N GLY A 70 2.84 10.38 -0.71
CA GLY A 70 4.24 10.73 -0.72
C GLY A 70 4.77 10.50 -2.10
N ASP A 71 4.20 9.48 -2.80
CA ASP A 71 4.61 9.16 -4.16
C ASP A 71 6.08 8.79 -4.17
N PRO A 72 6.37 7.52 -3.92
CA PRO A 72 7.75 7.03 -3.94
C PRO A 72 8.35 6.95 -5.31
N SER A 73 8.22 8.05 -6.09
CA SER A 73 8.76 8.08 -7.43
C SER A 73 10.20 8.52 -7.35
N GLU A 74 10.56 9.24 -6.26
CA GLU A 74 11.90 9.72 -6.11
C GLU A 74 12.68 8.69 -5.33
N LEU A 75 12.01 7.58 -4.97
CA LEU A 75 12.66 6.54 -4.23
C LEU A 75 13.44 5.70 -5.19
N ASP A 76 14.47 5.00 -4.67
CA ASP A 76 15.30 4.18 -5.51
C ASP A 76 14.50 3.00 -5.97
N GLU A 77 14.80 2.51 -7.19
CA GLU A 77 14.10 1.37 -7.76
C GLU A 77 14.36 0.20 -6.85
N CYS A 78 13.29 -0.56 -6.56
CA CYS A 78 13.43 -1.69 -5.67
C CYS A 78 14.08 -2.83 -6.41
N TYR A 79 14.73 -3.73 -5.63
CA TYR A 79 15.39 -4.87 -6.22
C TYR A 79 14.46 -6.04 -6.05
N ASP A 80 14.75 -7.13 -6.81
CA ASP A 80 13.92 -8.32 -6.77
C ASP A 80 13.94 -8.91 -5.38
N ILE A 81 15.12 -8.87 -4.71
CA ILE A 81 15.22 -9.45 -3.38
C ILE A 81 15.49 -8.34 -2.40
N ASP A 82 15.43 -8.68 -1.09
CA ASP A 82 15.65 -7.73 -0.02
C ASP A 82 14.29 -7.26 0.43
N LYS A 83 14.22 -6.61 1.60
CA LYS A 83 12.96 -6.13 2.10
C LYS A 83 12.51 -5.01 1.23
N ALA A 84 11.23 -5.08 0.78
CA ALA A 84 10.70 -4.06 -0.08
C ALA A 84 9.54 -3.40 0.60
N LEU A 85 8.95 -4.04 1.63
CA LEU A 85 7.81 -3.44 2.27
C LEU A 85 7.74 -3.93 3.68
N GLU A 86 7.50 -2.99 4.61
CA GLU A 86 7.36 -3.32 6.01
C GLU A 86 5.94 -3.05 6.35
N VAL A 87 5.22 -4.05 6.89
CA VAL A 87 3.83 -3.84 7.22
C VAL A 87 3.60 -4.30 8.62
N ASN A 88 2.52 -3.78 9.25
CA ASN A 88 2.18 -4.15 10.60
C ASN A 88 1.75 -5.60 10.63
N GLU A 89 0.95 -6.02 9.63
CA GLU A 89 0.49 -7.39 9.58
C GLU A 89 0.41 -7.78 8.14
N SER A 90 0.76 -9.03 7.84
CA SER A 90 0.75 -9.50 6.47
C SER A 90 -0.67 -9.63 5.96
N ASP A 91 -1.63 -10.02 6.82
CA ASP A 91 -2.99 -10.20 6.36
C ASP A 91 -3.70 -8.88 6.24
N ASP A 92 -3.82 -8.13 7.36
CA ASP A 92 -4.53 -6.86 7.32
C ASP A 92 -3.69 -5.82 7.99
N PRO A 93 -2.74 -5.28 7.27
CA PRO A 93 -1.88 -4.24 7.82
C PRO A 93 -2.59 -2.94 8.02
N ASN A 94 -2.25 -2.23 9.13
CA ASN A 94 -2.87 -0.97 9.41
C ASN A 94 -1.92 0.10 8.98
N SER A 95 -0.61 -0.26 8.89
CA SER A 95 0.36 0.69 8.48
C SER A 95 1.30 -0.05 7.57
N VAL A 96 1.59 0.56 6.41
CA VAL A 96 2.47 -0.03 5.44
C VAL A 96 3.50 1.01 5.15
N GLU A 97 4.80 0.65 5.25
CA GLU A 97 5.84 1.61 5.01
C GLU A 97 6.55 1.25 3.74
N VAL A 98 6.65 2.24 2.82
CA VAL A 98 7.35 2.02 1.57
C VAL A 98 8.81 2.30 1.79
N LEU A 99 9.66 1.28 1.53
CA LEU A 99 11.09 1.44 1.70
C LEU A 99 11.71 1.64 0.36
N CYS A 100 11.02 1.21 -0.71
CA CYS A 100 11.59 1.32 -2.02
C CYS A 100 10.50 1.54 -3.03
N HIS A 101 10.90 1.98 -4.24
CA HIS A 101 9.95 2.26 -5.29
C HIS A 101 9.65 1.00 -6.05
N CYS A 102 8.36 0.63 -6.09
CA CYS A 102 7.94 -0.52 -6.84
C CYS A 102 6.95 -0.01 -7.85
N PRO A 103 7.16 -0.34 -9.11
CA PRO A 103 6.27 0.08 -10.16
C PRO A 103 5.00 -0.70 -10.19
N SER A 104 4.02 -0.24 -11.00
CA SER A 104 2.74 -0.91 -11.08
C SER A 104 2.93 -2.21 -11.82
N ASP A 105 4.12 -2.45 -12.38
CA ASP A 105 4.38 -3.67 -13.10
C ASP A 105 4.89 -4.70 -12.13
N LYS A 106 5.00 -4.34 -10.83
CA LYS A 106 5.47 -5.28 -9.85
C LYS A 106 4.53 -5.26 -8.69
N ILE A 107 4.54 -6.35 -7.91
CA ILE A 107 3.66 -6.47 -6.76
C ILE A 107 4.52 -6.77 -5.59
N TYR A 108 3.92 -6.64 -4.39
CA TYR A 108 4.64 -6.96 -3.18
C TYR A 108 4.21 -8.35 -2.84
N LEU A 109 5.16 -9.29 -2.84
CA LEU A 109 4.84 -10.66 -2.58
C LEU A 109 5.38 -11.01 -1.22
N TRP A 110 4.50 -11.60 -0.37
CA TRP A 110 4.91 -11.98 0.95
C TRP A 110 5.66 -13.28 0.82
N ILE A 111 6.79 -13.41 1.56
CA ILE A 111 7.57 -14.61 1.49
C ILE A 111 7.63 -15.20 2.86
N HIS A 112 8.15 -16.45 2.96
CA HIS A 112 8.20 -17.15 4.23
C HIS A 112 9.22 -16.52 5.14
N ARG A 113 10.11 -15.64 4.61
CA ARG A 113 11.10 -15.02 5.47
C ARG A 113 10.38 -14.16 6.48
N GLY A 114 9.30 -13.48 6.08
CA GLY A 114 8.55 -12.67 7.04
C GLY A 114 8.23 -11.34 6.44
N TYR A 115 9.04 -10.86 5.48
CA TYR A 115 8.78 -9.56 4.91
C TYR A 115 8.34 -9.72 3.48
N TYR A 116 8.00 -8.58 2.84
CA TYR A 116 7.54 -8.59 1.48
C TYR A 116 8.67 -8.22 0.58
N ILE A 117 8.66 -8.80 -0.65
CA ILE A 117 9.70 -8.53 -1.62
C ILE A 117 9.03 -7.95 -2.83
N CYS A 118 9.79 -7.16 -3.62
CA CYS A 118 9.24 -6.55 -4.81
C CYS A 118 9.51 -7.50 -5.94
N ILE A 119 8.44 -8.05 -6.57
CA ILE A 119 8.67 -8.98 -7.63
C ILE A 119 7.57 -8.83 -8.65
N THR A 120 7.88 -9.14 -9.92
CA THR A 120 6.90 -9.04 -10.98
C THR A 120 5.94 -10.20 -10.76
N PRO A 121 4.66 -9.92 -10.79
CA PRO A 121 3.65 -10.95 -10.54
C PRO A 121 3.60 -12.01 -11.62
N PRO A 122 3.81 -13.26 -11.25
CA PRO A 122 3.75 -14.35 -12.21
C PRO A 122 2.33 -14.78 -12.49
N GLN A 123 2.05 -15.10 -13.76
CA GLN A 123 0.73 -15.52 -14.14
C GLN A 123 0.64 -17.01 -13.89
N PRO A 124 -0.29 -17.43 -13.06
CA PRO A 124 -0.44 -18.85 -12.76
C PRO A 124 -0.91 -19.64 -13.94
N LYS A 1 -24.25 9.88 0.70
CA LYS A 1 -24.40 8.83 -0.35
C LYS A 1 -23.08 8.57 -1.02
N SER A 2 -22.42 9.64 -1.52
CA SER A 2 -21.16 9.47 -2.19
C SER A 2 -20.45 10.79 -2.11
N HIS A 3 -19.12 10.79 -2.34
CA HIS A 3 -18.37 12.01 -2.30
C HIS A 3 -17.27 11.90 -3.30
N THR A 4 -16.91 13.05 -3.93
CA THR A 4 -15.87 13.06 -4.93
C THR A 4 -14.55 12.83 -4.26
N THR A 5 -14.33 13.47 -3.09
CA THR A 5 -13.08 13.32 -2.38
C THR A 5 -13.43 12.85 -0.99
N CYS A 6 -12.69 11.84 -0.49
CA CYS A 6 -12.96 11.32 0.83
C CYS A 6 -12.54 12.37 1.84
N PRO A 7 -13.27 12.45 2.92
CA PRO A 7 -12.97 13.41 3.98
C PRO A 7 -11.79 13.03 4.81
N THR A 8 -11.19 14.02 5.50
CA THR A 8 -10.05 13.76 6.33
C THR A 8 -10.57 13.43 7.70
N SER A 9 -10.20 12.23 8.22
CA SER A 9 -10.67 11.82 9.52
C SER A 9 -9.71 12.39 10.53
N THR A 10 -10.27 12.90 11.65
CA THR A 10 -9.45 13.47 12.69
C THR A 10 -9.24 12.40 13.75
N GLU A 11 -9.88 11.22 13.55
CA GLU A 11 -9.73 10.14 14.49
C GLU A 11 -8.32 9.62 14.38
N ILE A 12 -7.79 9.64 13.14
CA ILE A 12 -6.45 9.16 12.90
C ILE A 12 -5.54 10.34 12.96
N ASP A 13 -4.24 10.10 13.24
CA ASP A 13 -3.29 11.17 13.33
C ASP A 13 -2.36 11.07 12.16
N SER A 14 -1.50 12.10 11.98
CA SER A 14 -0.55 12.09 10.88
C SER A 14 0.54 11.12 11.22
N CYS A 15 1.22 10.58 10.17
CA CYS A 15 2.29 9.65 10.39
C CYS A 15 3.57 10.43 10.43
N SER A 16 4.56 9.92 11.20
CA SER A 16 5.84 10.60 11.30
C SER A 16 6.46 10.62 9.93
N ASN A 17 6.41 9.47 9.23
CA ASN A 17 6.96 9.38 7.91
C ASN A 17 5.81 9.43 6.95
N ASP A 18 5.95 10.25 5.89
CA ASP A 18 4.90 10.40 4.91
C ASP A 18 5.00 9.32 3.87
N ASN A 19 6.02 8.43 3.96
CA ASN A 19 6.16 7.39 2.96
C ASN A 19 5.34 6.20 3.38
N ASN A 20 4.47 6.36 4.40
CA ASN A 20 3.65 5.25 4.83
C ASN A 20 2.45 5.18 3.92
N ALA A 21 1.87 3.97 3.81
CA ALA A 21 0.71 3.77 2.98
C ALA A 21 -0.48 4.29 3.74
N CYS A 22 -1.56 4.62 3.00
CA CYS A 22 -2.73 5.14 3.64
C CYS A 22 -3.93 4.70 2.88
N GLY A 23 -4.78 3.87 3.51
CA GLY A 23 -6.00 3.44 2.89
C GLY A 23 -5.81 2.08 2.30
N LYS A 24 -6.93 1.34 2.24
CA LYS A 24 -6.93 0.01 1.72
C LYS A 24 -8.34 -0.29 1.33
N ASP A 25 -8.54 -1.27 0.43
CA ASP A 25 -9.86 -1.61 -0.02
C ASP A 25 -10.42 -2.63 0.94
N VAL A 26 -11.43 -2.22 1.74
CA VAL A 26 -12.04 -3.14 2.67
C VAL A 26 -13.42 -3.49 2.18
N SER A 27 -14.39 -2.56 2.37
CA SER A 27 -15.75 -2.81 1.94
C SER A 27 -15.99 -2.07 0.66
N GLY A 28 -14.93 -1.47 0.08
CA GLY A 28 -15.08 -0.71 -1.14
C GLY A 28 -15.07 0.73 -0.78
N SER A 29 -15.27 1.03 0.53
CA SER A 29 -15.26 2.39 1.00
C SER A 29 -13.82 2.75 1.21
N CYS A 30 -13.48 4.05 1.10
CA CYS A 30 -12.10 4.44 1.29
C CYS A 30 -11.81 4.42 2.76
N SER A 31 -10.88 3.54 3.18
CA SER A 31 -10.51 3.45 4.56
C SER A 31 -9.37 4.40 4.78
N SER A 32 -9.30 5.00 5.98
CA SER A 32 -8.23 5.90 6.30
C SER A 32 -7.47 5.26 7.42
N LEU A 33 -6.17 5.01 7.21
CA LEU A 33 -5.39 4.32 8.22
C LEU A 33 -4.47 5.31 8.91
N CYS A 34 -3.97 6.30 8.16
CA CYS A 34 -3.07 7.26 8.75
C CYS A 34 -3.14 8.51 7.94
N ASN A 35 -3.07 9.67 8.59
CA ASN A 35 -3.14 10.92 7.89
C ASN A 35 -1.81 11.18 7.25
N CYS A 36 -1.84 11.64 5.98
CA CYS A 36 -0.62 11.93 5.27
C CYS A 36 -0.41 13.40 5.35
N GLY A 37 0.81 13.83 5.72
CA GLY A 37 1.10 15.24 5.83
C GLY A 37 0.36 15.78 7.00
N ASN A 38 -0.39 16.88 6.80
CA ASN A 38 -1.12 17.50 7.88
C ASN A 38 -2.53 16.95 7.89
N GLY A 39 -2.83 15.98 7.01
CA GLY A 39 -4.17 15.43 6.95
C GLY A 39 -4.63 15.53 5.53
N GLN A 40 -3.77 15.09 4.60
CA GLN A 40 -4.11 15.15 3.20
C GLN A 40 -5.00 13.98 2.89
N THR A 41 -5.99 14.21 2.00
CA THR A 41 -6.90 13.16 1.60
C THR A 41 -6.10 12.09 0.91
N CYS A 42 -6.29 10.83 1.33
CA CYS A 42 -5.54 9.73 0.76
C CYS A 42 -6.21 9.25 -0.49
N PHE A 43 -7.46 9.69 -0.75
CA PHE A 43 -8.19 9.27 -1.92
C PHE A 43 -7.51 9.82 -3.16
N THR A 44 -6.99 11.06 -3.09
CA THR A 44 -6.37 11.67 -4.25
C THR A 44 -5.00 11.07 -4.46
N ASP A 45 -4.55 10.18 -3.54
CA ASP A 45 -3.25 9.56 -3.68
C ASP A 45 -3.45 8.22 -4.34
N SER A 46 -4.61 8.04 -5.01
CA SER A 46 -4.91 6.80 -5.68
C SER A 46 -4.04 6.67 -6.90
N ASN A 47 -3.38 7.78 -7.31
CA ASN A 47 -2.52 7.75 -8.47
C ASN A 47 -1.24 7.04 -8.08
N HIS A 48 -1.03 6.82 -6.77
CA HIS A 48 0.17 6.15 -6.31
C HIS A 48 -0.23 4.80 -5.78
N THR A 49 -1.37 4.26 -6.27
CA THR A 49 -1.84 2.97 -5.81
C THR A 49 -0.82 1.93 -6.18
N ILE A 50 -0.74 0.88 -5.33
CA ILE A 50 0.20 -0.19 -5.55
C ILE A 50 -0.57 -1.48 -5.52
N THR A 51 0.04 -2.57 -6.01
CA THR A 51 -0.62 -3.85 -6.02
C THR A 51 0.11 -4.73 -5.03
N LEU A 52 -0.64 -5.25 -4.04
CA LEU A 52 -0.06 -6.10 -3.04
C LEU A 52 -0.78 -7.42 -3.11
N VAL A 53 -0.01 -8.53 -3.14
CA VAL A 53 -0.63 -9.84 -3.19
C VAL A 53 -0.36 -10.54 -1.89
N PRO A 54 -1.33 -10.50 -0.99
CA PRO A 54 -1.19 -11.14 0.31
C PRO A 54 -1.34 -12.64 0.26
N TYR A 55 -2.11 -13.15 -0.72
CA TYR A 55 -2.31 -14.57 -0.83
C TYR A 55 -2.74 -14.89 -2.23
N TYR A 56 -2.66 -16.20 -2.58
CA TYR A 56 -3.05 -16.64 -3.90
C TYR A 56 -4.31 -17.43 -3.76
N THR A 57 -5.13 -17.43 -4.84
CA THR A 57 -6.36 -18.17 -4.83
C THR A 57 -6.28 -19.15 -5.96
N GLU A 58 -7.25 -20.08 -6.02
CA GLU A 58 -7.27 -21.07 -7.07
C GLU A 58 -7.46 -20.39 -8.40
N ASP A 59 -8.29 -19.32 -8.41
CA ASP A 59 -8.56 -18.62 -9.65
C ASP A 59 -7.31 -17.91 -10.12
N GLY A 60 -6.40 -17.57 -9.20
CA GLY A 60 -5.19 -16.89 -9.60
C GLY A 60 -4.75 -16.02 -8.46
N PRO A 61 -3.87 -15.10 -8.78
CA PRO A 61 -3.35 -14.17 -7.79
C PRO A 61 -4.38 -13.19 -7.32
N PHE A 62 -4.38 -12.89 -6.01
CA PHE A 62 -5.34 -11.96 -5.47
C PHE A 62 -4.63 -10.64 -5.40
N GLU A 63 -5.13 -9.65 -6.16
CA GLU A 63 -4.50 -8.35 -6.17
C GLU A 63 -5.27 -7.47 -5.25
N LYS A 64 -4.56 -6.89 -4.25
CA LYS A 64 -5.19 -6.00 -3.32
C LYS A 64 -4.56 -4.66 -3.53
N LYS A 65 -5.39 -3.62 -3.71
CA LYS A 65 -4.89 -2.28 -3.94
C LYS A 65 -4.66 -1.59 -2.63
N TYR A 66 -3.58 -0.79 -2.59
CA TYR A 66 -3.24 -0.02 -1.43
C TYR A 66 -2.81 1.31 -1.96
N TYR A 67 -3.04 2.39 -1.20
CA TYR A 67 -2.66 3.69 -1.67
C TYR A 67 -1.47 4.11 -0.85
N THR A 68 -0.54 4.87 -1.45
CA THR A 68 0.65 5.26 -0.72
C THR A 68 0.80 6.75 -0.79
N CYS A 69 1.58 7.29 0.15
CA CYS A 69 1.82 8.72 0.21
C CYS A 69 3.30 8.90 0.17
N GLY A 70 3.76 10.13 -0.17
CA GLY A 70 5.16 10.43 -0.19
C GLY A 70 5.63 10.40 -1.61
N ASP A 71 4.91 9.66 -2.48
CA ASP A 71 5.27 9.59 -3.89
C ASP A 71 6.70 9.11 -4.01
N PRO A 72 6.91 7.81 -3.79
CA PRO A 72 8.24 7.22 -3.89
C PRO A 72 8.75 7.11 -5.30
N SER A 73 8.46 8.13 -6.13
CA SER A 73 8.90 8.12 -7.50
C SER A 73 10.39 8.35 -7.54
N GLU A 74 10.89 9.22 -6.65
CA GLU A 74 12.31 9.53 -6.63
C GLU A 74 13.03 8.53 -5.77
N LEU A 75 12.30 7.55 -5.19
CA LEU A 75 12.93 6.57 -4.36
C LEU A 75 13.67 5.62 -5.27
N ASP A 76 14.71 4.95 -4.71
CA ASP A 76 15.50 4.03 -5.50
C ASP A 76 14.63 2.86 -5.88
N GLU A 77 14.88 2.33 -7.11
CA GLU A 77 14.12 1.20 -7.58
C GLU A 77 14.46 0.02 -6.72
N CYS A 78 13.42 -0.74 -6.32
CA CYS A 78 13.65 -1.89 -5.46
C CYS A 78 14.20 -3.01 -6.28
N TYR A 79 14.99 -3.87 -5.61
CA TYR A 79 15.58 -5.01 -6.27
C TYR A 79 14.59 -6.13 -6.10
N ASP A 80 14.79 -7.22 -6.89
CA ASP A 80 13.89 -8.35 -6.82
C ASP A 80 13.99 -9.01 -5.46
N ILE A 81 15.11 -8.80 -4.74
CA ILE A 81 15.27 -9.41 -3.44
C ILE A 81 15.59 -8.31 -2.45
N ASP A 82 15.52 -8.67 -1.14
CA ASP A 82 15.80 -7.76 -0.05
C ASP A 82 14.47 -7.22 0.44
N LYS A 83 14.51 -6.52 1.60
CA LYS A 83 13.29 -5.99 2.18
C LYS A 83 12.77 -4.94 1.24
N ALA A 84 11.48 -5.09 0.82
CA ALA A 84 10.90 -4.14 -0.08
C ALA A 84 9.75 -3.45 0.60
N LEU A 85 9.00 -4.17 1.46
CA LEU A 85 7.88 -3.54 2.10
C LEU A 85 7.83 -4.02 3.52
N GLU A 86 7.59 -3.09 4.45
CA GLU A 86 7.52 -3.41 5.84
C GLU A 86 6.11 -3.13 6.27
N VAL A 87 5.42 -4.15 6.81
CA VAL A 87 4.04 -3.97 7.23
C VAL A 87 3.92 -4.48 8.64
N ASN A 88 2.92 -3.95 9.39
CA ASN A 88 2.73 -4.37 10.76
C ASN A 88 1.91 -5.63 10.82
N GLU A 89 1.29 -6.04 9.68
CA GLU A 89 0.49 -7.24 9.70
C GLU A 89 0.56 -7.86 8.35
N SER A 90 0.71 -9.20 8.33
CA SER A 90 0.83 -9.93 7.09
C SER A 90 -0.48 -9.96 6.34
N ASP A 91 -1.62 -10.11 7.06
CA ASP A 91 -2.90 -10.22 6.38
C ASP A 91 -3.44 -8.87 6.00
N ASP A 92 -3.85 -8.04 6.98
CA ASP A 92 -4.43 -6.75 6.66
C ASP A 92 -3.72 -5.68 7.46
N PRO A 93 -2.58 -5.26 6.97
CA PRO A 93 -1.80 -4.23 7.64
C PRO A 93 -2.41 -2.87 7.60
N ASN A 94 -2.28 -2.13 8.72
CA ASN A 94 -2.81 -0.80 8.78
C ASN A 94 -1.65 0.15 8.70
N SER A 95 -0.43 -0.37 8.98
CA SER A 95 0.74 0.45 8.92
C SER A 95 1.67 -0.19 7.93
N VAL A 96 1.92 0.52 6.81
CA VAL A 96 2.79 0.00 5.79
C VAL A 96 3.77 1.10 5.50
N GLU A 97 5.08 0.81 5.53
CA GLU A 97 6.06 1.84 5.30
C GLU A 97 6.79 1.52 4.02
N VAL A 98 6.86 2.52 3.11
CA VAL A 98 7.56 2.34 1.86
C VAL A 98 9.03 2.50 2.12
N LEU A 99 9.82 1.47 1.77
CA LEU A 99 11.26 1.52 1.97
C LEU A 99 11.91 1.75 0.64
N CYS A 100 11.23 1.35 -0.46
CA CYS A 100 11.81 1.49 -1.76
C CYS A 100 10.72 1.71 -2.78
N HIS A 101 11.14 2.09 -4.02
CA HIS A 101 10.19 2.34 -5.07
C HIS A 101 9.91 1.06 -5.80
N CYS A 102 8.62 0.67 -5.80
CA CYS A 102 8.21 -0.52 -6.50
C CYS A 102 7.17 -0.06 -7.49
N PRO A 103 7.42 -0.29 -8.76
CA PRO A 103 6.49 0.12 -9.81
C PRO A 103 5.25 -0.71 -9.83
N SER A 104 4.20 -0.20 -10.50
CA SER A 104 2.93 -0.91 -10.57
C SER A 104 3.08 -2.12 -11.44
N ASP A 105 4.21 -2.22 -12.18
CA ASP A 105 4.43 -3.35 -13.04
C ASP A 105 4.88 -4.52 -12.17
N LYS A 106 5.17 -4.23 -10.89
CA LYS A 106 5.62 -5.27 -9.99
C LYS A 106 4.60 -5.36 -8.90
N ILE A 107 4.61 -6.49 -8.16
CA ILE A 107 3.68 -6.66 -7.09
C ILE A 107 4.46 -6.98 -5.85
N TYR A 108 3.82 -6.79 -4.69
CA TYR A 108 4.46 -7.09 -3.44
C TYR A 108 4.00 -8.48 -3.09
N LEU A 109 4.95 -9.43 -3.02
CA LEU A 109 4.60 -10.79 -2.70
C LEU A 109 4.92 -11.06 -1.27
N TRP A 110 4.00 -11.77 -0.59
CA TRP A 110 4.18 -12.11 0.79
C TRP A 110 4.86 -13.45 0.87
N ILE A 111 6.05 -13.48 1.49
CA ILE A 111 6.78 -14.71 1.64
C ILE A 111 7.29 -14.75 3.05
N HIS A 112 7.59 -15.97 3.56
CA HIS A 112 8.10 -16.11 4.91
C HIS A 112 7.01 -15.72 5.87
N ARG A 113 7.39 -15.41 7.12
CA ARG A 113 6.42 -15.02 8.13
C ARG A 113 5.76 -13.73 7.70
N GLY A 114 6.57 -12.75 7.25
CA GLY A 114 6.02 -11.49 6.83
C GLY A 114 7.11 -10.71 6.17
N TYR A 115 7.64 -11.23 5.06
CA TYR A 115 8.69 -10.55 4.35
C TYR A 115 8.13 -10.26 2.99
N TYR A 116 8.14 -8.98 2.57
CA TYR A 116 7.60 -8.63 1.29
C TYR A 116 8.72 -8.24 0.39
N ILE A 117 8.63 -8.71 -0.88
CA ILE A 117 9.63 -8.42 -1.88
C ILE A 117 8.88 -7.90 -3.08
N CYS A 118 9.56 -7.11 -3.92
CA CYS A 118 8.93 -6.56 -5.10
C CYS A 118 9.46 -7.30 -6.29
N ILE A 119 8.56 -7.97 -7.01
CA ILE A 119 8.95 -8.73 -8.16
C ILE A 119 7.75 -8.78 -9.07
N THR A 120 7.95 -9.12 -10.36
CA THR A 120 6.84 -9.20 -11.28
C THR A 120 6.00 -10.37 -10.88
N PRO A 121 4.70 -10.22 -11.07
CA PRO A 121 3.74 -11.26 -10.71
C PRO A 121 3.80 -12.46 -11.60
N PRO A 122 4.06 -13.64 -11.05
CA PRO A 122 4.09 -14.85 -11.83
C PRO A 122 2.72 -15.40 -12.06
N GLN A 123 2.49 -16.01 -13.24
CA GLN A 123 1.20 -16.58 -13.53
C GLN A 123 1.18 -17.98 -12.98
N PRO A 124 0.26 -18.26 -12.08
CA PRO A 124 0.17 -19.59 -11.49
C PRO A 124 -0.55 -20.56 -12.36
N LYS A 1 -20.82 16.73 1.98
CA LYS A 1 -21.44 17.11 0.69
C LYS A 1 -21.12 16.10 -0.37
N SER A 2 -19.84 15.68 -0.45
CA SER A 2 -19.45 14.70 -1.43
C SER A 2 -18.68 13.64 -0.72
N HIS A 3 -18.81 12.38 -1.20
CA HIS A 3 -18.10 11.29 -0.59
C HIS A 3 -17.02 10.84 -1.54
N THR A 4 -16.68 11.70 -2.51
CA THR A 4 -15.65 11.37 -3.48
C THR A 4 -14.34 11.22 -2.77
N THR A 5 -14.05 12.17 -1.84
CA THR A 5 -12.81 12.11 -1.11
C THR A 5 -12.97 11.15 0.03
N CYS A 6 -11.82 10.65 0.56
CA CYS A 6 -11.87 9.71 1.66
C CYS A 6 -12.06 10.52 2.92
N PRO A 7 -13.09 10.20 3.68
CA PRO A 7 -13.35 10.91 4.93
C PRO A 7 -12.21 10.84 5.90
N THR A 8 -11.94 11.96 6.60
CA THR A 8 -10.85 11.97 7.54
C THR A 8 -11.44 11.91 8.92
N SER A 9 -11.10 10.84 9.66
CA SER A 9 -11.60 10.68 11.00
C SER A 9 -10.62 11.33 11.92
N THR A 10 -11.08 11.80 13.10
CA THR A 10 -10.19 12.43 14.04
C THR A 10 -9.42 11.36 14.75
N GLU A 11 -9.80 10.08 14.53
CA GLU A 11 -9.13 8.97 15.15
C GLU A 11 -7.74 8.84 14.57
N ILE A 12 -7.60 9.14 13.27
CA ILE A 12 -6.31 9.01 12.63
C ILE A 12 -5.62 10.34 12.67
N ASP A 13 -4.27 10.31 12.68
CA ASP A 13 -3.48 11.50 12.72
C ASP A 13 -2.53 11.44 11.56
N SER A 14 -1.76 12.53 11.34
CA SER A 14 -0.79 12.54 10.27
C SER A 14 0.32 11.58 10.63
N CYS A 15 0.88 10.92 9.60
CA CYS A 15 1.97 9.99 9.85
C CYS A 15 3.23 10.78 9.85
N SER A 16 4.24 10.32 10.64
CA SER A 16 5.50 11.02 10.70
C SER A 16 6.14 10.96 9.34
N ASN A 17 6.04 9.79 8.68
CA ASN A 17 6.61 9.64 7.36
C ASN A 17 5.47 9.68 6.39
N ASP A 18 5.66 10.43 5.28
CA ASP A 18 4.62 10.56 4.29
C ASP A 18 4.67 9.41 3.33
N ASN A 19 5.65 8.49 3.50
CA ASN A 19 5.76 7.37 2.58
C ASN A 19 4.87 6.25 3.05
N ASN A 20 3.99 6.51 4.04
CA ASN A 20 3.11 5.47 4.52
C ASN A 20 1.92 5.39 3.61
N ALA A 21 1.29 4.20 3.58
CA ALA A 21 0.14 3.98 2.74
C ALA A 21 -1.07 4.53 3.43
N CYS A 22 -2.11 4.87 2.63
CA CYS A 22 -3.33 5.40 3.18
C CYS A 22 -4.42 5.05 2.23
N GLY A 23 -5.43 4.29 2.72
CA GLY A 23 -6.54 3.93 1.88
C GLY A 23 -6.41 2.50 1.50
N LYS A 24 -7.55 1.80 1.50
CA LYS A 24 -7.56 0.40 1.17
C LYS A 24 -8.96 0.08 0.74
N ASP A 25 -9.12 -1.01 -0.04
CA ASP A 25 -10.42 -1.40 -0.51
C ASP A 25 -10.89 -2.56 0.33
N VAL A 26 -11.91 -2.32 1.19
CA VAL A 26 -12.42 -3.39 2.02
C VAL A 26 -13.84 -3.66 1.59
N SER A 27 -14.76 -2.71 1.88
CA SER A 27 -16.16 -2.88 1.53
C SER A 27 -16.44 -2.08 0.30
N GLY A 28 -15.39 -1.49 -0.31
CA GLY A 28 -15.57 -0.68 -1.49
C GLY A 28 -15.48 0.75 -1.05
N SER A 29 -15.62 0.98 0.27
CA SER A 29 -15.53 2.31 0.81
C SER A 29 -14.06 2.61 0.97
N CYS A 30 -13.71 3.91 1.14
CA CYS A 30 -12.32 4.26 1.32
C CYS A 30 -12.09 4.45 2.78
N SER A 31 -11.25 3.56 3.36
CA SER A 31 -10.94 3.66 4.76
C SER A 31 -9.68 4.46 4.87
N SER A 32 -9.65 5.47 5.77
CA SER A 32 -8.46 6.26 5.95
C SER A 32 -7.76 5.69 7.13
N LEU A 33 -6.51 5.24 6.93
CA LEU A 33 -5.78 4.61 8.02
C LEU A 33 -4.85 5.61 8.63
N CYS A 34 -4.32 6.56 7.82
CA CYS A 34 -3.42 7.54 8.36
C CYS A 34 -3.46 8.74 7.47
N ASN A 35 -3.38 9.94 8.08
CA ASN A 35 -3.42 11.16 7.31
C ASN A 35 -2.08 11.34 6.64
N CYS A 36 -2.11 11.76 5.36
CA CYS A 36 -0.87 11.96 4.63
C CYS A 36 -0.53 13.41 4.69
N GLY A 37 0.74 13.72 5.00
CA GLY A 37 1.17 15.10 5.08
C GLY A 37 0.56 15.72 6.29
N ASN A 38 0.01 16.94 6.15
CA ASN A 38 -0.58 17.62 7.28
C ASN A 38 -2.06 17.33 7.27
N GLY A 39 -2.52 16.49 6.33
CA GLY A 39 -3.93 16.18 6.24
C GLY A 39 -4.31 16.31 4.80
N GLN A 40 -3.57 15.62 3.92
CA GLN A 40 -3.85 15.69 2.51
C GLN A 40 -4.84 14.60 2.22
N THR A 41 -5.76 14.87 1.27
CA THR A 41 -6.77 13.90 0.92
C THR A 41 -6.10 12.70 0.32
N CYS A 42 -6.35 11.53 0.94
CA CYS A 42 -5.75 10.29 0.49
C CYS A 42 -6.31 9.92 -0.87
N PHE A 43 -7.61 10.21 -1.11
CA PHE A 43 -8.24 9.88 -2.37
C PHE A 43 -7.54 10.57 -3.52
N THR A 44 -7.21 11.87 -3.35
CA THR A 44 -6.58 12.61 -4.44
C THR A 44 -5.17 12.12 -4.65
N ASP A 45 -4.61 11.37 -3.67
CA ASP A 45 -3.27 10.87 -3.82
C ASP A 45 -3.37 9.38 -3.99
N SER A 46 -4.41 8.92 -4.73
CA SER A 46 -4.62 7.50 -4.93
C SER A 46 -4.17 7.12 -6.32
N ASN A 47 -3.38 7.99 -6.99
CA ASN A 47 -2.91 7.69 -8.32
C ASN A 47 -1.68 6.83 -8.21
N HIS A 48 -1.21 6.59 -6.97
CA HIS A 48 -0.01 5.81 -6.77
C HIS A 48 -0.41 4.46 -6.23
N THR A 49 -1.65 4.01 -6.57
CA THR A 49 -2.14 2.73 -6.10
C THR A 49 -1.12 1.65 -6.42
N ILE A 50 -1.07 0.63 -5.54
CA ILE A 50 -0.13 -0.45 -5.71
C ILE A 50 -0.90 -1.74 -5.64
N THR A 51 -0.25 -2.85 -6.07
CA THR A 51 -0.89 -4.14 -6.05
C THR A 51 -0.15 -4.97 -5.04
N LEU A 52 -0.89 -5.50 -4.04
CA LEU A 52 -0.27 -6.29 -3.01
C LEU A 52 -0.91 -7.65 -3.06
N VAL A 53 -0.08 -8.72 -3.03
CA VAL A 53 -0.61 -10.07 -3.07
C VAL A 53 -0.26 -10.75 -1.78
N PRO A 54 -1.19 -10.75 -0.85
CA PRO A 54 -0.98 -11.40 0.45
C PRO A 54 -1.00 -12.89 0.37
N TYR A 55 -1.77 -13.44 -0.59
CA TYR A 55 -1.87 -14.86 -0.71
C TYR A 55 -2.31 -15.19 -2.10
N TYR A 56 -2.12 -16.47 -2.50
CA TYR A 56 -2.51 -16.92 -3.81
C TYR A 56 -3.69 -17.83 -3.64
N THR A 57 -4.54 -17.93 -4.69
CA THR A 57 -5.70 -18.78 -4.62
C THR A 57 -5.60 -19.73 -5.79
N GLU A 58 -6.45 -20.78 -5.78
CA GLU A 58 -6.43 -21.75 -6.85
C GLU A 58 -6.98 -21.12 -8.11
N ASP A 59 -7.63 -19.95 -7.98
CA ASP A 59 -8.17 -19.28 -9.14
C ASP A 59 -7.12 -18.41 -9.74
N GLY A 60 -6.02 -18.17 -9.00
CA GLY A 60 -4.96 -17.34 -9.50
C GLY A 60 -4.51 -16.44 -8.39
N PRO A 61 -3.73 -15.46 -8.75
CA PRO A 61 -3.22 -14.49 -7.78
C PRO A 61 -4.29 -13.59 -7.26
N PHE A 62 -4.23 -13.30 -5.94
CA PHE A 62 -5.21 -12.43 -5.34
C PHE A 62 -4.57 -11.08 -5.28
N GLU A 63 -5.13 -10.12 -6.03
CA GLU A 63 -4.56 -8.79 -6.05
C GLU A 63 -5.39 -7.91 -5.18
N LYS A 64 -4.72 -7.23 -4.23
CA LYS A 64 -5.41 -6.33 -3.34
C LYS A 64 -4.82 -4.97 -3.62
N LYS A 65 -5.68 -3.94 -3.71
CA LYS A 65 -5.22 -2.62 -4.03
C LYS A 65 -5.03 -1.83 -2.75
N TYR A 66 -3.94 -1.04 -2.74
CA TYR A 66 -3.63 -0.21 -1.62
C TYR A 66 -3.19 1.10 -2.22
N TYR A 67 -3.39 2.21 -1.51
CA TYR A 67 -3.01 3.49 -2.04
C TYR A 67 -1.89 3.98 -1.19
N THR A 68 -0.89 4.66 -1.80
CA THR A 68 0.25 5.13 -1.04
C THR A 68 0.42 6.60 -1.24
N CYS A 69 1.14 7.24 -0.30
CA CYS A 69 1.38 8.65 -0.36
C CYS A 69 2.87 8.83 -0.36
N GLY A 70 3.33 10.05 -0.75
CA GLY A 70 4.74 10.34 -0.74
C GLY A 70 5.27 10.29 -2.13
N ASP A 71 4.60 9.52 -3.02
CA ASP A 71 5.04 9.41 -4.40
C ASP A 71 6.48 8.93 -4.42
N PRO A 72 6.68 7.66 -4.14
CA PRO A 72 8.02 7.07 -4.14
C PRO A 72 8.58 6.86 -5.52
N SER A 73 8.51 7.90 -6.38
CA SER A 73 9.02 7.79 -7.73
C SER A 73 10.48 8.11 -7.74
N GLU A 74 10.94 8.90 -6.74
CA GLU A 74 12.33 9.29 -6.68
C GLU A 74 13.05 8.34 -5.76
N LEU A 75 12.31 7.34 -5.25
CA LEU A 75 12.90 6.38 -4.35
C LEU A 75 13.65 5.37 -5.17
N ASP A 76 14.66 4.73 -4.54
CA ASP A 76 15.48 3.75 -5.23
C ASP A 76 14.63 2.53 -5.48
N GLU A 77 14.93 1.80 -6.58
CA GLU A 77 14.19 0.62 -6.91
C GLU A 77 14.75 -0.53 -6.10
N CYS A 78 13.84 -1.37 -5.55
CA CYS A 78 14.29 -2.50 -4.74
C CYS A 78 14.68 -3.64 -5.64
N TYR A 79 15.47 -4.57 -5.07
CA TYR A 79 15.91 -5.74 -5.78
C TYR A 79 14.79 -6.74 -5.70
N ASP A 80 14.85 -7.80 -6.54
CA ASP A 80 13.81 -8.80 -6.56
C ASP A 80 13.70 -9.45 -5.19
N ILE A 81 14.84 -9.73 -4.53
CA ILE A 81 14.79 -10.37 -3.24
C ILE A 81 15.52 -9.50 -2.25
N ASP A 82 14.76 -8.65 -1.54
CA ASP A 82 15.36 -7.78 -0.57
C ASP A 82 14.25 -7.11 0.17
N LYS A 83 14.58 -6.42 1.29
CA LYS A 83 13.57 -5.74 2.06
C LYS A 83 12.97 -4.70 1.16
N ALA A 84 11.62 -4.67 1.06
CA ALA A 84 11.00 -3.71 0.18
C ALA A 84 9.80 -3.10 0.85
N LEU A 85 8.96 -3.90 1.53
CA LEU A 85 7.79 -3.32 2.14
C LEU A 85 7.68 -3.84 3.56
N GLU A 86 7.41 -2.90 4.49
CA GLU A 86 7.27 -3.24 5.87
C GLU A 86 5.85 -2.93 6.21
N VAL A 87 5.13 -3.91 6.80
CA VAL A 87 3.74 -3.70 7.14
C VAL A 87 3.53 -4.13 8.57
N ASN A 88 2.48 -3.57 9.20
CA ASN A 88 2.16 -3.89 10.57
C ASN A 88 1.75 -5.35 10.66
N GLU A 89 0.90 -5.81 9.73
CA GLU A 89 0.46 -7.18 9.76
C GLU A 89 0.35 -7.61 8.33
N SER A 90 0.85 -8.83 8.04
CA SER A 90 0.83 -9.32 6.69
C SER A 90 -0.58 -9.59 6.23
N ASP A 91 -1.41 -10.21 7.09
CA ASP A 91 -2.76 -10.56 6.71
C ASP A 91 -3.62 -9.34 6.51
N ASP A 92 -3.48 -8.32 7.37
CA ASP A 92 -4.33 -7.16 7.23
C ASP A 92 -3.64 -5.98 7.87
N PRO A 93 -2.77 -5.35 7.12
CA PRO A 93 -2.03 -4.20 7.62
C PRO A 93 -2.81 -2.92 7.60
N ASN A 94 -2.71 -2.15 8.69
CA ASN A 94 -3.38 -0.87 8.76
C ASN A 94 -2.32 0.18 8.62
N SER A 95 -1.04 -0.25 8.61
CA SER A 95 0.05 0.67 8.48
C SER A 95 1.03 0.01 7.56
N VAL A 96 1.33 0.67 6.43
CA VAL A 96 2.27 0.14 5.48
C VAL A 96 3.24 1.25 5.21
N GLU A 97 4.56 0.97 5.34
CA GLU A 97 5.53 2.00 5.11
C GLU A 97 6.31 1.67 3.87
N VAL A 98 6.37 2.63 2.91
CA VAL A 98 7.11 2.42 1.70
C VAL A 98 8.56 2.69 1.99
N LEU A 99 9.42 1.67 1.73
CA LEU A 99 10.84 1.82 1.99
C LEU A 99 11.53 2.08 0.69
N CYS A 100 10.93 1.64 -0.43
CA CYS A 100 11.58 1.84 -1.71
C CYS A 100 10.55 1.90 -2.80
N HIS A 101 11.02 2.22 -4.03
CA HIS A 101 10.15 2.33 -5.16
C HIS A 101 9.90 0.99 -5.77
N CYS A 102 8.62 0.57 -5.80
CA CYS A 102 8.24 -0.66 -6.43
C CYS A 102 7.23 -0.29 -7.47
N PRO A 103 7.49 -0.65 -8.70
CA PRO A 103 6.60 -0.31 -9.80
C PRO A 103 5.33 -1.12 -9.81
N SER A 104 4.31 -0.62 -10.54
CA SER A 104 3.04 -1.29 -10.61
C SER A 104 3.18 -2.55 -11.44
N ASP A 105 4.34 -2.71 -12.11
CA ASP A 105 4.56 -3.89 -12.93
C ASP A 105 5.01 -4.99 -12.02
N LYS A 106 5.22 -4.68 -10.73
CA LYS A 106 5.65 -5.67 -9.77
C LYS A 106 4.64 -5.71 -8.68
N ILE A 107 4.62 -6.83 -7.93
CA ILE A 107 3.68 -6.98 -6.85
C ILE A 107 4.45 -7.24 -5.60
N TYR A 108 3.77 -7.10 -4.46
CA TYR A 108 4.40 -7.38 -3.20
C TYR A 108 4.05 -8.81 -2.88
N LEU A 109 5.10 -9.65 -2.77
CA LEU A 109 4.88 -11.05 -2.53
C LEU A 109 5.26 -11.34 -1.10
N TRP A 110 4.34 -12.03 -0.38
CA TRP A 110 4.59 -12.38 0.98
C TRP A 110 5.52 -13.56 1.01
N ILE A 111 6.56 -13.50 1.86
CA ILE A 111 7.51 -14.59 1.95
C ILE A 111 7.64 -14.94 3.41
N HIS A 112 8.33 -16.08 3.69
CA HIS A 112 8.47 -16.55 5.05
C HIS A 112 9.51 -15.76 5.80
N ARG A 113 10.18 -14.79 5.13
CA ARG A 113 11.18 -14.00 5.81
C ARG A 113 10.51 -13.20 6.90
N GLY A 114 9.27 -12.72 6.64
CA GLY A 114 8.56 -11.95 7.64
C GLY A 114 8.29 -10.59 7.08
N TYR A 115 8.49 -10.41 5.77
CA TYR A 115 8.24 -9.12 5.17
C TYR A 115 7.91 -9.36 3.72
N TYR A 116 7.41 -8.30 3.05
CA TYR A 116 7.02 -8.42 1.68
C TYR A 116 8.17 -7.98 0.81
N ILE A 117 8.32 -8.66 -0.35
CA ILE A 117 9.36 -8.33 -1.28
C ILE A 117 8.69 -7.95 -2.56
N CYS A 118 9.39 -7.12 -3.38
CA CYS A 118 8.81 -6.68 -4.64
C CYS A 118 9.36 -7.54 -5.72
N ILE A 119 8.47 -8.27 -6.42
CA ILE A 119 8.90 -9.16 -7.46
C ILE A 119 7.86 -9.13 -8.54
N THR A 120 8.26 -9.49 -9.78
CA THR A 120 7.34 -9.50 -10.89
C THR A 120 6.40 -10.66 -10.65
N PRO A 121 5.11 -10.41 -10.77
CA PRO A 121 4.12 -11.45 -10.52
C PRO A 121 4.13 -12.57 -11.53
N PRO A 122 4.33 -13.80 -11.10
CA PRO A 122 4.31 -14.93 -11.98
C PRO A 122 2.91 -15.43 -12.22
N GLN A 123 2.62 -15.84 -13.48
CA GLN A 123 1.30 -16.32 -13.80
C GLN A 123 1.27 -17.79 -13.45
N PRO A 124 0.34 -18.21 -12.63
CA PRO A 124 0.23 -19.59 -12.24
C PRO A 124 -0.52 -20.41 -13.25
N LYS A 1 -24.56 18.28 3.76
CA LYS A 1 -23.63 17.14 3.51
C LYS A 1 -22.39 17.63 2.82
N SER A 2 -22.42 17.66 1.46
CA SER A 2 -21.27 18.12 0.69
C SER A 2 -20.12 17.18 0.91
N HIS A 3 -20.34 15.87 0.65
CA HIS A 3 -19.29 14.90 0.83
C HIS A 3 -18.73 14.61 -0.52
N THR A 4 -17.39 14.69 -0.67
CA THR A 4 -16.76 14.43 -1.93
C THR A 4 -15.38 13.95 -1.64
N THR A 5 -14.76 13.23 -2.61
CA THR A 5 -13.42 12.71 -2.44
C THR A 5 -13.46 11.68 -1.34
N CYS A 6 -12.52 11.74 -0.37
CA CYS A 6 -12.52 10.77 0.71
C CYS A 6 -12.36 11.56 1.97
N PRO A 7 -13.38 11.55 2.82
CA PRO A 7 -13.32 12.25 4.11
C PRO A 7 -12.23 11.76 5.01
N THR A 8 -11.64 12.68 5.79
CA THR A 8 -10.57 12.29 6.68
C THR A 8 -11.21 11.89 7.98
N SER A 9 -10.65 10.82 8.61
CA SER A 9 -11.18 10.34 9.86
C SER A 9 -10.49 11.09 10.95
N THR A 10 -11.20 11.33 12.06
CA THR A 10 -10.61 12.04 13.18
C THR A 10 -10.01 11.03 14.11
N GLU A 11 -10.14 9.73 13.77
CA GLU A 11 -9.60 8.68 14.59
C GLU A 11 -8.22 8.34 14.12
N ILE A 12 -7.71 9.07 13.09
CA ILE A 12 -6.39 8.79 12.59
C ILE A 12 -5.58 10.06 12.71
N ASP A 13 -4.25 9.91 12.79
CA ASP A 13 -3.37 11.04 12.92
C ASP A 13 -2.49 11.05 11.71
N SER A 14 -1.78 12.18 11.47
CA SER A 14 -0.89 12.26 10.34
C SER A 14 0.31 11.42 10.64
N CYS A 15 0.79 10.69 9.62
CA CYS A 15 1.95 9.84 9.82
C CYS A 15 3.17 10.70 9.83
N SER A 16 4.20 10.31 10.63
CA SER A 16 5.41 11.07 10.71
C SER A 16 6.09 11.05 9.36
N ASN A 17 6.07 9.87 8.70
CA ASN A 17 6.69 9.76 7.41
C ASN A 17 5.57 9.77 6.40
N ASP A 18 5.75 10.55 5.31
CA ASP A 18 4.75 10.67 4.30
C ASP A 18 4.86 9.53 3.32
N ASN A 19 5.85 8.64 3.49
CA ASN A 19 6.01 7.55 2.56
C ASN A 19 5.26 6.34 3.05
N ASN A 20 4.25 6.56 3.93
CA ASN A 20 3.48 5.44 4.42
C ASN A 20 2.29 5.27 3.51
N ALA A 21 1.80 4.01 3.42
CA ALA A 21 0.66 3.73 2.59
C ALA A 21 -0.57 4.11 3.36
N CYS A 22 -1.66 4.41 2.64
CA CYS A 22 -2.87 4.81 3.29
C CYS A 22 -4.03 4.47 2.41
N GLY A 23 -5.04 3.79 2.99
CA GLY A 23 -6.22 3.46 2.25
C GLY A 23 -6.11 2.06 1.75
N LYS A 24 -7.28 1.41 1.65
CA LYS A 24 -7.33 0.05 1.19
C LYS A 24 -8.76 -0.19 0.74
N ASP A 25 -8.96 -1.19 -0.15
CA ASP A 25 -10.28 -1.47 -0.64
C ASP A 25 -10.86 -2.54 0.23
N VAL A 26 -11.88 -2.18 1.05
CA VAL A 26 -12.49 -3.16 1.92
C VAL A 26 -13.83 -3.55 1.33
N SER A 27 -14.87 -2.73 1.60
CA SER A 27 -16.20 -3.01 1.11
C SER A 27 -16.47 -2.14 -0.09
N GLY A 28 -15.43 -1.42 -0.56
CA GLY A 28 -15.59 -0.53 -1.68
C GLY A 28 -15.64 0.86 -1.13
N SER A 29 -15.84 0.96 0.21
CA SER A 29 -15.88 2.25 0.85
C SER A 29 -14.45 2.71 0.96
N CYS A 30 -14.23 4.04 0.96
CA CYS A 30 -12.89 4.55 1.04
C CYS A 30 -12.47 4.52 2.48
N SER A 31 -11.45 3.69 2.77
CA SER A 31 -10.93 3.58 4.11
C SER A 31 -9.75 4.50 4.22
N SER A 32 -9.52 5.06 5.43
CA SER A 32 -8.39 5.92 5.64
C SER A 32 -7.72 5.36 6.86
N LEU A 33 -6.41 5.03 6.75
CA LEU A 33 -5.71 4.42 7.86
C LEU A 33 -4.81 5.42 8.52
N CYS A 34 -4.23 6.35 7.74
CA CYS A 34 -3.33 7.32 8.32
C CYS A 34 -3.37 8.54 7.47
N ASN A 35 -3.33 9.72 8.10
CA ASN A 35 -3.37 10.95 7.36
C ASN A 35 -2.01 11.16 6.74
N CYS A 36 -2.01 11.60 5.46
CA CYS A 36 -0.76 11.82 4.78
C CYS A 36 -0.50 13.29 4.80
N GLY A 37 0.72 13.70 5.22
CA GLY A 37 1.05 15.11 5.27
C GLY A 37 0.23 15.76 6.34
N ASN A 38 -0.52 16.82 5.96
CA ASN A 38 -1.33 17.55 6.91
C ASN A 38 -2.71 16.96 6.91
N GLY A 39 -2.93 15.88 6.14
CA GLY A 39 -4.24 15.28 6.07
C GLY A 39 -4.68 15.31 4.64
N GLN A 40 -3.82 14.77 3.74
CA GLN A 40 -4.13 14.74 2.34
C GLN A 40 -5.00 13.54 2.09
N THR A 41 -5.95 13.68 1.14
CA THR A 41 -6.83 12.59 0.81
C THR A 41 -6.00 11.46 0.24
N CYS A 42 -6.20 10.24 0.77
CA CYS A 42 -5.44 9.09 0.34
C CYS A 42 -6.03 8.55 -0.93
N PHE A 43 -7.33 8.79 -1.17
CA PHE A 43 -8.01 8.28 -2.35
C PHE A 43 -7.45 8.92 -3.59
N THR A 44 -7.09 10.22 -3.53
CA THR A 44 -6.59 10.91 -4.70
C THR A 44 -5.23 10.39 -5.07
N ASP A 45 -4.62 9.55 -4.21
CA ASP A 45 -3.31 9.02 -4.52
C ASP A 45 -3.49 7.66 -5.15
N SER A 46 -4.62 7.48 -5.89
CA SER A 46 -4.89 6.21 -6.53
C SER A 46 -3.93 6.02 -7.68
N ASN A 47 -3.26 7.10 -8.12
CA ASN A 47 -2.32 6.98 -9.22
C ASN A 47 -1.04 6.37 -8.70
N HIS A 48 -0.93 6.24 -7.36
CA HIS A 48 0.26 5.68 -6.77
C HIS A 48 -0.13 4.37 -6.14
N THR A 49 -1.23 3.75 -6.65
CA THR A 49 -1.70 2.49 -6.10
C THR A 49 -0.66 1.43 -6.35
N ILE A 50 -0.60 0.45 -5.44
CA ILE A 50 0.35 -0.62 -5.55
C ILE A 50 -0.43 -1.91 -5.48
N THR A 51 0.21 -3.02 -5.92
CA THR A 51 -0.45 -4.30 -5.89
C THR A 51 0.28 -5.13 -4.88
N LEU A 52 -0.46 -5.66 -3.90
CA LEU A 52 0.13 -6.46 -2.86
C LEU A 52 -0.51 -7.81 -2.92
N VAL A 53 0.31 -8.89 -2.92
CA VAL A 53 -0.24 -10.23 -2.97
C VAL A 53 0.13 -10.92 -1.69
N PRO A 54 -0.77 -10.91 -0.73
CA PRO A 54 -0.55 -11.55 0.56
C PRO A 54 -0.63 -13.04 0.50
N TYR A 55 -1.44 -13.57 -0.45
CA TYR A 55 -1.58 -15.00 -0.57
C TYR A 55 -2.10 -15.32 -1.94
N TYR A 56 -1.98 -16.60 -2.33
CA TYR A 56 -2.44 -17.03 -3.63
C TYR A 56 -3.64 -17.89 -3.42
N THR A 57 -4.54 -17.94 -4.43
CA THR A 57 -5.73 -18.75 -4.33
C THR A 57 -5.69 -19.71 -5.48
N GLU A 58 -6.60 -20.70 -5.47
CA GLU A 58 -6.66 -21.70 -6.51
C GLU A 58 -7.00 -21.02 -7.81
N ASP A 59 -7.89 -19.99 -7.75
CA ASP A 59 -8.30 -19.30 -8.95
C ASP A 59 -7.14 -18.53 -9.51
N GLY A 60 -6.16 -18.14 -8.67
CA GLY A 60 -5.03 -17.39 -9.18
C GLY A 60 -4.54 -16.50 -8.09
N PRO A 61 -3.73 -15.54 -8.48
CA PRO A 61 -3.16 -14.59 -7.54
C PRO A 61 -4.20 -13.64 -7.00
N PHE A 62 -4.07 -13.31 -5.70
CA PHE A 62 -5.02 -12.40 -5.10
C PHE A 62 -4.34 -11.07 -5.08
N GLU A 63 -4.92 -10.09 -5.83
CA GLU A 63 -4.32 -8.79 -5.89
C GLU A 63 -5.06 -7.90 -4.96
N LYS A 64 -4.33 -7.32 -3.98
CA LYS A 64 -4.95 -6.43 -3.03
C LYS A 64 -4.37 -5.08 -3.33
N LYS A 65 -5.24 -4.06 -3.45
CA LYS A 65 -4.76 -2.74 -3.80
C LYS A 65 -4.58 -1.92 -2.56
N TYR A 66 -3.55 -1.06 -2.59
CA TYR A 66 -3.25 -0.18 -1.49
C TYR A 66 -2.79 1.09 -2.15
N TYR A 67 -3.00 2.24 -1.48
CA TYR A 67 -2.59 3.49 -2.05
C TYR A 67 -1.42 3.95 -1.24
N THR A 68 -0.48 4.67 -1.88
CA THR A 68 0.70 5.10 -1.15
C THR A 68 0.79 6.59 -1.24
N CYS A 69 1.50 7.20 -0.27
CA CYS A 69 1.65 8.63 -0.25
C CYS A 69 3.13 8.90 -0.31
N GLY A 70 3.48 10.14 -0.72
CA GLY A 70 4.89 10.53 -0.76
C GLY A 70 5.36 10.41 -2.17
N ASP A 71 4.66 9.61 -3.00
CA ASP A 71 5.04 9.45 -4.39
C ASP A 71 6.48 8.96 -4.46
N PRO A 72 6.69 7.71 -4.11
CA PRO A 72 8.04 7.12 -4.14
C PRO A 72 8.56 6.87 -5.54
N SER A 73 8.18 7.70 -6.50
CA SER A 73 8.65 7.54 -7.87
C SER A 73 10.10 7.91 -7.93
N GLU A 74 10.51 8.93 -7.15
CA GLU A 74 11.88 9.37 -7.16
C GLU A 74 12.68 8.55 -6.18
N LEU A 75 12.03 7.60 -5.50
CA LEU A 75 12.73 6.78 -4.54
C LEU A 75 13.54 5.76 -5.30
N ASP A 76 14.58 5.20 -4.65
CA ASP A 76 15.42 4.21 -5.29
C ASP A 76 14.59 3.00 -5.57
N GLU A 77 14.90 2.31 -6.70
CA GLU A 77 14.15 1.13 -7.09
C GLU A 77 14.46 0.03 -6.10
N CYS A 78 13.41 -0.73 -5.71
CA CYS A 78 13.58 -1.81 -4.78
C CYS A 78 14.35 -2.90 -5.45
N TYR A 79 15.15 -3.65 -4.66
CA TYR A 79 15.92 -4.73 -5.20
C TYR A 79 15.05 -5.95 -5.14
N ASP A 80 15.44 -7.00 -5.89
CA ASP A 80 14.69 -8.23 -5.93
C ASP A 80 14.64 -8.83 -4.54
N ILE A 81 15.76 -8.73 -3.78
CA ILE A 81 15.79 -9.28 -2.46
C ILE A 81 15.87 -8.14 -1.48
N ASP A 82 15.74 -8.48 -0.16
CA ASP A 82 15.78 -7.49 0.91
C ASP A 82 14.35 -7.06 1.16
N LYS A 83 14.14 -6.25 2.21
CA LYS A 83 12.80 -5.81 2.53
C LYS A 83 12.43 -4.72 1.56
N ALA A 84 11.37 -4.97 0.78
CA ALA A 84 10.93 -4.00 -0.18
C ALA A 84 9.73 -3.30 0.38
N LEU A 85 9.02 -3.95 1.34
CA LEU A 85 7.87 -3.34 1.93
C LEU A 85 7.78 -3.82 3.34
N GLU A 86 7.57 -2.87 4.27
CA GLU A 86 7.47 -3.20 5.66
C GLU A 86 6.05 -2.91 6.05
N VAL A 87 5.35 -3.90 6.62
CA VAL A 87 3.97 -3.69 6.99
C VAL A 87 3.80 -4.09 8.42
N ASN A 88 2.76 -3.51 9.08
CA ASN A 88 2.49 -3.82 10.47
C ASN A 88 2.01 -5.24 10.58
N GLU A 89 1.12 -5.67 9.67
CA GLU A 89 0.61 -7.03 9.72
C GLU A 89 0.53 -7.52 8.32
N SER A 90 0.94 -8.77 8.11
CA SER A 90 0.94 -9.34 6.77
C SER A 90 -0.47 -9.52 6.26
N ASP A 91 -1.39 -10.01 7.12
CA ASP A 91 -2.74 -10.29 6.67
C ASP A 91 -3.50 -9.01 6.42
N ASP A 92 -3.37 -7.99 7.30
CA ASP A 92 -4.13 -6.78 7.09
C ASP A 92 -3.43 -5.66 7.81
N PRO A 93 -2.48 -5.06 7.15
CA PRO A 93 -1.73 -3.96 7.73
C PRO A 93 -2.45 -2.65 7.71
N ASN A 94 -2.39 -1.91 8.84
CA ASN A 94 -3.02 -0.62 8.91
C ASN A 94 -1.94 0.41 8.73
N SER A 95 -0.67 -0.05 8.73
CA SER A 95 0.44 0.84 8.54
C SER A 95 1.41 0.15 7.66
N VAL A 96 1.77 0.80 6.53
CA VAL A 96 2.71 0.23 5.60
C VAL A 96 3.70 1.31 5.31
N GLU A 97 5.02 1.01 5.43
CA GLU A 97 6.01 2.02 5.19
C GLU A 97 6.75 1.66 3.94
N VAL A 98 6.85 2.64 3.00
CA VAL A 98 7.56 2.40 1.76
C VAL A 98 9.02 2.61 2.03
N LEU A 99 9.83 1.56 1.76
CA LEU A 99 11.26 1.66 1.98
C LEU A 99 11.91 2.02 0.68
N CYS A 100 11.28 1.62 -0.45
CA CYS A 100 11.87 1.91 -1.73
C CYS A 100 10.78 1.91 -2.76
N HIS A 101 11.12 2.35 -4.00
CA HIS A 101 10.17 2.42 -5.07
C HIS A 101 9.94 1.06 -5.63
N CYS A 102 8.66 0.65 -5.70
CA CYS A 102 8.32 -0.63 -6.26
C CYS A 102 7.43 -0.33 -7.42
N PRO A 103 7.79 -0.79 -8.60
CA PRO A 103 7.00 -0.53 -9.79
C PRO A 103 5.69 -1.25 -9.79
N SER A 104 4.70 -0.71 -10.54
CA SER A 104 3.39 -1.31 -10.60
C SER A 104 3.45 -2.52 -11.49
N ASP A 105 4.60 -2.73 -12.16
CA ASP A 105 4.75 -3.88 -13.02
C ASP A 105 5.19 -5.04 -12.18
N LYS A 106 5.40 -4.79 -10.86
CA LYS A 106 5.82 -5.83 -9.97
C LYS A 106 4.85 -5.86 -8.83
N ILE A 107 4.83 -6.98 -8.09
CA ILE A 107 3.93 -7.12 -6.98
C ILE A 107 4.75 -7.39 -5.76
N TYR A 108 4.13 -7.20 -4.58
CA TYR A 108 4.81 -7.48 -3.35
C TYR A 108 4.44 -8.90 -3.02
N LEU A 109 5.45 -9.79 -2.96
CA LEU A 109 5.19 -11.17 -2.68
C LEU A 109 5.46 -11.41 -1.24
N TRP A 110 4.48 -12.01 -0.53
CA TRP A 110 4.63 -12.28 0.87
C TRP A 110 5.38 -13.57 1.04
N ILE A 111 6.52 -13.51 1.75
CA ILE A 111 7.31 -14.68 2.00
C ILE A 111 7.73 -14.63 3.43
N HIS A 112 8.08 -15.81 4.01
CA HIS A 112 8.50 -15.89 5.39
C HIS A 112 7.36 -15.44 6.27
N ARG A 113 7.67 -14.91 7.48
CA ARG A 113 6.63 -14.46 8.39
C ARG A 113 5.98 -13.22 7.85
N GLY A 114 6.80 -12.27 7.33
CA GLY A 114 6.23 -11.05 6.82
C GLY A 114 7.30 -10.30 6.10
N TYR A 115 7.95 -10.96 5.13
CA TYR A 115 8.97 -10.30 4.36
C TYR A 115 8.39 -10.08 3.00
N TYR A 116 8.22 -8.80 2.60
CA TYR A 116 7.67 -8.53 1.31
C TYR A 116 8.78 -8.08 0.41
N ILE A 117 8.83 -8.69 -0.79
CA ILE A 117 9.85 -8.36 -1.74
C ILE A 117 9.16 -8.03 -3.02
N CYS A 118 9.81 -7.22 -3.89
CA CYS A 118 9.21 -6.85 -5.14
C CYS A 118 9.64 -7.88 -6.14
N ILE A 119 8.65 -8.50 -6.82
CA ILE A 119 8.97 -9.51 -7.79
C ILE A 119 7.92 -9.43 -8.86
N THR A 120 8.30 -9.82 -10.10
CA THR A 120 7.35 -9.80 -11.19
C THR A 120 6.37 -10.92 -10.91
N PRO A 121 5.09 -10.63 -10.99
CA PRO A 121 4.07 -11.62 -10.69
C PRO A 121 4.03 -12.76 -11.68
N PRO A 122 4.21 -13.97 -11.22
CA PRO A 122 4.14 -15.14 -12.08
C PRO A 122 2.73 -15.61 -12.25
N GLN A 123 2.38 -16.02 -13.50
CA GLN A 123 1.04 -16.49 -13.74
C GLN A 123 1.02 -17.96 -13.42
N PRO A 124 0.14 -18.38 -12.53
CA PRO A 124 0.04 -19.79 -12.15
C PRO A 124 -0.19 -20.70 -13.33
N LYS A 1 -16.49 17.86 7.70
CA LYS A 1 -17.23 16.57 7.66
C LYS A 1 -16.68 15.68 6.57
N SER A 2 -16.50 16.24 5.37
CA SER A 2 -15.98 15.45 4.28
C SER A 2 -15.30 16.39 3.32
N HIS A 3 -14.44 15.84 2.45
CA HIS A 3 -13.74 16.66 1.50
C HIS A 3 -14.28 16.35 0.13
N THR A 4 -15.51 15.76 0.10
CA THR A 4 -16.16 15.40 -1.16
C THR A 4 -15.64 14.07 -1.61
N THR A 5 -14.31 13.84 -1.44
CA THR A 5 -13.73 12.58 -1.84
C THR A 5 -14.12 11.54 -0.83
N CYS A 6 -13.64 11.68 0.43
CA CYS A 6 -13.97 10.72 1.45
C CYS A 6 -14.24 11.48 2.72
N PRO A 7 -14.99 10.87 3.61
CA PRO A 7 -15.31 11.47 4.90
C PRO A 7 -14.09 11.75 5.73
N THR A 8 -14.15 12.78 6.60
CA THR A 8 -12.99 13.10 7.39
C THR A 8 -13.01 12.21 8.60
N SER A 9 -11.97 11.36 8.73
CA SER A 9 -11.88 10.47 9.85
C SER A 9 -11.13 11.19 10.94
N THR A 10 -11.67 11.16 12.17
CA THR A 10 -11.03 11.82 13.29
C THR A 10 -10.37 10.77 14.14
N GLU A 11 -10.40 9.50 13.68
CA GLU A 11 -9.80 8.43 14.46
C GLU A 11 -8.39 8.21 13.97
N ILE A 12 -7.94 9.03 13.01
CA ILE A 12 -6.61 8.87 12.49
C ILE A 12 -5.93 10.21 12.55
N ASP A 13 -4.60 10.22 12.30
CA ASP A 13 -3.86 11.45 12.33
C ASP A 13 -2.86 11.37 11.21
N SER A 14 -2.15 12.49 10.92
CA SER A 14 -1.18 12.49 9.86
C SER A 14 -0.01 11.66 10.29
N CYS A 15 0.54 10.86 9.34
CA CYS A 15 1.68 10.02 9.63
C CYS A 15 2.91 10.88 9.62
N SER A 16 3.93 10.48 10.42
CA SER A 16 5.16 11.23 10.49
C SER A 16 5.81 11.22 9.13
N ASN A 17 5.84 10.03 8.48
CA ASN A 17 6.45 9.94 7.18
C ASN A 17 5.34 9.94 6.17
N ASP A 18 5.55 10.69 5.07
CA ASP A 18 4.54 10.81 4.04
C ASP A 18 4.65 9.68 3.07
N ASN A 19 5.63 8.77 3.23
CA ASN A 19 5.79 7.67 2.29
C ASN A 19 5.04 6.48 2.79
N ASN A 20 4.05 6.68 3.69
CA ASN A 20 3.30 5.55 4.19
C ASN A 20 2.12 5.34 3.29
N ALA A 21 1.64 4.07 3.24
CA ALA A 21 0.50 3.75 2.41
C ALA A 21 -0.74 4.03 3.20
N CYS A 22 -1.84 4.31 2.50
CA CYS A 22 -3.08 4.61 3.18
C CYS A 22 -4.23 4.22 2.30
N GLY A 23 -5.18 3.46 2.88
CA GLY A 23 -6.36 3.08 2.16
C GLY A 23 -6.21 1.70 1.62
N LYS A 24 -7.36 1.01 1.51
CA LYS A 24 -7.39 -0.32 1.02
C LYS A 24 -8.79 -0.55 0.53
N ASP A 25 -8.98 -1.51 -0.41
CA ASP A 25 -10.29 -1.77 -0.93
C ASP A 25 -10.92 -2.86 -0.12
N VAL A 26 -11.97 -2.49 0.66
CA VAL A 26 -12.65 -3.47 1.47
C VAL A 26 -14.00 -3.75 0.85
N SER A 27 -14.98 -2.85 1.11
CA SER A 27 -16.30 -3.04 0.57
C SER A 27 -16.47 -2.12 -0.61
N GLY A 28 -15.37 -1.46 -1.03
CA GLY A 28 -15.44 -0.54 -2.14
C GLY A 28 -15.41 0.84 -1.57
N SER A 29 -15.67 0.97 -0.26
CA SER A 29 -15.63 2.25 0.39
C SER A 29 -14.18 2.56 0.63
N CYS A 30 -13.83 3.87 0.63
CA CYS A 30 -12.45 4.24 0.84
C CYS A 30 -12.19 4.21 2.31
N SER A 31 -11.25 3.31 2.73
CA SER A 31 -10.91 3.21 4.13
C SER A 31 -9.78 4.17 4.38
N SER A 32 -9.77 4.78 5.59
CA SER A 32 -8.71 5.71 5.93
C SER A 32 -7.88 5.02 6.98
N LEU A 33 -6.56 4.94 6.74
CA LEU A 33 -5.69 4.28 7.70
C LEU A 33 -4.82 5.29 8.34
N CYS A 34 -4.41 6.33 7.58
CA CYS A 34 -3.55 7.35 8.14
C CYS A 34 -3.59 8.53 7.22
N ASN A 35 -3.57 9.74 7.80
CA ASN A 35 -3.62 10.93 6.99
C ASN A 35 -2.26 11.16 6.41
N CYS A 36 -2.22 11.69 5.16
CA CYS A 36 -0.96 11.92 4.50
C CYS A 36 -0.74 13.40 4.46
N GLY A 37 0.49 13.85 4.78
CA GLY A 37 0.79 15.26 4.76
C GLY A 37 0.00 15.97 5.83
N ASN A 38 -0.74 17.02 5.44
CA ASN A 38 -1.51 17.79 6.38
C ASN A 38 -2.91 17.25 6.44
N GLY A 39 -3.18 16.15 5.71
CA GLY A 39 -4.53 15.60 5.72
C GLY A 39 -4.98 15.46 4.30
N GLN A 40 -4.09 14.97 3.43
CA GLN A 40 -4.44 14.78 2.04
C GLN A 40 -5.32 13.57 1.96
N THR A 41 -6.39 13.66 1.14
CA THR A 41 -7.30 12.55 1.00
C THR A 41 -6.55 11.38 0.43
N CYS A 42 -6.67 10.23 1.11
CA CYS A 42 -5.97 9.02 0.71
C CYS A 42 -6.50 8.56 -0.62
N PHE A 43 -7.83 8.68 -0.84
CA PHE A 43 -8.46 8.25 -2.07
C PHE A 43 -7.92 9.02 -3.25
N THR A 44 -7.65 10.33 -3.08
CA THR A 44 -7.18 11.12 -4.20
C THR A 44 -5.77 10.72 -4.58
N ASP A 45 -5.11 9.90 -3.73
CA ASP A 45 -3.76 9.47 -4.03
C ASP A 45 -3.82 8.07 -4.58
N SER A 46 -4.93 7.73 -5.29
CA SER A 46 -5.08 6.40 -5.84
C SER A 46 -4.28 6.29 -7.11
N ASN A 47 -3.68 7.40 -7.56
CA ASN A 47 -2.90 7.37 -8.78
C ASN A 47 -1.58 6.70 -8.50
N HIS A 48 -1.27 6.48 -7.20
CA HIS A 48 -0.02 5.85 -6.83
C HIS A 48 -0.32 4.50 -6.25
N THR A 49 -1.46 3.90 -6.66
CA THR A 49 -1.86 2.60 -6.15
C THR A 49 -0.79 1.59 -6.46
N ILE A 50 -0.66 0.58 -5.57
CA ILE A 50 0.32 -0.46 -5.73
C ILE A 50 -0.41 -1.77 -5.63
N THR A 51 0.26 -2.88 -6.04
CA THR A 51 -0.36 -4.18 -5.98
C THR A 51 0.36 -4.98 -4.95
N LEU A 52 -0.40 -5.53 -3.98
CA LEU A 52 0.18 -6.33 -2.92
C LEU A 52 -0.48 -7.67 -2.98
N VAL A 53 0.34 -8.76 -2.99
CA VAL A 53 -0.21 -10.09 -3.02
C VAL A 53 0.15 -10.78 -1.73
N PRO A 54 -0.80 -10.84 -0.81
CA PRO A 54 -0.57 -11.49 0.47
C PRO A 54 -0.58 -12.99 0.39
N TYR A 55 -1.35 -13.55 -0.56
CA TYR A 55 -1.40 -14.99 -0.70
C TYR A 55 -1.92 -15.31 -2.06
N TYR A 56 -1.74 -16.59 -2.48
CA TYR A 56 -2.19 -17.04 -3.76
C TYR A 56 -3.39 -17.91 -3.55
N THR A 57 -4.27 -18.00 -4.58
CA THR A 57 -5.45 -18.82 -4.48
C THR A 57 -5.44 -19.77 -5.63
N GLU A 58 -6.36 -20.75 -5.62
CA GLU A 58 -6.43 -21.74 -6.66
C GLU A 58 -6.79 -21.05 -7.96
N ASP A 59 -7.65 -20.02 -7.89
CA ASP A 59 -8.07 -19.32 -9.09
C ASP A 59 -6.90 -18.56 -9.66
N GLY A 60 -5.92 -18.19 -8.82
CA GLY A 60 -4.77 -17.46 -9.33
C GLY A 60 -4.29 -16.56 -8.23
N PRO A 61 -3.49 -15.60 -8.63
CA PRO A 61 -2.94 -14.63 -7.70
C PRO A 61 -3.99 -13.70 -7.14
N PHE A 62 -3.92 -13.42 -5.83
CA PHE A 62 -4.88 -12.53 -5.24
C PHE A 62 -4.19 -11.20 -5.15
N GLU A 63 -4.70 -10.21 -5.89
CA GLU A 63 -4.07 -8.92 -5.90
C GLU A 63 -4.91 -7.97 -5.09
N LYS A 64 -4.26 -7.31 -4.11
CA LYS A 64 -4.95 -6.35 -3.29
C LYS A 64 -4.38 -5.01 -3.64
N LYS A 65 -5.26 -4.01 -3.83
CA LYS A 65 -4.80 -2.70 -4.19
C LYS A 65 -4.66 -1.88 -2.94
N TYR A 66 -3.56 -1.11 -2.88
CA TYR A 66 -3.30 -0.25 -1.76
C TYR A 66 -2.90 1.05 -2.36
N TYR A 67 -3.12 2.16 -1.65
CA TYR A 67 -2.77 3.45 -2.19
C TYR A 67 -1.61 3.94 -1.39
N THR A 68 -0.70 4.71 -2.02
CA THR A 68 0.47 5.17 -1.30
C THR A 68 0.55 6.66 -1.43
N CYS A 69 1.30 7.28 -0.50
CA CYS A 69 1.48 8.70 -0.50
C CYS A 69 2.94 8.96 -0.59
N GLY A 70 3.32 10.18 -1.04
CA GLY A 70 4.72 10.54 -1.11
C GLY A 70 5.19 10.38 -2.53
N ASP A 71 4.48 9.56 -3.33
CA ASP A 71 4.86 9.36 -4.72
C ASP A 71 6.28 8.84 -4.79
N PRO A 72 6.47 7.56 -4.50
CA PRO A 72 7.79 6.96 -4.54
C PRO A 72 8.36 6.79 -5.94
N SER A 73 7.90 7.64 -6.88
CA SER A 73 8.39 7.56 -8.25
C SER A 73 9.86 7.94 -8.25
N GLU A 74 10.23 8.93 -7.42
CA GLU A 74 11.61 9.38 -7.36
C GLU A 74 12.41 8.47 -6.48
N LEU A 75 11.76 7.47 -5.83
CA LEU A 75 12.47 6.57 -4.98
C LEU A 75 13.26 5.63 -5.85
N ASP A 76 14.32 5.03 -5.28
CA ASP A 76 15.17 4.14 -6.04
C ASP A 76 14.37 2.89 -6.36
N GLU A 77 14.66 2.30 -7.55
CA GLU A 77 13.97 1.10 -7.96
C GLU A 77 14.30 0.02 -6.98
N CYS A 78 13.28 -0.74 -6.56
CA CYS A 78 13.47 -1.78 -5.59
C CYS A 78 14.15 -2.94 -6.24
N TYR A 79 15.00 -3.64 -5.45
CA TYR A 79 15.70 -4.78 -5.96
C TYR A 79 14.82 -5.97 -5.73
N ASP A 80 15.15 -7.10 -6.42
CA ASP A 80 14.35 -8.30 -6.31
C ASP A 80 14.35 -8.81 -4.89
N ILE A 81 15.49 -8.70 -4.18
CA ILE A 81 15.56 -9.18 -2.82
C ILE A 81 15.78 -8.02 -1.90
N ASP A 82 15.63 -8.29 -0.57
CA ASP A 82 15.80 -7.29 0.48
C ASP A 82 14.43 -6.81 0.86
N LYS A 83 14.35 -6.04 1.97
CA LYS A 83 13.08 -5.55 2.44
C LYS A 83 12.54 -4.60 1.41
N ALA A 84 11.32 -4.89 0.92
CA ALA A 84 10.72 -4.05 -0.09
C ALA A 84 9.56 -3.33 0.51
N LEU A 85 8.82 -3.98 1.43
CA LEU A 85 7.68 -3.33 2.02
C LEU A 85 7.64 -3.70 3.46
N GLU A 86 7.39 -2.70 4.33
CA GLU A 86 7.34 -2.94 5.75
C GLU A 86 5.92 -2.68 6.16
N VAL A 87 5.27 -3.69 6.77
CA VAL A 87 3.91 -3.53 7.20
C VAL A 87 3.83 -3.99 8.62
N ASN A 88 2.84 -3.45 9.39
CA ASN A 88 2.70 -3.83 10.77
C ASN A 88 1.90 -5.10 10.88
N GLU A 89 1.25 -5.54 9.78
CA GLU A 89 0.46 -6.75 9.84
C GLU A 89 0.51 -7.40 8.50
N SER A 90 0.69 -8.73 8.51
CA SER A 90 0.78 -9.48 7.27
C SER A 90 -0.54 -9.55 6.56
N ASP A 91 -1.67 -9.70 7.30
CA ASP A 91 -2.95 -9.86 6.65
C ASP A 91 -3.56 -8.52 6.31
N ASP A 92 -3.89 -7.70 7.33
CA ASP A 92 -4.54 -6.43 7.06
C ASP A 92 -3.79 -5.33 7.77
N PRO A 93 -2.71 -4.88 7.19
CA PRO A 93 -1.92 -3.81 7.77
C PRO A 93 -2.58 -2.47 7.67
N ASN A 94 -2.43 -1.65 8.71
CA ASN A 94 -3.00 -0.32 8.70
C ASN A 94 -1.85 0.65 8.71
N SER A 95 -0.62 0.11 8.74
CA SER A 95 0.55 0.96 8.72
C SER A 95 1.52 0.31 7.79
N VAL A 96 1.71 0.93 6.61
CA VAL A 96 2.61 0.38 5.63
C VAL A 96 3.56 1.49 5.25
N GLU A 97 4.88 1.22 5.32
CA GLU A 97 5.84 2.25 5.00
C GLU A 97 6.54 1.84 3.73
N VAL A 98 6.61 2.77 2.76
CA VAL A 98 7.28 2.50 1.50
C VAL A 98 8.76 2.69 1.72
N LEU A 99 9.56 1.64 1.43
CA LEU A 99 10.99 1.72 1.59
C LEU A 99 11.61 1.87 0.24
N CYS A 100 10.91 1.38 -0.81
CA CYS A 100 11.46 1.43 -2.14
C CYS A 100 10.35 1.55 -3.13
N HIS A 101 10.73 1.84 -4.41
CA HIS A 101 9.75 2.00 -5.45
C HIS A 101 9.65 0.73 -6.22
N CYS A 102 8.39 0.25 -6.42
CA CYS A 102 8.18 -0.95 -7.20
C CYS A 102 7.31 -0.54 -8.35
N PRO A 103 7.63 -1.05 -9.53
CA PRO A 103 6.87 -0.74 -10.72
C PRO A 103 5.57 -1.48 -10.76
N SER A 104 4.67 -1.09 -11.69
CA SER A 104 3.39 -1.72 -11.80
C SER A 104 3.57 -3.10 -12.39
N ASP A 105 4.79 -3.42 -12.85
CA ASP A 105 5.05 -4.72 -13.43
C ASP A 105 5.52 -5.65 -12.34
N LYS A 106 5.56 -5.17 -11.08
CA LYS A 106 6.00 -6.01 -9.98
C LYS A 106 4.99 -5.92 -8.89
N ILE A 107 4.99 -6.94 -8.01
CA ILE A 107 4.09 -6.98 -6.90
C ILE A 107 4.88 -7.20 -5.66
N TYR A 108 4.24 -6.96 -4.50
CA TYR A 108 4.90 -7.18 -3.25
C TYR A 108 4.45 -8.55 -2.83
N LEU A 109 5.41 -9.49 -2.73
CA LEU A 109 5.07 -10.85 -2.39
C LEU A 109 5.35 -11.06 -0.93
N TRP A 110 4.34 -11.62 -0.23
CA TRP A 110 4.47 -11.89 1.19
C TRP A 110 5.12 -13.24 1.34
N ILE A 111 6.26 -13.27 2.06
CA ILE A 111 6.95 -14.52 2.29
C ILE A 111 7.38 -14.56 3.73
N HIS A 112 7.58 -15.78 4.27
CA HIS A 112 8.03 -15.95 5.63
C HIS A 112 6.95 -15.45 6.56
N ARG A 113 7.34 -15.10 7.81
CA ARG A 113 6.40 -14.62 8.79
C ARG A 113 5.78 -13.34 8.31
N GLY A 114 6.61 -12.41 7.80
CA GLY A 114 6.09 -11.15 7.34
C GLY A 114 7.19 -10.39 6.70
N TYR A 115 7.67 -10.88 5.54
CA TYR A 115 8.73 -10.20 4.84
C TYR A 115 8.22 -10.01 3.44
N TYR A 116 8.22 -8.75 2.95
CA TYR A 116 7.73 -8.50 1.62
C TYR A 116 8.90 -8.17 0.74
N ILE A 117 8.88 -8.77 -0.47
CA ILE A 117 9.94 -8.55 -1.42
C ILE A 117 9.30 -8.07 -2.69
N CYS A 118 10.09 -7.35 -3.52
CA CYS A 118 9.57 -6.81 -4.76
C CYS A 118 9.93 -7.81 -5.82
N ILE A 119 8.92 -8.41 -6.48
CA ILE A 119 9.23 -9.39 -7.49
C ILE A 119 8.13 -9.36 -8.52
N THR A 120 8.47 -9.76 -9.77
CA THR A 120 7.51 -9.79 -10.84
C THR A 120 6.60 -10.96 -10.53
N PRO A 121 5.30 -10.74 -10.61
CA PRO A 121 4.33 -11.78 -10.28
C PRO A 121 4.36 -12.96 -11.22
N PRO A 122 4.61 -14.15 -10.71
CA PRO A 122 4.63 -15.35 -11.52
C PRO A 122 3.25 -15.86 -11.79
N GLN A 123 3.04 -16.43 -12.99
CA GLN A 123 1.74 -16.96 -13.35
C GLN A 123 1.68 -18.37 -12.82
N PRO A 124 0.67 -18.67 -12.04
CA PRO A 124 0.52 -20.01 -11.49
C PRO A 124 -0.04 -20.99 -12.48
N LYS A 1 -21.27 13.04 1.40
CA LYS A 1 -22.54 13.28 0.66
C LYS A 1 -22.27 13.73 -0.75
N SER A 2 -21.17 14.50 -0.94
CA SER A 2 -20.84 14.98 -2.26
C SER A 2 -20.00 13.93 -2.96
N HIS A 3 -19.56 12.90 -2.19
CA HIS A 3 -18.75 11.83 -2.75
C HIS A 3 -17.50 12.43 -3.34
N THR A 4 -16.89 13.42 -2.64
CA THR A 4 -15.70 14.04 -3.13
C THR A 4 -14.58 13.62 -2.23
N THR A 5 -13.51 13.02 -2.82
CA THR A 5 -12.36 12.56 -2.06
C THR A 5 -12.82 11.66 -0.94
N CYS A 6 -12.02 11.59 0.15
CA CYS A 6 -12.39 10.77 1.28
C CYS A 6 -12.28 11.65 2.49
N PRO A 7 -13.12 11.39 3.46
CA PRO A 7 -13.12 12.18 4.69
C PRO A 7 -11.93 11.90 5.55
N THR A 8 -11.55 12.89 6.39
CA THR A 8 -10.42 12.71 7.26
C THR A 8 -10.95 12.24 8.58
N SER A 9 -10.51 11.04 9.01
CA SER A 9 -10.97 10.50 10.26
C SER A 9 -10.11 11.08 11.35
N THR A 10 -10.72 11.30 12.54
CA THR A 10 -9.99 11.87 13.64
C THR A 10 -9.38 10.75 14.46
N GLU A 11 -9.79 9.49 14.17
CA GLU A 11 -9.26 8.36 14.91
C GLU A 11 -7.87 8.06 14.39
N ILE A 12 -7.46 8.72 13.29
CA ILE A 12 -6.15 8.48 12.74
C ILE A 12 -5.42 9.79 12.76
N ASP A 13 -4.07 9.72 12.69
CA ASP A 13 -3.28 10.92 12.72
C ASP A 13 -2.34 10.85 11.54
N SER A 14 -1.58 11.94 11.31
CA SER A 14 -0.64 11.96 10.22
C SER A 14 0.52 11.07 10.56
N CYS A 15 1.01 10.30 9.57
CA CYS A 15 2.13 9.42 9.80
C CYS A 15 3.37 10.26 9.89
N SER A 16 4.38 9.79 10.66
CA SER A 16 5.60 10.53 10.82
C SER A 16 6.28 10.67 9.48
N ASN A 17 6.29 9.58 8.69
CA ASN A 17 6.92 9.61 7.39
C ASN A 17 5.82 9.71 6.38
N ASP A 18 6.05 10.51 5.32
CA ASP A 18 5.06 10.71 4.30
C ASP A 18 5.14 9.59 3.28
N ASN A 19 6.11 8.66 3.43
CA ASN A 19 6.23 7.58 2.47
C ASN A 19 5.37 6.44 2.92
N ASN A 20 4.51 6.65 3.93
CA ASN A 20 3.66 5.57 4.39
C ASN A 20 2.47 5.48 3.49
N ALA A 21 1.90 4.26 3.40
CA ALA A 21 0.74 4.03 2.59
C ALA A 21 -0.46 4.18 3.47
N CYS A 22 -1.63 4.44 2.87
CA CYS A 22 -2.81 4.62 3.65
C CYS A 22 -4.00 4.21 2.84
N GLY A 23 -5.10 3.85 3.54
CA GLY A 23 -6.33 3.49 2.89
C GLY A 23 -6.25 2.08 2.43
N LYS A 24 -7.43 1.50 2.14
CA LYS A 24 -7.51 0.15 1.68
C LYS A 24 -8.90 -0.05 1.15
N ASP A 25 -9.08 -1.04 0.26
CA ASP A 25 -10.38 -1.30 -0.30
C ASP A 25 -10.99 -2.39 0.53
N VAL A 26 -12.00 -2.04 1.34
CA VAL A 26 -12.65 -3.02 2.18
C VAL A 26 -13.84 -3.57 1.44
N SER A 27 -15.05 -3.00 1.67
CA SER A 27 -16.24 -3.47 1.00
C SER A 27 -16.55 -2.52 -0.12
N GLY A 28 -15.63 -1.57 -0.38
CA GLY A 28 -15.85 -0.60 -1.42
C GLY A 28 -15.92 0.74 -0.77
N SER A 29 -15.86 0.77 0.58
CA SER A 29 -15.91 2.02 1.30
C SER A 29 -14.52 2.54 1.34
N CYS A 30 -14.35 3.88 1.41
CA CYS A 30 -13.02 4.43 1.45
C CYS A 30 -12.57 4.37 2.87
N SER A 31 -11.54 3.52 3.13
CA SER A 31 -11.02 3.37 4.46
C SER A 31 -9.85 4.30 4.60
N SER A 32 -9.60 4.77 5.85
CA SER A 32 -8.48 5.64 6.11
C SER A 32 -7.74 4.99 7.24
N LEU A 33 -6.42 4.77 7.07
CA LEU A 33 -5.65 4.11 8.10
C LEU A 33 -4.68 5.09 8.69
N CYS A 34 -4.17 6.02 7.87
CA CYS A 34 -3.22 7.00 8.37
C CYS A 34 -3.32 8.20 7.50
N ASN A 35 -3.20 9.38 8.12
CA ASN A 35 -3.27 10.62 7.39
C ASN A 35 -1.91 10.88 6.79
N CYS A 36 -1.87 11.64 5.67
CA CYS A 36 -0.62 11.92 5.03
C CYS A 36 -0.41 13.40 5.08
N GLY A 37 0.85 13.83 5.29
CA GLY A 37 1.14 15.25 5.34
C GLY A 37 0.50 15.85 6.55
N ASN A 38 -0.28 16.93 6.34
CA ASN A 38 -0.93 17.61 7.44
C ASN A 38 -2.33 17.07 7.59
N GLY A 39 -2.71 16.07 6.76
CA GLY A 39 -4.05 15.52 6.84
C GLY A 39 -4.61 15.50 5.46
N GLN A 40 -3.80 15.06 4.48
CA GLN A 40 -4.25 14.99 3.11
C GLN A 40 -5.08 13.75 2.95
N THR A 41 -6.04 13.82 2.01
CA THR A 41 -6.91 12.70 1.77
C THR A 41 -6.13 11.66 1.00
N CYS A 42 -6.48 10.37 1.20
CA CYS A 42 -5.76 9.31 0.53
C CYS A 42 -6.37 9.09 -0.83
N PHE A 43 -7.51 9.75 -1.12
CA PHE A 43 -8.17 9.58 -2.39
C PHE A 43 -7.31 10.15 -3.49
N THR A 44 -6.70 11.33 -3.24
CA THR A 44 -5.88 11.96 -4.26
C THR A 44 -4.59 11.20 -4.42
N ASP A 45 -4.28 10.30 -3.48
CA ASP A 45 -3.06 9.54 -3.55
C ASP A 45 -3.37 8.19 -4.15
N SER A 46 -4.61 8.02 -4.67
CA SER A 46 -5.01 6.75 -5.25
C SER A 46 -4.31 6.56 -6.57
N ASN A 47 -3.69 7.64 -7.11
CA ASN A 47 -3.00 7.53 -8.37
C ASN A 47 -1.69 6.80 -8.15
N HIS A 48 -1.32 6.60 -6.87
CA HIS A 48 -0.08 5.93 -6.57
C HIS A 48 -0.41 4.59 -5.97
N THR A 49 -1.60 4.04 -6.31
CA THR A 49 -2.03 2.76 -5.78
C THR A 49 -1.00 1.71 -6.14
N ILE A 50 -0.87 0.71 -5.24
CA ILE A 50 0.08 -0.36 -5.44
C ILE A 50 -0.68 -1.66 -5.37
N THR A 51 -0.04 -2.75 -5.84
CA THR A 51 -0.69 -4.05 -5.79
C THR A 51 0.06 -4.89 -4.80
N LEU A 52 -0.69 -5.45 -3.83
CA LEU A 52 -0.08 -6.27 -2.80
C LEU A 52 -0.71 -7.63 -2.91
N VAL A 53 0.13 -8.69 -2.99
CA VAL A 53 -0.39 -10.03 -3.09
C VAL A 53 0.08 -10.81 -1.90
N PRO A 54 -0.77 -10.96 -0.91
CA PRO A 54 -0.44 -11.71 0.29
C PRO A 54 -0.45 -13.20 0.07
N TYR A 55 -1.28 -13.68 -0.87
CA TYR A 55 -1.34 -15.10 -1.12
C TYR A 55 -1.95 -15.31 -2.46
N TYR A 56 -1.80 -16.54 -3.00
CA TYR A 56 -2.34 -16.87 -4.29
C TYR A 56 -3.43 -17.88 -4.07
N THR A 57 -4.40 -17.95 -5.00
CA THR A 57 -5.49 -18.88 -4.87
C THR A 57 -5.54 -19.70 -6.12
N GLU A 58 -6.33 -20.78 -6.10
CA GLU A 58 -6.46 -21.65 -7.24
C GLU A 58 -7.10 -20.89 -8.37
N ASP A 59 -8.06 -19.99 -8.03
CA ASP A 59 -8.75 -19.23 -9.04
C ASP A 59 -7.79 -18.27 -9.70
N GLY A 60 -6.72 -17.86 -9.00
CA GLY A 60 -5.78 -16.94 -9.60
C GLY A 60 -5.15 -16.13 -8.51
N PRO A 61 -4.48 -15.09 -8.93
CA PRO A 61 -3.80 -14.18 -8.02
C PRO A 61 -4.77 -13.34 -7.23
N PHE A 62 -4.47 -13.17 -5.92
CA PHE A 62 -5.33 -12.36 -5.08
C PHE A 62 -4.60 -11.07 -4.95
N GLU A 63 -5.21 -9.97 -5.45
CA GLU A 63 -4.54 -8.69 -5.43
C GLU A 63 -5.29 -7.76 -4.52
N LYS A 64 -4.52 -7.02 -3.70
CA LYS A 64 -5.07 -6.05 -2.81
C LYS A 64 -4.55 -4.72 -3.28
N LYS A 65 -5.36 -3.65 -3.11
CA LYS A 65 -4.96 -2.35 -3.55
C LYS A 65 -4.79 -1.49 -2.34
N TYR A 66 -3.68 -0.75 -2.31
CA TYR A 66 -3.37 0.14 -1.22
C TYR A 66 -2.88 1.40 -1.85
N TYR A 67 -3.18 2.56 -1.22
CA TYR A 67 -2.77 3.82 -1.79
C TYR A 67 -1.53 4.21 -1.05
N THR A 68 -0.59 4.90 -1.73
CA THR A 68 0.63 5.27 -1.07
C THR A 68 0.82 6.75 -1.17
N CYS A 69 1.57 7.31 -0.20
CA CYS A 69 1.82 8.72 -0.18
C CYS A 69 3.30 8.91 -0.30
N GLY A 70 3.72 10.13 -0.73
CA GLY A 70 5.12 10.44 -0.84
C GLY A 70 5.53 10.33 -2.27
N ASP A 71 4.77 9.56 -3.07
CA ASP A 71 5.09 9.42 -4.48
C ASP A 71 6.52 8.93 -4.62
N PRO A 72 6.75 7.68 -4.29
CA PRO A 72 8.10 7.11 -4.36
C PRO A 72 8.54 6.82 -5.77
N SER A 73 8.36 7.79 -6.69
CA SER A 73 8.77 7.60 -8.06
C SER A 73 10.22 8.01 -8.18
N GLU A 74 10.69 8.87 -7.26
CA GLU A 74 12.06 9.33 -7.30
C GLU A 74 12.86 8.49 -6.34
N LEU A 75 12.21 7.52 -5.69
CA LEU A 75 12.88 6.67 -4.75
C LEU A 75 13.67 5.66 -5.52
N ASP A 76 14.70 5.08 -4.87
CA ASP A 76 15.54 4.09 -5.52
C ASP A 76 14.70 2.86 -5.75
N GLU A 77 15.00 2.14 -6.86
CA GLU A 77 14.25 0.94 -7.19
C GLU A 77 14.55 -0.11 -6.15
N CYS A 78 13.50 -0.85 -5.74
CA CYS A 78 13.65 -1.89 -4.75
C CYS A 78 14.48 -3.00 -5.34
N TYR A 79 15.30 -3.65 -4.49
CA TYR A 79 16.12 -4.74 -4.94
C TYR A 79 15.24 -5.95 -4.99
N ASP A 80 15.65 -6.97 -5.78
CA ASP A 80 14.85 -8.18 -5.91
C ASP A 80 14.75 -8.86 -4.57
N ILE A 81 15.85 -8.89 -3.79
CA ILE A 81 15.82 -9.54 -2.49
C ILE A 81 16.19 -8.53 -1.45
N ASP A 82 15.17 -7.84 -0.91
CA ASP A 82 15.41 -6.86 0.10
C ASP A 82 14.05 -6.47 0.61
N LYS A 83 14.00 -5.79 1.78
CA LYS A 83 12.73 -5.39 2.32
C LYS A 83 12.16 -4.33 1.42
N ALA A 84 11.15 -4.74 0.62
CA ALA A 84 10.56 -3.81 -0.31
C ALA A 84 9.38 -3.15 0.35
N LEU A 85 8.80 -3.82 1.37
CA LEU A 85 7.66 -3.24 2.02
C LEU A 85 7.67 -3.69 3.45
N GLU A 86 7.40 -2.74 4.37
CA GLU A 86 7.39 -3.06 5.77
C GLU A 86 6.00 -2.75 6.26
N VAL A 87 5.34 -3.76 6.87
CA VAL A 87 3.99 -3.57 7.35
C VAL A 87 3.90 -4.12 8.74
N ASN A 88 2.87 -3.67 9.51
CA ASN A 88 2.71 -4.15 10.85
C ASN A 88 2.12 -5.53 10.82
N GLU A 89 1.26 -5.82 9.82
CA GLU A 89 0.67 -7.13 9.71
C GLU A 89 0.49 -7.41 8.27
N SER A 90 0.90 -8.60 7.83
CA SER A 90 0.81 -8.96 6.43
C SER A 90 -0.62 -9.23 6.03
N ASP A 91 -1.42 -9.85 6.91
CA ASP A 91 -2.79 -10.20 6.57
C ASP A 91 -3.62 -8.95 6.39
N ASP A 92 -3.47 -7.95 7.29
CA ASP A 92 -4.26 -6.75 7.17
C ASP A 92 -3.45 -5.63 7.77
N PRO A 93 -2.58 -5.05 6.97
CA PRO A 93 -1.74 -3.97 7.43
C PRO A 93 -2.47 -2.68 7.59
N ASN A 94 -2.12 -1.93 8.66
CA ASN A 94 -2.73 -0.66 8.90
C ASN A 94 -1.70 0.38 8.62
N SER A 95 -0.42 0.02 8.84
CA SER A 95 0.66 0.93 8.58
C SER A 95 1.56 0.26 7.61
N VAL A 96 1.78 0.90 6.46
CA VAL A 96 2.65 0.36 5.45
C VAL A 96 3.66 1.42 5.16
N GLU A 97 4.97 1.09 5.24
CA GLU A 97 5.98 2.08 5.00
C GLU A 97 6.71 1.73 3.73
N VAL A 98 6.83 2.72 2.81
CA VAL A 98 7.54 2.50 1.58
C VAL A 98 9.00 2.70 1.87
N LEU A 99 9.80 1.64 1.61
CA LEU A 99 11.22 1.71 1.85
C LEU A 99 11.90 2.06 0.55
N CYS A 100 11.27 1.68 -0.58
CA CYS A 100 11.88 1.94 -1.85
C CYS A 100 10.81 1.93 -2.90
N HIS A 101 11.17 2.34 -4.15
CA HIS A 101 10.21 2.41 -5.22
C HIS A 101 9.98 1.03 -5.76
N CYS A 102 8.70 0.64 -5.82
CA CYS A 102 8.34 -0.65 -6.36
C CYS A 102 7.45 -0.34 -7.53
N PRO A 103 7.81 -0.81 -8.71
CA PRO A 103 7.01 -0.53 -9.89
C PRO A 103 5.70 -1.26 -9.90
N SER A 104 4.70 -0.69 -10.62
CA SER A 104 3.38 -1.28 -10.67
C SER A 104 3.42 -2.52 -11.52
N ASP A 105 4.54 -2.73 -12.25
CA ASP A 105 4.66 -3.90 -13.09
C ASP A 105 5.05 -5.06 -12.20
N LYS A 106 5.31 -4.78 -10.91
CA LYS A 106 5.70 -5.82 -9.99
C LYS A 106 4.75 -5.80 -8.85
N ILE A 107 4.72 -6.90 -8.08
CA ILE A 107 3.82 -7.00 -6.96
C ILE A 107 4.65 -7.27 -5.74
N TYR A 108 4.04 -7.06 -4.56
CA TYR A 108 4.73 -7.34 -3.33
C TYR A 108 4.35 -8.73 -2.98
N LEU A 109 5.37 -9.63 -2.91
CA LEU A 109 5.10 -11.02 -2.61
C LEU A 109 5.37 -11.22 -1.16
N TRP A 110 4.39 -11.82 -0.45
CA TRP A 110 4.52 -12.06 0.97
C TRP A 110 5.24 -13.36 1.18
N ILE A 111 6.39 -13.29 1.90
CA ILE A 111 7.14 -14.47 2.22
C ILE A 111 7.56 -14.32 3.66
N HIS A 112 7.81 -15.46 4.34
CA HIS A 112 8.22 -15.42 5.73
C HIS A 112 7.07 -14.90 6.56
N ARG A 113 7.37 -14.38 7.77
CA ARG A 113 6.32 -13.86 8.64
C ARG A 113 5.67 -12.67 7.97
N GLY A 114 6.48 -11.74 7.45
CA GLY A 114 5.92 -10.57 6.81
C GLY A 114 7.01 -9.87 6.10
N TYR A 115 7.72 -10.59 5.22
CA TYR A 115 8.79 -9.98 4.48
C TYR A 115 8.27 -9.83 3.08
N TYR A 116 8.16 -8.57 2.60
CA TYR A 116 7.65 -8.36 1.26
C TYR A 116 8.79 -8.00 0.37
N ILE A 117 8.81 -8.60 -0.83
CA ILE A 117 9.82 -8.33 -1.80
C ILE A 117 9.12 -8.00 -3.07
N CYS A 118 9.78 -7.23 -3.97
CA CYS A 118 9.16 -6.86 -5.21
C CYS A 118 9.54 -7.91 -6.21
N ILE A 119 8.54 -8.51 -6.86
CA ILE A 119 8.82 -9.53 -7.83
C ILE A 119 7.75 -9.45 -8.87
N THR A 120 8.08 -9.87 -10.12
CA THR A 120 7.12 -9.84 -11.19
C THR A 120 6.12 -10.94 -10.87
N PRO A 121 4.84 -10.63 -10.90
CA PRO A 121 3.81 -11.61 -10.57
C PRO A 121 3.73 -12.75 -11.54
N PRO A 122 3.82 -13.97 -11.06
CA PRO A 122 3.71 -15.14 -11.91
C PRO A 122 2.27 -15.44 -12.26
N GLN A 123 2.04 -15.93 -13.49
CA GLN A 123 0.69 -16.24 -13.89
C GLN A 123 0.39 -17.64 -13.43
N PRO A 124 -0.80 -17.85 -12.91
CA PRO A 124 -1.20 -19.18 -12.43
C PRO A 124 -1.22 -20.20 -13.53
N LYS A 1 -13.95 14.06 -11.35
CA LYS A 1 -12.62 14.63 -11.02
C LYS A 1 -12.58 15.03 -9.57
N SER A 2 -12.34 14.04 -8.67
CA SER A 2 -12.27 14.29 -7.25
C SER A 2 -13.59 14.85 -6.79
N HIS A 3 -14.70 14.29 -7.33
CA HIS A 3 -16.02 14.74 -6.95
C HIS A 3 -16.20 14.47 -5.48
N THR A 4 -15.77 13.26 -5.03
CA THR A 4 -15.90 12.91 -3.64
C THR A 4 -14.54 12.50 -3.17
N THR A 5 -14.32 12.57 -1.84
CA THR A 5 -13.04 12.20 -1.29
C THR A 5 -13.30 11.36 -0.07
N CYS A 6 -12.27 10.62 0.39
CA CYS A 6 -12.40 9.78 1.56
C CYS A 6 -12.49 10.68 2.76
N PRO A 7 -13.24 10.26 3.75
CA PRO A 7 -13.39 11.04 4.97
C PRO A 7 -12.16 11.00 5.84
N THR A 8 -11.94 12.08 6.62
CA THR A 8 -10.80 12.13 7.49
C THR A 8 -11.27 11.77 8.86
N SER A 9 -10.73 10.67 9.41
CA SER A 9 -11.13 10.24 10.74
C SER A 9 -10.22 10.93 11.72
N THR A 10 -10.77 11.22 12.93
CA THR A 10 -9.98 11.88 13.94
C THR A 10 -9.48 10.83 14.90
N GLU A 11 -9.82 9.55 14.64
CA GLU A 11 -9.37 8.48 15.50
C GLU A 11 -7.98 8.08 15.10
N ILE A 12 -7.45 8.71 14.02
CA ILE A 12 -6.14 8.36 13.54
C ILE A 12 -5.28 9.59 13.65
N ASP A 13 -3.95 9.38 13.74
CA ASP A 13 -3.03 10.48 13.86
C ASP A 13 -2.32 10.61 12.55
N SER A 14 -1.64 11.77 12.34
CA SER A 14 -0.90 11.98 11.13
C SER A 14 0.28 11.05 11.13
N CYS A 15 0.65 10.59 9.93
CA CYS A 15 1.75 9.67 9.77
C CYS A 15 3.02 10.40 10.07
N SER A 16 3.98 9.70 10.73
CA SER A 16 5.25 10.31 11.05
C SER A 16 5.97 10.59 9.76
N ASN A 17 5.88 9.63 8.80
CA ASN A 17 6.53 9.80 7.52
C ASN A 17 5.44 9.95 6.49
N ASP A 18 5.75 10.71 5.42
CA ASP A 18 4.78 10.94 4.38
C ASP A 18 4.82 9.80 3.39
N ASN A 19 5.71 8.80 3.59
CA ASN A 19 5.80 7.71 2.65
C ASN A 19 5.07 6.52 3.22
N ASN A 20 4.13 6.76 4.15
CA ASN A 20 3.39 5.66 4.73
C ASN A 20 2.10 5.53 3.97
N ALA A 21 1.52 4.29 3.98
CA ALA A 21 0.29 4.05 3.28
C ALA A 21 -0.85 4.55 4.12
N CYS A 22 -1.99 4.85 3.46
CA CYS A 22 -3.13 5.36 4.19
C CYS A 22 -4.38 4.97 3.45
N GLY A 23 -5.03 3.87 3.88
CA GLY A 23 -6.26 3.47 3.24
C GLY A 23 -6.19 2.03 2.88
N LYS A 24 -7.36 1.37 2.92
CA LYS A 24 -7.44 -0.04 2.60
C LYS A 24 -8.84 -0.27 2.10
N ASP A 25 -9.03 -1.32 1.27
CA ASP A 25 -10.34 -1.63 0.75
C ASP A 25 -10.80 -2.90 1.42
N VAL A 26 -11.83 -2.79 2.29
CA VAL A 26 -12.33 -3.96 2.97
C VAL A 26 -13.81 -4.07 2.74
N SER A 27 -14.56 -3.02 3.14
CA SER A 27 -16.01 -3.05 3.00
C SER A 27 -16.40 -2.31 1.76
N GLY A 28 -15.42 -1.90 0.93
CA GLY A 28 -15.74 -1.16 -0.27
C GLY A 28 -15.59 0.30 0.04
N SER A 29 -15.39 0.61 1.33
CA SER A 29 -15.23 1.97 1.74
C SER A 29 -13.78 2.12 2.10
N CYS A 30 -13.20 3.31 1.82
CA CYS A 30 -11.80 3.51 2.13
C CYS A 30 -11.69 3.89 3.57
N SER A 31 -11.01 3.03 4.36
CA SER A 31 -10.83 3.30 5.76
C SER A 31 -9.54 4.05 5.89
N SER A 32 -9.57 5.23 6.53
CA SER A 32 -8.35 6.00 6.69
C SER A 32 -7.66 5.42 7.89
N LEU A 33 -6.48 4.82 7.65
CA LEU A 33 -5.74 4.17 8.72
C LEU A 33 -4.76 5.14 9.30
N CYS A 34 -4.24 6.05 8.47
CA CYS A 34 -3.27 7.01 8.96
C CYS A 34 -3.46 8.26 8.18
N ASN A 35 -3.35 9.40 8.87
CA ASN A 35 -3.51 10.69 8.22
C ASN A 35 -2.21 11.02 7.54
N CYS A 36 -2.27 11.23 6.21
CA CYS A 36 -1.06 11.52 5.48
C CYS A 36 -0.82 13.00 5.55
N GLY A 37 0.42 13.40 5.96
CA GLY A 37 0.74 14.80 6.04
C GLY A 37 -0.09 15.44 7.12
N ASN A 38 -0.81 16.52 6.75
CA ASN A 38 -1.62 17.24 7.72
C ASN A 38 -2.97 16.60 7.78
N GLY A 39 -3.19 15.50 7.03
CA GLY A 39 -4.47 14.83 7.04
C GLY A 39 -5.01 14.85 5.65
N GLN A 40 -4.26 14.27 4.69
CA GLN A 40 -4.71 14.22 3.33
C GLN A 40 -5.75 13.15 3.26
N THR A 41 -6.69 13.28 2.30
CA THR A 41 -7.77 12.33 2.16
C THR A 41 -7.22 11.00 1.69
N CYS A 42 -6.14 11.03 0.86
CA CYS A 42 -5.52 9.84 0.33
C CYS A 42 -6.37 9.29 -0.80
N PHE A 43 -7.59 9.82 -0.99
CA PHE A 43 -8.45 9.36 -2.07
C PHE A 43 -7.86 9.82 -3.37
N THR A 44 -7.32 11.05 -3.37
CA THR A 44 -6.75 11.62 -4.58
C THR A 44 -5.44 10.94 -4.88
N ASP A 45 -5.00 10.03 -3.99
CA ASP A 45 -3.75 9.32 -4.20
C ASP A 45 -4.10 7.97 -4.76
N SER A 46 -5.29 7.87 -5.40
CA SER A 46 -5.75 6.63 -6.00
C SER A 46 -4.76 6.20 -7.06
N ASN A 47 -4.18 7.17 -7.79
CA ASN A 47 -3.25 6.85 -8.85
C ASN A 47 -1.99 6.27 -8.24
N HIS A 48 -1.81 6.38 -6.90
CA HIS A 48 -0.63 5.83 -6.27
C HIS A 48 -1.01 4.58 -5.54
N THR A 49 -2.15 3.96 -5.93
CA THR A 49 -2.57 2.74 -5.27
C THR A 49 -1.57 1.65 -5.63
N ILE A 50 -1.42 0.67 -4.73
CA ILE A 50 -0.48 -0.39 -4.96
C ILE A 50 -1.23 -1.69 -4.86
N THR A 51 -0.62 -2.76 -5.42
CA THR A 51 -1.24 -4.07 -5.39
C THR A 51 -0.41 -4.91 -4.46
N LEU A 52 -1.06 -5.49 -3.43
CA LEU A 52 -0.38 -6.32 -2.48
C LEU A 52 -1.00 -7.68 -2.55
N VAL A 53 -0.16 -8.73 -2.66
CA VAL A 53 -0.69 -10.07 -2.72
C VAL A 53 -0.20 -10.80 -1.50
N PRO A 54 -1.03 -10.85 -0.47
CA PRO A 54 -0.68 -11.52 0.76
C PRO A 54 -0.75 -13.02 0.65
N TYR A 55 -1.62 -13.53 -0.24
CA TYR A 55 -1.76 -14.95 -0.39
C TYR A 55 -2.33 -15.22 -1.75
N TYR A 56 -2.23 -16.50 -2.19
CA TYR A 56 -2.76 -16.90 -3.47
C TYR A 56 -3.92 -17.79 -3.22
N THR A 57 -4.85 -17.86 -4.20
CA THR A 57 -6.01 -18.71 -4.05
C THR A 57 -6.05 -19.62 -5.24
N GLU A 58 -6.89 -20.66 -5.18
CA GLU A 58 -6.99 -21.60 -6.28
C GLU A 58 -7.64 -20.92 -7.46
N ASP A 59 -8.28 -19.75 -7.23
CA ASP A 59 -8.94 -19.05 -8.31
C ASP A 59 -7.93 -18.17 -8.99
N GLY A 60 -6.76 -17.95 -8.35
CA GLY A 60 -5.75 -17.11 -8.94
C GLY A 60 -5.18 -16.25 -7.86
N PRO A 61 -4.45 -15.25 -8.28
CA PRO A 61 -3.84 -14.31 -7.36
C PRO A 61 -4.84 -13.43 -6.68
N PHE A 62 -4.62 -13.17 -5.38
CA PHE A 62 -5.53 -12.32 -4.65
C PHE A 62 -4.90 -10.97 -4.61
N GLU A 63 -5.54 -9.99 -5.30
CA GLU A 63 -4.98 -8.66 -5.35
C GLU A 63 -5.69 -7.84 -4.33
N LYS A 64 -4.91 -7.27 -3.38
CA LYS A 64 -5.47 -6.43 -2.37
C LYS A 64 -4.92 -5.07 -2.64
N LYS A 65 -5.79 -4.04 -2.69
CA LYS A 65 -5.32 -2.72 -3.01
C LYS A 65 -5.10 -1.95 -1.74
N TYR A 66 -4.07 -1.07 -1.79
CA TYR A 66 -3.75 -0.24 -0.67
C TYR A 66 -3.44 1.10 -1.26
N TYR A 67 -3.71 2.18 -0.50
CA TYR A 67 -3.47 3.51 -1.00
C TYR A 67 -2.25 4.01 -0.30
N THR A 68 -1.33 4.66 -1.07
CA THR A 68 -0.12 5.17 -0.48
C THR A 68 -0.04 6.61 -0.82
N CYS A 69 0.83 7.36 -0.10
CA CYS A 69 0.99 8.76 -0.36
C CYS A 69 2.44 9.08 -0.27
N GLY A 70 2.81 10.30 -0.70
CA GLY A 70 4.20 10.72 -0.67
C GLY A 70 4.73 10.64 -2.06
N ASP A 71 4.08 9.80 -2.91
CA ASP A 71 4.49 9.65 -4.29
C ASP A 71 5.95 9.24 -4.35
N PRO A 72 6.22 7.98 -4.06
CA PRO A 72 7.58 7.45 -4.11
C PRO A 72 8.10 7.27 -5.52
N SER A 73 7.92 8.31 -6.37
CA SER A 73 8.38 8.23 -7.74
C SER A 73 9.82 8.68 -7.77
N GLU A 74 10.23 9.50 -6.77
CA GLU A 74 11.59 9.98 -6.74
C GLU A 74 12.38 9.08 -5.83
N LEU A 75 11.74 8.02 -5.32
CA LEU A 75 12.41 7.10 -4.45
C LEU A 75 13.23 6.16 -5.29
N ASP A 76 14.25 5.53 -4.67
CA ASP A 76 15.10 4.62 -5.39
C ASP A 76 14.29 3.42 -5.77
N GLU A 77 14.64 2.78 -6.91
CA GLU A 77 13.93 1.62 -7.37
C GLU A 77 14.20 0.48 -6.42
N CYS A 78 13.14 -0.31 -6.11
CA CYS A 78 13.29 -1.43 -5.20
C CYS A 78 14.13 -2.48 -5.88
N TYR A 79 14.90 -3.24 -5.06
CA TYR A 79 15.74 -4.28 -5.60
C TYR A 79 14.85 -5.47 -5.87
N ASP A 80 15.30 -6.38 -6.76
CA ASP A 80 14.51 -7.53 -7.11
C ASP A 80 14.31 -8.41 -5.90
N ILE A 81 15.37 -8.66 -5.10
CA ILE A 81 15.23 -9.50 -3.94
C ILE A 81 15.71 -8.73 -2.74
N ASP A 82 14.78 -8.01 -2.11
CA ASP A 82 15.12 -7.25 -0.94
C ASP A 82 13.82 -6.73 -0.40
N LYS A 83 13.84 -6.19 0.84
CA LYS A 83 12.63 -5.68 1.43
C LYS A 83 12.18 -4.51 0.62
N ALA A 84 10.90 -4.54 0.19
CA ALA A 84 10.37 -3.47 -0.60
C ALA A 84 9.20 -2.87 0.13
N LEU A 85 8.70 -3.56 1.17
CA LEU A 85 7.57 -3.02 1.89
C LEU A 85 7.66 -3.50 3.30
N GLU A 86 7.44 -2.59 4.27
CA GLU A 86 7.50 -2.95 5.65
C GLU A 86 6.13 -2.73 6.20
N VAL A 87 5.53 -3.80 6.77
CA VAL A 87 4.21 -3.70 7.31
C VAL A 87 4.24 -4.31 8.68
N ASN A 88 3.32 -3.87 9.56
CA ASN A 88 3.28 -4.39 10.91
C ASN A 88 2.49 -5.67 10.95
N GLU A 89 1.77 -6.01 9.86
CA GLU A 89 0.99 -7.23 9.86
C GLU A 89 0.85 -7.68 8.44
N SER A 90 1.05 -8.99 8.22
CA SER A 90 0.96 -9.54 6.88
C SER A 90 -0.48 -9.58 6.42
N ASP A 91 -1.42 -9.97 7.30
CA ASP A 91 -2.81 -10.12 6.89
C ASP A 91 -3.47 -8.79 6.64
N ASP A 92 -3.46 -7.87 7.64
CA ASP A 92 -4.13 -6.60 7.44
C ASP A 92 -3.38 -5.56 8.22
N PRO A 93 -2.34 -5.04 7.62
CA PRO A 93 -1.54 -4.01 8.26
C PRO A 93 -2.20 -2.66 8.29
N ASN A 94 -2.07 -1.96 9.44
CA ASN A 94 -2.64 -0.64 9.55
C ASN A 94 -1.51 0.33 9.45
N SER A 95 -0.27 -0.20 9.37
CA SER A 95 0.89 0.65 9.25
C SER A 95 1.75 0.05 8.17
N VAL A 96 1.88 0.78 7.05
CA VAL A 96 2.68 0.32 5.94
C VAL A 96 3.62 1.43 5.59
N GLU A 97 4.92 1.12 5.44
CA GLU A 97 5.88 2.15 5.11
C GLU A 97 6.54 1.79 3.81
N VAL A 98 6.61 2.79 2.89
CA VAL A 98 7.26 2.58 1.61
C VAL A 98 8.73 2.81 1.82
N LEU A 99 9.55 1.79 1.48
CA LEU A 99 10.98 1.92 1.63
C LEU A 99 11.58 2.30 0.33
N CYS A 100 10.92 1.92 -0.80
CA CYS A 100 11.48 2.22 -2.08
C CYS A 100 10.38 2.25 -3.11
N HIS A 101 10.72 2.69 -4.34
CA HIS A 101 9.76 2.78 -5.41
C HIS A 101 9.46 1.41 -5.94
N CYS A 102 8.18 1.01 -5.86
CA CYS A 102 7.76 -0.26 -6.37
C CYS A 102 6.71 0.07 -7.40
N PRO A 103 6.94 -0.30 -8.64
CA PRO A 103 6.00 0.00 -9.70
C PRO A 103 4.73 -0.81 -9.63
N SER A 104 3.65 -0.28 -10.24
CA SER A 104 2.37 -0.96 -10.22
C SER A 104 2.43 -2.16 -11.13
N ASP A 105 3.49 -2.28 -11.95
CA ASP A 105 3.62 -3.41 -12.83
C ASP A 105 4.07 -4.59 -12.03
N LYS A 106 4.44 -4.36 -10.75
CA LYS A 106 4.89 -5.43 -9.89
C LYS A 106 3.98 -5.47 -8.71
N ILE A 107 4.02 -6.60 -7.98
CA ILE A 107 3.17 -6.77 -6.83
C ILE A 107 4.05 -7.06 -5.66
N TYR A 108 3.49 -6.92 -4.44
CA TYR A 108 4.23 -7.22 -3.25
C TYR A 108 3.90 -8.64 -2.94
N LEU A 109 4.92 -9.52 -2.93
CA LEU A 109 4.68 -10.92 -2.69
C LEU A 109 5.24 -11.27 -1.35
N TRP A 110 4.43 -11.96 -0.52
CA TRP A 110 4.88 -12.38 0.78
C TRP A 110 5.82 -13.52 0.55
N ILE A 111 7.01 -13.45 1.18
CA ILE A 111 8.00 -14.48 1.02
C ILE A 111 8.44 -14.89 2.39
N HIS A 112 9.05 -16.10 2.50
CA HIS A 112 9.47 -16.63 3.79
C HIS A 112 10.65 -15.85 4.33
N ARG A 113 11.10 -14.81 3.60
CA ARG A 113 12.22 -14.02 4.08
C ARG A 113 11.74 -13.22 5.26
N GLY A 114 10.41 -13.12 5.46
CA GLY A 114 9.88 -12.40 6.59
C GLY A 114 9.51 -11.02 6.17
N TYR A 115 9.52 -10.72 4.86
CA TYR A 115 9.14 -9.39 4.44
C TYR A 115 8.64 -9.46 3.03
N TYR A 116 7.97 -8.38 2.58
CA TYR A 116 7.43 -8.35 1.24
C TYR A 116 8.49 -7.91 0.28
N ILE A 117 8.46 -8.52 -0.93
CA ILE A 117 9.41 -8.19 -1.97
C ILE A 117 8.60 -7.83 -3.18
N CYS A 118 9.19 -7.01 -4.08
CA CYS A 118 8.48 -6.64 -5.28
C CYS A 118 8.85 -7.63 -6.34
N ILE A 119 7.84 -8.23 -6.98
CA ILE A 119 8.10 -9.20 -8.00
C ILE A 119 7.01 -9.06 -9.02
N THR A 120 7.32 -9.40 -10.28
CA THR A 120 6.33 -9.31 -11.33
C THR A 120 5.37 -10.44 -11.08
N PRO A 121 4.08 -10.16 -11.05
CA PRO A 121 3.08 -11.17 -10.76
C PRO A 121 2.96 -12.23 -11.82
N PRO A 122 3.19 -13.49 -11.46
CA PRO A 122 3.05 -14.58 -12.40
C PRO A 122 1.63 -15.05 -12.51
N GLN A 123 1.20 -15.38 -13.74
CA GLN A 123 -0.16 -15.84 -13.94
C GLN A 123 -0.15 -17.33 -13.71
N PRO A 124 -0.96 -17.80 -12.78
CA PRO A 124 -1.03 -19.21 -12.49
C PRO A 124 -1.99 -19.94 -13.37
N LYS A 1 -12.72 18.37 -4.94
CA LYS A 1 -12.77 17.26 -3.95
C LYS A 1 -14.14 16.64 -3.90
N SER A 2 -15.16 17.46 -3.59
CA SER A 2 -16.52 16.97 -3.53
C SER A 2 -16.61 16.00 -2.37
N HIS A 3 -17.56 15.04 -2.47
CA HIS A 3 -17.74 14.06 -1.42
C HIS A 3 -17.29 12.73 -1.95
N THR A 4 -16.46 12.74 -3.02
CA THR A 4 -15.99 11.49 -3.58
C THR A 4 -14.66 11.16 -2.96
N THR A 5 -14.16 12.05 -2.08
CA THR A 5 -12.88 11.80 -1.44
C THR A 5 -13.10 10.81 -0.32
N CYS A 6 -11.99 10.20 0.14
CA CYS A 6 -12.07 9.22 1.21
C CYS A 6 -12.34 9.95 2.50
N PRO A 7 -13.15 9.34 3.36
CA PRO A 7 -13.47 9.91 4.66
C PRO A 7 -12.26 10.06 5.55
N THR A 8 -12.25 11.10 6.40
CA THR A 8 -11.14 11.30 7.29
C THR A 8 -11.56 10.77 8.63
N SER A 9 -10.81 9.77 9.15
CA SER A 9 -11.13 9.20 10.43
C SER A 9 -10.56 10.11 11.49
N THR A 10 -11.19 10.10 12.68
CA THR A 10 -10.73 10.94 13.76
C THR A 10 -9.93 10.08 14.72
N GLU A 11 -9.84 8.76 14.41
CA GLU A 11 -9.11 7.87 15.27
C GLU A 11 -7.73 7.69 14.70
N ILE A 12 -7.37 8.53 13.70
CA ILE A 12 -6.07 8.42 13.08
C ILE A 12 -5.41 9.77 13.19
N ASP A 13 -4.11 9.82 12.87
CA ASP A 13 -3.38 11.06 12.94
C ASP A 13 -2.39 11.04 11.81
N SER A 14 -1.71 12.19 11.58
CA SER A 14 -0.73 12.25 10.51
C SER A 14 0.43 11.37 10.89
N CYS A 15 0.95 10.61 9.90
CA CYS A 15 2.08 9.74 10.15
C CYS A 15 3.31 10.59 10.15
N SER A 16 4.36 10.15 10.89
CA SER A 16 5.59 10.91 10.95
C SER A 16 6.19 10.99 9.58
N ASN A 17 6.15 9.87 8.83
CA ASN A 17 6.69 9.86 7.49
C ASN A 17 5.52 9.90 6.54
N ASP A 18 5.65 10.72 5.47
CA ASP A 18 4.58 10.87 4.51
C ASP A 18 4.67 9.77 3.49
N ASN A 19 5.69 8.89 3.59
CA ASN A 19 5.84 7.83 2.60
C ASN A 19 5.09 6.61 3.09
N ASN A 20 4.13 6.79 4.01
CA ASN A 20 3.38 5.66 4.50
C ASN A 20 2.13 5.54 3.67
N ALA A 21 1.61 4.29 3.56
CA ALA A 21 0.42 4.06 2.80
C ALA A 21 -0.74 4.52 3.62
N CYS A 22 -1.85 4.90 2.95
CA CYS A 22 -3.00 5.37 3.68
C CYS A 22 -4.21 5.03 2.87
N GLY A 23 -4.88 3.91 3.22
CA GLY A 23 -6.08 3.53 2.51
C GLY A 23 -5.93 2.13 2.06
N LYS A 24 -7.02 1.36 2.23
CA LYS A 24 -7.01 -0.02 1.82
C LYS A 24 -8.45 -0.37 1.52
N ASP A 25 -8.66 -1.43 0.73
CA ASP A 25 -10.00 -1.83 0.38
C ASP A 25 -10.47 -2.76 1.48
N VAL A 26 -11.43 -2.29 2.29
CA VAL A 26 -11.92 -3.09 3.37
C VAL A 26 -13.20 -3.80 2.94
N SER A 27 -14.36 -3.13 3.08
CA SER A 27 -15.62 -3.75 2.71
C SER A 27 -16.04 -3.22 1.37
N GLY A 28 -15.15 -2.45 0.71
CA GLY A 28 -15.48 -1.89 -0.58
C GLY A 28 -15.38 -0.40 -0.44
N SER A 29 -14.54 0.07 0.49
CA SER A 29 -14.38 1.48 0.69
C SER A 29 -12.96 1.68 1.11
N CYS A 30 -12.45 2.94 1.01
CA CYS A 30 -11.09 3.20 1.39
C CYS A 30 -11.08 3.56 2.84
N SER A 31 -10.41 2.73 3.66
CA SER A 31 -10.32 2.99 5.08
C SER A 31 -9.09 3.81 5.31
N SER A 32 -9.24 5.00 5.92
CA SER A 32 -8.09 5.84 6.18
C SER A 32 -7.45 5.29 7.42
N LEU A 33 -6.23 4.74 7.25
CA LEU A 33 -5.52 4.14 8.36
C LEU A 33 -4.62 5.18 8.98
N CYS A 34 -4.10 6.11 8.16
CA CYS A 34 -3.21 7.12 8.68
C CYS A 34 -3.31 8.31 7.80
N ASN A 35 -3.22 9.51 8.40
CA ASN A 35 -3.31 10.73 7.63
C ASN A 35 -1.96 10.99 7.03
N CYS A 36 -1.94 11.67 5.88
CA CYS A 36 -0.70 11.95 5.20
C CYS A 36 -0.55 13.43 5.12
N GLY A 37 0.64 13.96 5.50
CA GLY A 37 0.88 15.38 5.43
C GLY A 37 0.06 16.07 6.48
N ASN A 38 -0.78 17.02 6.05
CA ASN A 38 -1.60 17.76 6.98
C ASN A 38 -2.94 17.09 7.09
N GLY A 39 -3.12 15.94 6.40
CA GLY A 39 -4.38 15.26 6.46
C GLY A 39 -4.91 15.14 5.07
N GLN A 40 -4.14 14.47 4.18
CA GLN A 40 -4.58 14.28 2.82
C GLN A 40 -5.59 13.18 2.84
N THR A 41 -6.56 13.22 1.92
CA THR A 41 -7.60 12.23 1.87
C THR A 41 -7.03 10.93 1.37
N CYS A 42 -5.97 11.01 0.51
CA CYS A 42 -5.32 9.84 -0.06
C CYS A 42 -6.16 9.28 -1.18
N PHE A 43 -7.39 9.80 -1.37
CA PHE A 43 -8.24 9.35 -2.44
C PHE A 43 -7.65 9.81 -3.74
N THR A 44 -7.11 11.04 -3.74
CA THR A 44 -6.55 11.61 -4.94
C THR A 44 -5.21 10.97 -5.23
N ASP A 45 -4.78 10.03 -4.37
CA ASP A 45 -3.51 9.37 -4.58
C ASP A 45 -3.80 8.02 -5.21
N SER A 46 -4.97 7.90 -5.88
CA SER A 46 -5.36 6.66 -6.51
C SER A 46 -4.39 6.33 -7.62
N ASN A 47 -3.70 7.35 -8.16
CA ASN A 47 -2.76 7.12 -9.24
C ASN A 47 -1.52 6.47 -8.68
N HIS A 48 -1.40 6.41 -7.33
CA HIS A 48 -0.23 5.83 -6.73
C HIS A 48 -0.65 4.55 -6.05
N THR A 49 -1.77 3.95 -6.49
CA THR A 49 -2.24 2.72 -5.88
C THR A 49 -1.23 1.63 -6.19
N ILE A 50 -1.14 0.64 -5.28
CA ILE A 50 -0.21 -0.44 -5.45
C ILE A 50 -0.96 -1.73 -5.34
N THR A 51 -0.33 -2.84 -5.80
CA THR A 51 -0.97 -4.13 -5.72
C THR A 51 -0.19 -4.96 -4.74
N LEU A 52 -0.91 -5.51 -3.73
CA LEU A 52 -0.27 -6.31 -2.72
C LEU A 52 -0.89 -7.67 -2.79
N VAL A 53 -0.05 -8.73 -2.81
CA VAL A 53 -0.57 -10.08 -2.88
C VAL A 53 -0.16 -10.80 -1.61
N PRO A 54 -1.04 -10.83 -0.64
CA PRO A 54 -0.79 -11.51 0.62
C PRO A 54 -0.85 -13.01 0.52
N TYR A 55 -1.68 -13.51 -0.43
CA TYR A 55 -1.82 -14.93 -0.59
C TYR A 55 -2.35 -15.21 -1.97
N TYR A 56 -2.27 -16.48 -2.38
CA TYR A 56 -2.74 -16.89 -3.68
C TYR A 56 -3.88 -17.84 -3.48
N THR A 57 -4.82 -17.86 -4.44
CA THR A 57 -5.95 -18.75 -4.33
C THR A 57 -5.89 -19.68 -5.51
N GLU A 58 -6.74 -20.73 -5.51
CA GLU A 58 -6.75 -21.68 -6.59
C GLU A 58 -7.18 -20.99 -7.85
N ASP A 59 -8.13 -20.03 -7.73
CA ASP A 59 -8.63 -19.32 -8.89
C ASP A 59 -7.53 -18.46 -9.46
N GLY A 60 -6.56 -18.02 -8.63
CA GLY A 60 -5.50 -17.19 -9.14
C GLY A 60 -4.99 -16.34 -8.02
N PRO A 61 -4.19 -15.38 -8.39
CA PRO A 61 -3.60 -14.45 -7.43
C PRO A 61 -4.62 -13.53 -6.83
N PHE A 62 -4.48 -13.25 -5.51
CA PHE A 62 -5.40 -12.37 -4.86
C PHE A 62 -4.75 -11.02 -4.87
N GLU A 63 -5.35 -10.07 -5.61
CA GLU A 63 -4.78 -8.75 -5.71
C GLU A 63 -5.54 -7.86 -4.76
N LYS A 64 -4.79 -7.22 -3.85
CA LYS A 64 -5.40 -6.33 -2.90
C LYS A 64 -4.81 -4.97 -3.19
N LYS A 65 -5.67 -3.94 -3.26
CA LYS A 65 -5.19 -2.62 -3.58
C LYS A 65 -4.97 -1.83 -2.32
N TYR A 66 -3.95 -0.96 -2.38
CA TYR A 66 -3.62 -0.10 -1.27
C TYR A 66 -3.31 1.24 -1.87
N TYR A 67 -3.52 2.31 -1.10
CA TYR A 67 -3.26 3.64 -1.59
C TYR A 67 -2.03 4.11 -0.87
N THR A 68 -1.11 4.78 -1.61
CA THR A 68 0.12 5.22 -0.98
C THR A 68 0.16 6.71 -1.05
N CYS A 69 1.08 7.31 -0.27
CA CYS A 69 1.20 8.74 -0.24
C CYS A 69 2.67 9.04 -0.20
N GLY A 70 3.06 10.21 -0.77
CA GLY A 70 4.45 10.59 -0.78
C GLY A 70 4.94 10.55 -2.18
N ASP A 71 4.28 9.72 -3.04
CA ASP A 71 4.67 9.61 -4.42
C ASP A 71 6.12 9.20 -4.51
N PRO A 72 6.40 7.95 -4.21
CA PRO A 72 7.77 7.43 -4.27
C PRO A 72 8.27 7.22 -5.67
N SER A 73 7.88 8.10 -6.61
CA SER A 73 8.30 7.97 -7.99
C SER A 73 9.77 8.29 -8.07
N GLU A 74 10.22 9.31 -7.30
CA GLU A 74 11.61 9.70 -7.34
C GLU A 74 12.40 8.87 -6.38
N LEU A 75 11.75 7.91 -5.68
CA LEU A 75 12.45 7.07 -4.76
C LEU A 75 13.22 6.06 -5.54
N ASP A 76 14.27 5.47 -4.92
CA ASP A 76 15.08 4.48 -5.60
C ASP A 76 14.23 3.27 -5.85
N GLU A 77 14.51 2.57 -6.97
CA GLU A 77 13.75 1.39 -7.32
C GLU A 77 14.07 0.29 -6.33
N CYS A 78 13.03 -0.46 -5.91
CA CYS A 78 13.23 -1.55 -4.97
C CYS A 78 14.01 -2.63 -5.64
N TYR A 79 14.86 -3.33 -4.86
CA TYR A 79 15.65 -4.40 -5.41
C TYR A 79 14.77 -5.62 -5.39
N ASP A 80 15.12 -6.63 -6.22
CA ASP A 80 14.32 -7.83 -6.29
C ASP A 80 14.32 -8.54 -4.95
N ILE A 81 15.49 -8.55 -4.26
CA ILE A 81 15.56 -9.21 -2.97
C ILE A 81 15.96 -8.20 -1.95
N ASP A 82 14.96 -7.53 -1.34
CA ASP A 82 15.25 -6.55 -0.34
C ASP A 82 13.91 -6.20 0.26
N LYS A 83 13.91 -5.53 1.43
CA LYS A 83 12.65 -5.16 2.06
C LYS A 83 12.04 -4.11 1.20
N ALA A 84 11.01 -4.51 0.43
CA ALA A 84 10.36 -3.59 -0.45
C ALA A 84 9.20 -2.98 0.27
N LEU A 85 8.67 -3.67 1.29
CA LEU A 85 7.54 -3.11 2.00
C LEU A 85 7.62 -3.59 3.41
N GLU A 86 7.39 -2.65 4.36
CA GLU A 86 7.43 -2.97 5.75
C GLU A 86 6.06 -2.69 6.28
N VAL A 87 5.42 -3.72 6.88
CA VAL A 87 4.09 -3.56 7.40
C VAL A 87 4.07 -4.14 8.78
N ASN A 88 3.06 -3.73 9.60
CA ASN A 88 2.97 -4.25 10.95
C ASN A 88 2.43 -5.66 10.91
N GLU A 89 1.49 -5.94 9.98
CA GLU A 89 0.94 -7.27 9.89
C GLU A 89 0.65 -7.52 8.44
N SER A 90 1.06 -8.70 7.96
CA SER A 90 0.88 -9.03 6.56
C SER A 90 -0.57 -9.30 6.23
N ASP A 91 -1.31 -9.95 7.16
CA ASP A 91 -2.69 -10.29 6.89
C ASP A 91 -3.54 -9.05 6.76
N ASP A 92 -3.31 -8.03 7.61
CA ASP A 92 -4.10 -6.83 7.53
C ASP A 92 -3.32 -5.72 8.17
N PRO A 93 -2.47 -5.09 7.39
CA PRO A 93 -1.66 -4.01 7.89
C PRO A 93 -2.40 -2.73 8.10
N ASN A 94 -1.96 -1.96 9.12
CA ASN A 94 -2.60 -0.69 9.41
C ASN A 94 -1.58 0.36 9.08
N SER A 95 -0.29 0.00 9.16
CA SER A 95 0.75 0.93 8.85
C SER A 95 1.65 0.27 7.85
N VAL A 96 1.81 0.93 6.69
CA VAL A 96 2.65 0.40 5.65
C VAL A 96 3.60 1.50 5.30
N GLU A 97 4.93 1.21 5.34
CA GLU A 97 5.91 2.24 5.06
C GLU A 97 6.59 1.91 3.77
N VAL A 98 6.67 2.90 2.85
CA VAL A 98 7.34 2.71 1.58
C VAL A 98 8.80 2.90 1.84
N LEU A 99 9.60 1.85 1.55
CA LEU A 99 11.02 1.92 1.75
C LEU A 99 11.66 2.28 0.44
N CYS A 100 10.99 1.94 -0.67
CA CYS A 100 11.55 2.22 -1.97
C CYS A 100 10.45 2.22 -2.98
N HIS A 101 10.77 2.65 -4.22
CA HIS A 101 9.78 2.72 -5.27
C HIS A 101 9.52 1.36 -5.81
N CYS A 102 8.24 0.95 -5.83
CA CYS A 102 7.87 -0.33 -6.36
C CYS A 102 6.92 -0.03 -7.48
N PRO A 103 7.23 -0.47 -8.68
CA PRO A 103 6.39 -0.21 -9.83
C PRO A 103 5.08 -0.95 -9.77
N SER A 104 4.04 -0.40 -10.44
CA SER A 104 2.73 -1.01 -10.45
C SER A 104 2.75 -2.21 -11.36
N ASP A 105 3.86 -2.39 -12.10
CA ASP A 105 3.97 -3.52 -13.00
C ASP A 105 4.41 -4.70 -12.19
N LYS A 106 4.72 -4.47 -10.89
CA LYS A 106 5.16 -5.54 -10.04
C LYS A 106 4.24 -5.58 -8.86
N ILE A 107 4.26 -6.70 -8.12
CA ILE A 107 3.40 -6.84 -6.98
C ILE A 107 4.27 -7.10 -5.79
N TYR A 108 3.69 -6.90 -4.59
CA TYR A 108 4.42 -7.17 -3.39
C TYR A 108 4.12 -8.60 -3.04
N LEU A 109 5.17 -9.44 -3.01
CA LEU A 109 4.99 -10.84 -2.74
C LEU A 109 5.29 -11.06 -1.29
N TRP A 110 4.35 -11.72 -0.58
CA TRP A 110 4.52 -11.99 0.82
C TRP A 110 5.27 -13.29 0.95
N ILE A 111 6.47 -13.23 1.57
CA ILE A 111 7.26 -14.41 1.78
C ILE A 111 7.77 -14.34 3.18
N HIS A 112 8.14 -15.52 3.75
CA HIS A 112 8.65 -15.56 5.11
C HIS A 112 7.54 -15.17 6.05
N ARG A 113 7.90 -14.78 7.30
CA ARG A 113 6.91 -14.39 8.27
C ARG A 113 6.20 -13.15 7.78
N GLY A 114 6.96 -12.16 7.29
CA GLY A 114 6.34 -10.94 6.82
C GLY A 114 7.36 -10.14 6.09
N TYR A 115 7.92 -10.72 5.01
CA TYR A 115 8.92 -10.03 4.24
C TYR A 115 8.31 -9.81 2.89
N TYR A 116 8.15 -8.54 2.49
CA TYR A 116 7.58 -8.26 1.19
C TYR A 116 8.67 -7.84 0.26
N ILE A 117 8.64 -8.41 -0.97
CA ILE A 117 9.61 -8.09 -1.97
C ILE A 117 8.84 -7.75 -3.20
N CYS A 118 9.45 -6.95 -4.12
CA CYS A 118 8.77 -6.59 -5.34
C CYS A 118 9.17 -7.59 -6.36
N ILE A 119 8.17 -8.21 -7.01
CA ILE A 119 8.46 -9.19 -8.02
C ILE A 119 7.36 -9.14 -9.03
N THR A 120 7.66 -9.52 -10.29
CA THR A 120 6.67 -9.52 -11.32
C THR A 120 5.73 -10.65 -11.00
N PRO A 121 4.44 -10.39 -11.02
CA PRO A 121 3.45 -11.40 -10.67
C PRO A 121 3.41 -12.55 -11.65
N PRO A 122 3.57 -13.77 -11.17
CA PRO A 122 3.52 -14.95 -12.01
C PRO A 122 2.12 -15.41 -12.25
N GLN A 123 1.82 -15.86 -13.48
CA GLN A 123 0.50 -16.34 -13.78
C GLN A 123 0.47 -17.80 -13.40
N PRO A 124 -0.41 -18.17 -12.49
CA PRO A 124 -0.52 -19.57 -12.09
C PRO A 124 -0.96 -20.47 -13.20
N LYS A 1 -13.55 19.56 3.86
CA LYS A 1 -13.02 18.58 2.87
C LYS A 1 -13.71 18.76 1.55
N SER A 2 -13.62 17.73 0.67
CA SER A 2 -14.26 17.81 -0.62
C SER A 2 -15.16 16.63 -0.75
N HIS A 3 -16.27 16.78 -1.51
CA HIS A 3 -17.21 15.70 -1.68
C HIS A 3 -16.63 14.70 -2.65
N THR A 4 -15.59 15.10 -3.41
CA THR A 4 -14.99 14.19 -4.36
C THR A 4 -13.89 13.42 -3.66
N THR A 5 -13.76 13.61 -2.33
CA THR A 5 -12.73 12.90 -1.59
C THR A 5 -13.39 12.24 -0.42
N CYS A 6 -12.71 11.22 0.15
CA CYS A 6 -13.27 10.51 1.27
C CYS A 6 -12.93 11.28 2.52
N PRO A 7 -13.91 11.48 3.39
CA PRO A 7 -13.71 12.18 4.65
C PRO A 7 -12.68 11.50 5.51
N THR A 8 -11.92 12.29 6.29
CA THR A 8 -10.91 11.72 7.14
C THR A 8 -11.55 11.38 8.46
N SER A 9 -11.07 10.28 9.08
CA SER A 9 -11.60 9.86 10.36
C SER A 9 -10.88 10.64 11.42
N THR A 10 -11.56 10.85 12.57
CA THR A 10 -10.95 11.60 13.65
C THR A 10 -10.20 10.63 14.53
N GLU A 11 -10.26 9.32 14.18
CA GLU A 11 -9.58 8.31 14.97
C GLU A 11 -8.21 8.09 14.42
N ILE A 12 -7.80 8.87 13.39
CA ILE A 12 -6.49 8.69 12.80
C ILE A 12 -5.77 10.00 12.88
N ASP A 13 -4.43 9.96 12.72
CA ASP A 13 -3.63 11.17 12.79
C ASP A 13 -2.67 11.09 11.64
N SER A 14 -1.91 12.20 11.41
CA SER A 14 -0.96 12.23 10.32
C SER A 14 0.18 11.32 10.66
N CYS A 15 0.70 10.60 9.64
CA CYS A 15 1.81 9.71 9.85
C CYS A 15 3.06 10.54 9.87
N SER A 16 4.10 10.02 10.57
CA SER A 16 5.36 10.74 10.67
C SER A 16 5.94 10.91 9.29
N ASN A 17 5.91 9.82 8.49
CA ASN A 17 6.46 9.88 7.15
C ASN A 17 5.31 9.91 6.19
N ASP A 18 5.47 10.70 5.10
CA ASP A 18 4.42 10.84 4.12
C ASP A 18 4.49 9.72 3.11
N ASN A 19 5.49 8.82 3.24
CA ASN A 19 5.62 7.75 2.27
C ASN A 19 4.88 6.53 2.78
N ASN A 20 3.91 6.73 3.69
CA ASN A 20 3.16 5.60 4.22
C ASN A 20 1.94 5.42 3.36
N ALA A 21 1.45 4.16 3.31
CA ALA A 21 0.28 3.86 2.53
C ALA A 21 -0.92 4.17 3.38
N CYS A 22 -2.08 4.39 2.70
CA CYS A 22 -3.28 4.72 3.43
C CYS A 22 -4.46 4.30 2.62
N GLY A 23 -5.37 3.55 3.27
CA GLY A 23 -6.57 3.12 2.60
C GLY A 23 -6.43 1.70 2.17
N LYS A 24 -7.57 1.01 2.15
CA LYS A 24 -7.59 -0.37 1.76
C LYS A 24 -8.98 -0.66 1.29
N ASP A 25 -9.14 -1.69 0.43
CA ASP A 25 -10.44 -2.02 -0.09
C ASP A 25 -10.99 -3.15 0.75
N VAL A 26 -12.06 -2.86 1.53
CA VAL A 26 -12.65 -3.89 2.36
C VAL A 26 -14.03 -4.17 1.84
N SER A 27 -14.99 -3.25 2.11
CA SER A 27 -16.35 -3.44 1.67
C SER A 27 -16.60 -2.62 0.44
N GLY A 28 -15.53 -2.00 -0.11
CA GLY A 28 -15.68 -1.17 -1.28
C GLY A 28 -15.67 0.26 -0.81
N SER A 29 -15.87 0.45 0.51
CA SER A 29 -15.86 1.78 1.07
C SER A 29 -14.42 2.13 1.30
N CYS A 30 -14.07 3.41 1.10
CA CYS A 30 -12.69 3.82 1.28
C CYS A 30 -12.43 3.97 2.75
N SER A 31 -11.52 3.13 3.28
CA SER A 31 -11.18 3.19 4.69
C SER A 31 -10.02 4.13 4.83
N SER A 32 -9.94 4.82 6.00
CA SER A 32 -8.85 5.72 6.24
C SER A 32 -8.03 5.08 7.33
N LEU A 33 -6.71 4.98 7.11
CA LEU A 33 -5.87 4.33 8.11
C LEU A 33 -4.93 5.34 8.71
N CYS A 34 -4.49 6.32 7.92
CA CYS A 34 -3.55 7.30 8.45
C CYS A 34 -3.61 8.52 7.58
N ASN A 35 -3.52 9.70 8.22
CA ASN A 35 -3.57 10.94 7.47
C ASN A 35 -2.22 11.12 6.82
N CYS A 36 -2.20 11.83 5.66
CA CYS A 36 -0.96 12.05 4.95
C CYS A 36 -0.70 13.52 4.97
N GLY A 37 0.56 13.90 5.27
CA GLY A 37 0.93 15.30 5.30
C GLY A 37 0.30 15.95 6.50
N ASN A 38 -0.40 17.08 6.28
CA ASN A 38 -1.01 17.81 7.36
C ASN A 38 -2.42 17.34 7.55
N GLY A 39 -2.85 16.33 6.76
CA GLY A 39 -4.21 15.84 6.89
C GLY A 39 -4.84 15.83 5.54
N GLN A 40 -4.21 15.12 4.59
CA GLN A 40 -4.74 15.02 3.26
C GLN A 40 -5.56 13.77 3.17
N THR A 41 -6.50 13.74 2.21
CA THR A 41 -7.35 12.59 2.03
C THR A 41 -6.54 11.50 1.40
N CYS A 42 -6.99 10.24 1.57
CA CYS A 42 -6.26 9.13 1.02
C CYS A 42 -6.94 8.70 -0.26
N PHE A 43 -8.04 9.38 -0.63
CA PHE A 43 -8.77 9.06 -1.83
C PHE A 43 -7.95 9.45 -3.03
N THR A 44 -7.23 10.59 -2.94
CA THR A 44 -6.44 11.08 -4.06
C THR A 44 -5.22 10.22 -4.25
N ASP A 45 -5.03 9.21 -3.38
CA ASP A 45 -3.88 8.33 -3.50
C ASP A 45 -4.27 7.16 -4.40
N SER A 46 -5.48 7.22 -4.98
CA SER A 46 -5.95 6.16 -5.86
C SER A 46 -5.06 6.05 -7.07
N ASN A 47 -4.58 7.19 -7.58
CA ASN A 47 -3.74 7.21 -8.75
C ASN A 47 -2.47 6.42 -8.50
N HIS A 48 -1.95 6.47 -7.27
CA HIS A 48 -0.71 5.80 -6.95
C HIS A 48 -0.98 4.47 -6.30
N THR A 49 -2.15 3.85 -6.60
CA THR A 49 -2.49 2.57 -6.02
C THR A 49 -1.41 1.56 -6.38
N ILE A 50 -1.21 0.58 -5.48
CA ILE A 50 -0.21 -0.45 -5.69
C ILE A 50 -0.88 -1.79 -5.54
N THR A 51 -0.19 -2.86 -5.97
CA THR A 51 -0.75 -4.19 -5.87
C THR A 51 0.08 -4.94 -4.87
N LEU A 52 -0.60 -5.52 -3.85
CA LEU A 52 0.08 -6.27 -2.83
C LEU A 52 -0.52 -7.64 -2.82
N VAL A 53 0.33 -8.70 -2.82
CA VAL A 53 -0.18 -10.06 -2.81
C VAL A 53 0.20 -10.69 -1.49
N PRO A 54 -0.73 -10.72 -0.56
CA PRO A 54 -0.49 -11.31 0.74
C PRO A 54 -0.47 -12.81 0.74
N TYR A 55 -1.22 -13.43 -0.20
CA TYR A 55 -1.26 -14.87 -0.26
C TYR A 55 -1.72 -15.27 -1.63
N TYR A 56 -1.52 -16.57 -1.96
CA TYR A 56 -1.92 -17.09 -3.24
C TYR A 56 -3.07 -18.01 -3.01
N THR A 57 -3.91 -18.20 -4.05
CA THR A 57 -5.05 -19.08 -3.92
C THR A 57 -4.98 -20.07 -5.06
N GLU A 58 -5.84 -21.10 -5.00
CA GLU A 58 -5.85 -22.12 -6.03
C GLU A 58 -6.27 -21.49 -7.33
N ASP A 59 -7.21 -20.52 -7.27
CA ASP A 59 -7.70 -19.87 -8.47
C ASP A 59 -6.60 -19.05 -9.09
N GLY A 60 -5.61 -18.58 -8.29
CA GLY A 60 -4.54 -17.80 -8.84
C GLY A 60 -4.07 -16.86 -7.78
N PRO A 61 -3.34 -15.86 -8.22
CA PRO A 61 -2.80 -14.85 -7.32
C PRO A 61 -3.86 -13.95 -6.77
N PHE A 62 -3.77 -13.64 -5.46
CA PHE A 62 -4.74 -12.77 -4.86
C PHE A 62 -4.13 -11.41 -4.84
N GLU A 63 -4.67 -10.51 -5.68
CA GLU A 63 -4.14 -9.18 -5.75
C GLU A 63 -5.01 -8.28 -4.93
N LYS A 64 -4.38 -7.56 -3.99
CA LYS A 64 -5.12 -6.65 -3.14
C LYS A 64 -4.60 -5.28 -3.43
N LYS A 65 -5.51 -4.31 -3.59
CA LYS A 65 -5.10 -2.97 -3.92
C LYS A 65 -4.91 -2.18 -2.66
N TYR A 66 -3.88 -1.31 -2.68
CA TYR A 66 -3.58 -0.46 -1.57
C TYR A 66 -3.24 0.86 -2.17
N TYR A 67 -3.38 1.95 -1.41
CA TYR A 67 -3.11 3.26 -1.95
C TYR A 67 -1.93 3.80 -1.19
N THR A 68 -1.04 4.53 -1.89
CA THR A 68 0.14 5.03 -1.23
C THR A 68 0.18 6.52 -1.35
N CYS A 69 0.89 7.17 -0.40
CA CYS A 69 1.00 8.60 -0.40
C CYS A 69 2.46 8.92 -0.50
N GLY A 70 2.79 10.09 -1.08
CA GLY A 70 4.17 10.50 -1.18
C GLY A 70 4.63 10.32 -2.60
N ASP A 71 3.99 9.37 -3.34
CA ASP A 71 4.36 9.15 -4.72
C ASP A 71 5.83 8.77 -4.81
N PRO A 72 6.13 7.52 -4.50
CA PRO A 72 7.51 7.05 -4.55
C PRO A 72 8.02 6.83 -5.96
N SER A 73 7.80 7.82 -6.85
CA SER A 73 8.25 7.69 -8.23
C SER A 73 9.68 8.15 -8.31
N GLU A 74 10.11 9.01 -7.36
CA GLU A 74 11.46 9.51 -7.37
C GLU A 74 12.29 8.64 -6.46
N LEU A 75 11.66 7.59 -5.89
CA LEU A 75 12.38 6.70 -5.01
C LEU A 75 13.18 5.76 -5.85
N ASP A 76 14.24 5.17 -5.25
CA ASP A 76 15.10 4.27 -5.97
C ASP A 76 14.33 3.02 -6.29
N GLU A 77 14.69 2.38 -7.43
CA GLU A 77 14.04 1.16 -7.85
C GLU A 77 14.40 0.09 -6.85
N CYS A 78 13.40 -0.75 -6.50
CA CYS A 78 13.62 -1.80 -5.54
C CYS A 78 14.36 -2.93 -6.18
N TYR A 79 15.05 -3.74 -5.36
CA TYR A 79 15.80 -4.86 -5.85
C TYR A 79 14.89 -6.07 -5.74
N ASP A 80 15.24 -7.17 -6.44
CA ASP A 80 14.43 -8.37 -6.42
C ASP A 80 14.37 -8.93 -5.03
N ILE A 81 15.52 -9.00 -4.32
CA ILE A 81 15.53 -9.55 -2.99
C ILE A 81 15.99 -8.50 -2.04
N ASP A 82 15.03 -7.81 -1.40
CA ASP A 82 15.36 -6.79 -0.45
C ASP A 82 14.08 -6.38 0.20
N LYS A 83 14.15 -5.62 1.30
CA LYS A 83 12.95 -5.19 1.97
C LYS A 83 12.27 -4.22 1.06
N ALA A 84 11.07 -4.61 0.56
CA ALA A 84 10.37 -3.76 -0.36
C ALA A 84 9.21 -3.12 0.34
N LEU A 85 8.63 -3.79 1.35
CA LEU A 85 7.50 -3.20 2.01
C LEU A 85 7.52 -3.60 3.44
N GLU A 86 7.28 -2.61 4.34
CA GLU A 86 7.27 -2.87 5.75
C GLU A 86 5.87 -2.63 6.21
N VAL A 87 5.25 -3.64 6.84
CA VAL A 87 3.89 -3.52 7.29
C VAL A 87 3.82 -4.01 8.71
N ASN A 88 2.75 -3.59 9.44
CA ASN A 88 2.60 -4.00 10.82
C ASN A 88 1.98 -5.38 10.88
N GLU A 89 1.15 -5.74 9.87
CA GLU A 89 0.52 -7.04 9.88
C GLU A 89 0.47 -7.52 8.47
N SER A 90 0.85 -8.79 8.27
CA SER A 90 0.88 -9.37 6.94
C SER A 90 -0.51 -9.58 6.41
N ASP A 91 -1.45 -10.06 7.26
CA ASP A 91 -2.79 -10.36 6.78
C ASP A 91 -3.58 -9.11 6.55
N ASP A 92 -3.47 -8.10 7.43
CA ASP A 92 -4.26 -6.91 7.26
C ASP A 92 -3.51 -5.75 7.87
N PRO A 93 -2.60 -5.19 7.10
CA PRO A 93 -1.81 -4.07 7.58
C PRO A 93 -2.56 -2.77 7.61
N ASN A 94 -2.26 -1.94 8.62
CA ASN A 94 -2.91 -0.66 8.75
C ASN A 94 -1.86 0.38 8.49
N SER A 95 -0.60 0.04 8.81
CA SER A 95 0.48 0.97 8.60
C SER A 95 1.42 0.31 7.65
N VAL A 96 1.61 0.93 6.47
CA VAL A 96 2.50 0.37 5.48
C VAL A 96 3.45 1.48 5.13
N GLU A 97 4.77 1.21 5.22
CA GLU A 97 5.74 2.24 4.91
C GLU A 97 6.44 1.86 3.64
N VAL A 98 6.52 2.82 2.70
CA VAL A 98 7.20 2.57 1.44
C VAL A 98 8.66 2.78 1.66
N LEU A 99 9.48 1.73 1.35
CA LEU A 99 10.91 1.83 1.51
C LEU A 99 11.53 2.02 0.17
N CYS A 100 10.85 1.57 -0.89
CA CYS A 100 11.43 1.66 -2.22
C CYS A 100 10.33 1.80 -3.23
N HIS A 101 10.73 2.12 -4.49
CA HIS A 101 9.78 2.30 -5.55
C HIS A 101 9.57 1.00 -6.24
N CYS A 102 8.28 0.60 -6.40
CA CYS A 102 7.96 -0.59 -7.12
C CYS A 102 7.08 -0.17 -8.25
N PRO A 103 7.36 -0.68 -9.43
CA PRO A 103 6.57 -0.35 -10.61
C PRO A 103 5.25 -1.06 -10.62
N SER A 104 4.32 -0.61 -11.49
CA SER A 104 3.01 -1.21 -11.56
C SER A 104 3.12 -2.56 -12.23
N ASP A 105 4.31 -2.89 -12.76
CA ASP A 105 4.49 -4.16 -13.42
C ASP A 105 5.00 -5.16 -12.41
N LYS A 106 5.10 -4.76 -11.12
CA LYS A 106 5.57 -5.68 -10.11
C LYS A 106 4.62 -5.63 -8.95
N ILE A 107 4.67 -6.70 -8.12
CA ILE A 107 3.80 -6.79 -6.99
C ILE A 107 4.65 -7.02 -5.78
N TYR A 108 4.05 -6.84 -4.59
CA TYR A 108 4.75 -7.08 -3.36
C TYR A 108 4.41 -8.49 -2.99
N LEU A 109 5.42 -9.37 -2.96
CA LEU A 109 5.19 -10.75 -2.65
C LEU A 109 5.50 -10.99 -1.20
N TRP A 110 4.53 -11.61 -0.49
CA TRP A 110 4.71 -11.89 0.91
C TRP A 110 5.44 -13.19 1.05
N ILE A 111 6.59 -13.17 1.77
CA ILE A 111 7.35 -14.37 1.99
C ILE A 111 7.78 -14.36 3.43
N HIS A 112 8.09 -15.56 3.97
CA HIS A 112 8.55 -15.67 5.34
C HIS A 112 7.44 -15.24 6.27
N ARG A 113 7.81 -14.86 7.52
CA ARG A 113 6.84 -14.44 8.50
C ARG A 113 6.15 -13.19 8.02
N GLY A 114 6.92 -12.20 7.52
CA GLY A 114 6.32 -10.98 7.06
C GLY A 114 7.37 -10.17 6.39
N TYR A 115 7.85 -10.66 5.23
CA TYR A 115 8.87 -9.95 4.50
C TYR A 115 8.32 -9.78 3.12
N TYR A 116 8.19 -8.53 2.64
CA TYR A 116 7.67 -8.32 1.32
C TYR A 116 8.80 -7.96 0.41
N ILE A 117 8.79 -8.57 -0.80
CA ILE A 117 9.84 -8.31 -1.77
C ILE A 117 9.17 -7.83 -3.02
N CYS A 118 9.91 -7.07 -3.85
CA CYS A 118 9.37 -6.54 -5.07
C CYS A 118 9.72 -7.50 -6.16
N ILE A 119 8.69 -8.10 -6.81
CA ILE A 119 8.96 -9.06 -7.85
C ILE A 119 7.83 -9.03 -8.83
N THR A 120 8.12 -9.39 -10.10
CA THR A 120 7.11 -9.42 -11.13
C THR A 120 6.24 -10.61 -10.82
N PRO A 121 4.94 -10.42 -10.84
CA PRO A 121 4.00 -11.51 -10.51
C PRO A 121 4.02 -12.64 -11.50
N PRO A 122 4.31 -13.84 -11.07
CA PRO A 122 4.31 -15.00 -11.94
C PRO A 122 2.93 -15.54 -12.16
N GLN A 123 2.62 -15.94 -13.41
CA GLN A 123 1.33 -16.48 -13.71
C GLN A 123 1.38 -17.95 -13.40
N PRO A 124 0.49 -18.42 -12.55
CA PRO A 124 0.44 -19.82 -12.20
C PRO A 124 -0.12 -20.68 -13.30
N LYS A 1 -23.19 7.56 -2.00
CA LYS A 1 -22.06 8.24 -1.32
C LYS A 1 -22.01 9.69 -1.74
N SER A 2 -21.72 9.93 -3.04
CA SER A 2 -21.66 11.28 -3.57
C SER A 2 -20.57 12.04 -2.87
N HIS A 3 -19.41 11.39 -2.63
CA HIS A 3 -18.31 12.05 -1.98
C HIS A 3 -17.20 12.09 -2.97
N THR A 4 -16.52 13.26 -3.10
CA THR A 4 -15.46 13.39 -4.06
C THR A 4 -14.16 13.00 -3.40
N THR A 5 -14.13 12.96 -2.05
CA THR A 5 -12.92 12.59 -1.36
C THR A 5 -13.29 11.69 -0.22
N CYS A 6 -12.29 10.93 0.29
CA CYS A 6 -12.52 10.03 1.39
C CYS A 6 -12.59 10.85 2.64
N PRO A 7 -13.36 10.39 3.60
CA PRO A 7 -13.50 11.08 4.87
C PRO A 7 -12.27 11.00 5.71
N THR A 8 -12.07 11.98 6.61
CA THR A 8 -10.91 11.98 7.47
C THR A 8 -11.36 11.58 8.84
N SER A 9 -10.75 10.49 9.37
CA SER A 9 -11.10 10.04 10.69
C SER A 9 -10.25 10.77 11.68
N THR A 10 -10.78 10.99 12.89
CA THR A 10 -10.03 11.69 13.92
C THR A 10 -9.50 10.67 14.88
N GLU A 11 -9.71 9.37 14.57
CA GLU A 11 -9.23 8.32 15.44
C GLU A 11 -7.90 7.85 14.94
N ILE A 12 -7.32 8.57 13.94
CA ILE A 12 -6.05 8.17 13.41
C ILE A 12 -5.11 9.33 13.56
N ASP A 13 -3.79 9.04 13.57
CA ASP A 13 -2.79 10.05 13.72
C ASP A 13 -2.13 10.27 12.40
N SER A 14 -1.43 11.41 12.25
CA SER A 14 -0.75 11.72 11.02
C SER A 14 0.42 10.78 10.89
N CYS A 15 0.77 10.46 9.63
CA CYS A 15 1.86 9.55 9.36
C CYS A 15 3.15 10.22 9.73
N SER A 16 4.08 9.43 10.30
CA SER A 16 5.37 9.95 10.71
C SER A 16 6.12 10.37 9.49
N ASN A 17 6.10 9.55 8.41
CA ASN A 17 6.84 9.87 7.22
C ASN A 17 5.85 10.07 6.11
N ASP A 18 6.27 10.82 5.07
CA ASP A 18 5.41 11.10 3.94
C ASP A 18 5.50 9.95 2.96
N ASN A 19 6.36 8.95 3.23
CA ASN A 19 6.51 7.85 2.32
C ASN A 19 5.72 6.69 2.84
N ASN A 20 4.74 6.97 3.72
CA ASN A 20 3.94 5.89 4.25
C ASN A 20 2.69 5.80 3.43
N ALA A 21 2.18 4.56 3.26
CA ALA A 21 0.99 4.34 2.48
C ALA A 21 -0.19 4.52 3.40
N CYS A 22 -1.35 4.89 2.81
CA CYS A 22 -2.54 5.09 3.60
C CYS A 22 -3.73 4.66 2.79
N GLY A 23 -4.77 4.19 3.49
CA GLY A 23 -6.00 3.79 2.84
C GLY A 23 -5.92 2.36 2.43
N LYS A 24 -7.11 1.72 2.32
CA LYS A 24 -7.18 0.34 1.94
C LYS A 24 -8.56 0.13 1.38
N ASP A 25 -8.70 -0.84 0.45
CA ASP A 25 -9.99 -1.14 -0.13
C ASP A 25 -10.40 -2.48 0.39
N VAL A 26 -11.46 -2.50 1.26
CA VAL A 26 -11.90 -3.76 1.82
C VAL A 26 -13.36 -3.95 1.47
N SER A 27 -14.22 -3.02 1.92
CA SER A 27 -15.64 -3.15 1.67
C SER A 27 -16.03 -2.28 0.52
N GLY A 28 -15.05 -1.66 -0.17
CA GLY A 28 -15.36 -0.79 -1.28
C GLY A 28 -15.30 0.61 -0.76
N SER A 29 -15.24 0.76 0.58
CA SER A 29 -15.15 2.07 1.17
C SER A 29 -13.70 2.25 1.53
N CYS A 30 -13.18 3.47 1.32
CA CYS A 30 -11.80 3.73 1.63
C CYS A 30 -11.68 4.04 3.09
N SER A 31 -10.95 3.18 3.83
CA SER A 31 -10.77 3.39 5.24
C SER A 31 -9.52 4.20 5.40
N SER A 32 -9.55 5.24 6.26
CA SER A 32 -8.38 6.04 6.48
C SER A 32 -7.62 5.37 7.59
N LEU A 33 -6.41 4.86 7.25
CA LEU A 33 -5.63 4.14 8.24
C LEU A 33 -4.65 5.08 8.88
N CYS A 34 -4.18 6.07 8.11
CA CYS A 34 -3.21 6.99 8.63
C CYS A 34 -3.44 8.30 7.96
N ASN A 35 -3.31 9.39 8.74
CA ASN A 35 -3.51 10.71 8.20
C ASN A 35 -2.24 11.06 7.48
N CYS A 36 -2.31 11.07 6.15
CA CYS A 36 -1.15 11.36 5.35
C CYS A 36 -0.87 12.85 5.45
N GLY A 37 0.38 13.20 5.79
CA GLY A 37 0.75 14.59 5.89
C GLY A 37 0.01 15.21 7.04
N ASN A 38 -0.73 16.30 6.75
CA ASN A 38 -1.46 17.01 7.78
C ASN A 38 -2.85 16.44 7.87
N GLY A 39 -3.16 15.40 7.06
CA GLY A 39 -4.49 14.82 7.09
C GLY A 39 -5.03 14.81 5.71
N GLN A 40 -4.24 14.28 4.75
CA GLN A 40 -4.67 14.21 3.38
C GLN A 40 -5.70 13.13 3.30
N THR A 41 -6.73 13.35 2.46
CA THR A 41 -7.82 12.40 2.32
C THR A 41 -7.30 11.06 1.81
N CYS A 42 -6.16 11.07 1.09
CA CYS A 42 -5.55 9.85 0.55
C CYS A 42 -6.28 9.45 -0.71
N PHE A 43 -7.49 9.99 -0.93
CA PHE A 43 -8.26 9.66 -2.12
C PHE A 43 -7.57 10.25 -3.33
N THR A 44 -7.01 11.46 -3.16
CA THR A 44 -6.36 12.16 -4.25
C THR A 44 -5.06 11.48 -4.62
N ASP A 45 -4.67 10.41 -3.88
CA ASP A 45 -3.45 9.71 -4.17
C ASP A 45 -3.79 8.46 -4.96
N SER A 46 -4.96 8.48 -5.63
CA SER A 46 -5.40 7.33 -6.42
C SER A 46 -4.43 7.06 -7.54
N ASN A 47 -3.85 8.12 -8.13
CA ASN A 47 -2.92 7.93 -9.23
C ASN A 47 -1.63 7.35 -8.73
N HIS A 48 -1.45 7.26 -7.39
CA HIS A 48 -0.21 6.72 -6.85
C HIS A 48 -0.52 5.41 -6.18
N THR A 49 -1.62 4.74 -6.60
CA THR A 49 -1.99 3.47 -6.00
C THR A 49 -0.96 2.43 -6.35
N ILE A 50 -0.84 1.42 -5.47
CA ILE A 50 0.12 0.35 -5.68
C ILE A 50 -0.63 -0.95 -5.54
N THR A 51 -0.02 -2.06 -6.02
CA THR A 51 -0.67 -3.35 -5.95
C THR A 51 0.10 -4.19 -4.97
N LEU A 52 -0.63 -4.75 -3.97
CA LEU A 52 -0.03 -5.57 -2.96
C LEU A 52 -0.74 -6.90 -3.00
N VAL A 53 0.03 -8.02 -2.98
CA VAL A 53 -0.59 -9.33 -3.01
C VAL A 53 -0.24 -10.04 -1.72
N PRO A 54 -1.16 -9.98 -0.77
CA PRO A 54 -0.96 -10.63 0.52
C PRO A 54 -1.11 -12.13 0.48
N TYR A 55 -1.93 -12.64 -0.46
CA TYR A 55 -2.14 -14.06 -0.53
C TYR A 55 -2.65 -14.39 -1.90
N TYR A 56 -2.61 -15.69 -2.25
CA TYR A 56 -3.08 -16.14 -3.54
C TYR A 56 -4.34 -16.93 -3.32
N THR A 57 -5.20 -16.98 -4.35
CA THR A 57 -6.43 -17.71 -4.25
C THR A 57 -6.46 -18.69 -5.39
N GLU A 58 -7.45 -19.60 -5.38
CA GLU A 58 -7.57 -20.59 -6.42
C GLU A 58 -7.84 -19.90 -7.73
N ASP A 59 -8.63 -18.81 -7.69
CA ASP A 59 -8.98 -18.09 -8.90
C ASP A 59 -7.75 -17.41 -9.46
N GLY A 60 -6.75 -17.10 -8.61
CA GLY A 60 -5.56 -16.45 -9.09
C GLY A 60 -5.04 -15.58 -8.00
N PRO A 61 -4.19 -14.66 -8.39
CA PRO A 61 -3.60 -13.71 -7.45
C PRO A 61 -4.60 -12.73 -6.92
N PHE A 62 -4.51 -12.42 -5.62
CA PHE A 62 -5.43 -11.48 -5.03
C PHE A 62 -4.72 -10.16 -5.01
N GLU A 63 -5.23 -9.20 -5.79
CA GLU A 63 -4.60 -7.92 -5.86
C GLU A 63 -5.32 -7.00 -4.92
N LYS A 64 -4.57 -6.45 -3.94
CA LYS A 64 -5.15 -5.54 -2.99
C LYS A 64 -4.52 -4.21 -3.29
N LYS A 65 -5.34 -3.15 -3.41
CA LYS A 65 -4.83 -1.86 -3.77
C LYS A 65 -4.59 -1.04 -2.53
N TYR A 66 -3.51 -0.24 -2.55
CA TYR A 66 -3.16 0.61 -1.46
C TYR A 66 -2.74 1.90 -2.09
N TYR A 67 -2.81 3.01 -1.33
CA TYR A 67 -2.46 4.30 -1.89
C TYR A 67 -1.24 4.79 -1.16
N THR A 68 -0.32 5.46 -1.89
CA THR A 68 0.88 5.94 -1.28
C THR A 68 0.95 7.43 -1.51
N CYS A 69 1.67 8.14 -0.63
CA CYS A 69 1.79 9.57 -0.76
C CYS A 69 3.12 9.92 -1.34
N GLY A 70 3.12 10.82 -2.34
CA GLY A 70 4.34 11.31 -2.95
C GLY A 70 4.81 10.34 -4.00
N ASP A 71 4.72 9.02 -3.71
CA ASP A 71 5.16 8.02 -4.65
C ASP A 71 6.68 8.00 -4.62
N PRO A 72 7.25 6.83 -4.43
CA PRO A 72 8.70 6.69 -4.37
C PRO A 72 9.32 6.66 -5.74
N SER A 73 9.05 7.70 -6.55
CA SER A 73 9.57 7.78 -7.90
C SER A 73 11.05 8.05 -7.87
N GLU A 74 11.51 8.91 -6.93
CA GLU A 74 12.91 9.26 -6.88
C GLU A 74 13.62 8.34 -5.92
N LEU A 75 12.93 7.30 -5.42
CA LEU A 75 13.55 6.39 -4.50
C LEU A 75 14.33 5.37 -5.30
N ASP A 76 15.30 4.71 -4.63
CA ASP A 76 16.12 3.71 -5.29
C ASP A 76 15.24 2.54 -5.65
N GLU A 77 15.59 1.85 -6.76
CA GLU A 77 14.82 0.72 -7.21
C GLU A 77 14.95 -0.40 -6.21
N CYS A 78 13.82 -1.10 -5.93
CA CYS A 78 13.83 -2.19 -4.99
C CYS A 78 14.63 -3.33 -5.56
N TYR A 79 15.25 -4.11 -4.66
CA TYR A 79 16.04 -5.23 -5.09
C TYR A 79 15.13 -6.44 -5.10
N ASP A 80 15.56 -7.52 -5.77
CA ASP A 80 14.77 -8.72 -5.87
C ASP A 80 14.56 -9.30 -4.50
N ILE A 81 15.59 -9.23 -3.63
CA ILE A 81 15.48 -9.78 -2.30
C ILE A 81 15.64 -8.65 -1.33
N ASP A 82 15.40 -8.95 -0.02
CA ASP A 82 15.49 -7.98 1.05
C ASP A 82 14.11 -7.43 1.26
N LYS A 83 13.93 -6.60 2.33
CA LYS A 83 12.63 -6.05 2.61
C LYS A 83 12.36 -4.96 1.63
N ALA A 84 11.27 -5.12 0.85
CA ALA A 84 10.90 -4.13 -0.13
C ALA A 84 9.75 -3.34 0.42
N LEU A 85 9.00 -3.91 1.40
CA LEU A 85 7.88 -3.21 1.97
C LEU A 85 7.79 -3.62 3.40
N GLU A 86 7.67 -2.62 4.30
CA GLU A 86 7.59 -2.91 5.71
C GLU A 86 6.20 -2.59 6.15
N VAL A 87 5.51 -3.57 6.74
CA VAL A 87 4.16 -3.36 7.18
C VAL A 87 4.03 -3.92 8.57
N ASN A 88 2.99 -3.47 9.33
CA ASN A 88 2.80 -3.95 10.68
C ASN A 88 2.07 -5.27 10.65
N GLU A 89 1.30 -5.56 9.58
CA GLU A 89 0.58 -6.80 9.51
C GLU A 89 0.51 -7.18 8.07
N SER A 90 0.61 -8.48 7.79
CA SER A 90 0.60 -8.95 6.42
C SER A 90 -0.83 -9.13 5.95
N ASP A 91 -1.73 -9.65 6.81
CA ASP A 91 -3.09 -9.90 6.39
C ASP A 91 -3.79 -8.59 6.07
N ASP A 92 -3.57 -7.55 6.89
CA ASP A 92 -4.23 -6.29 6.64
C ASP A 92 -3.43 -5.24 7.35
N PRO A 93 -2.45 -4.68 6.66
CA PRO A 93 -1.59 -3.67 7.23
C PRO A 93 -2.30 -2.35 7.44
N ASN A 94 -1.94 -1.66 8.54
CA ASN A 94 -2.53 -0.40 8.84
C ASN A 94 -1.51 0.65 8.54
N SER A 95 -0.22 0.31 8.72
CA SER A 95 0.85 1.23 8.44
C SER A 95 1.76 0.54 7.47
N VAL A 96 2.05 1.21 6.34
CA VAL A 96 2.92 0.64 5.34
C VAL A 96 3.99 1.66 5.09
N GLU A 97 5.27 1.24 5.19
CA GLU A 97 6.35 2.17 4.97
C GLU A 97 7.08 1.75 3.73
N VAL A 98 7.28 2.71 2.82
CA VAL A 98 7.98 2.44 1.59
C VAL A 98 9.46 2.52 1.87
N LEU A 99 10.20 1.45 1.50
CA LEU A 99 11.63 1.44 1.71
C LEU A 99 12.31 1.72 0.40
N CYS A 100 11.65 1.37 -0.72
CA CYS A 100 12.28 1.58 -2.01
C CYS A 100 11.22 1.68 -3.07
N HIS A 101 11.65 2.03 -4.30
CA HIS A 101 10.76 2.19 -5.42
C HIS A 101 10.36 0.84 -5.94
N CYS A 102 9.04 0.59 -5.97
CA CYS A 102 8.53 -0.64 -6.48
C CYS A 102 7.63 -0.24 -7.62
N PRO A 103 7.92 -0.70 -8.81
CA PRO A 103 7.13 -0.33 -9.98
C PRO A 103 5.78 -0.98 -10.03
N SER A 104 4.86 -0.40 -10.84
CA SER A 104 3.52 -0.92 -10.95
C SER A 104 3.53 -2.17 -11.77
N ASP A 105 4.69 -2.50 -12.39
CA ASP A 105 4.78 -3.69 -13.19
C ASP A 105 5.14 -4.83 -12.29
N LYS A 106 5.33 -4.55 -10.98
CA LYS A 106 5.68 -5.59 -10.05
C LYS A 106 4.74 -5.50 -8.90
N ILE A 107 4.67 -6.58 -8.11
CA ILE A 107 3.79 -6.63 -6.98
C ILE A 107 4.60 -6.94 -5.77
N TYR A 108 4.00 -6.71 -4.58
CA TYR A 108 4.67 -7.02 -3.36
C TYR A 108 4.20 -8.41 -3.01
N LEU A 109 5.16 -9.36 -2.98
CA LEU A 109 4.80 -10.73 -2.72
C LEU A 109 5.06 -11.01 -1.27
N TRP A 110 4.03 -11.54 -0.58
CA TRP A 110 4.15 -11.87 0.82
C TRP A 110 4.77 -13.24 0.91
N ILE A 111 5.90 -13.33 1.62
CA ILE A 111 6.56 -14.61 1.80
C ILE A 111 6.94 -14.70 3.24
N HIS A 112 7.11 -15.95 3.74
CA HIS A 112 7.49 -16.19 5.11
C HIS A 112 6.43 -15.61 6.02
N ARG A 113 6.83 -15.30 7.28
CA ARG A 113 5.91 -14.76 8.26
C ARG A 113 5.35 -13.45 7.78
N GLY A 114 6.22 -12.56 7.25
CA GLY A 114 5.72 -11.28 6.81
C GLY A 114 6.84 -10.54 6.15
N TYR A 115 7.35 -11.09 5.04
CA TYR A 115 8.42 -10.44 4.32
C TYR A 115 7.86 -10.12 2.98
N TYR A 116 7.91 -8.82 2.59
CA TYR A 116 7.40 -8.43 1.30
C TYR A 116 8.55 -8.07 0.43
N ILE A 117 8.55 -8.66 -0.79
CA ILE A 117 9.59 -8.40 -1.74
C ILE A 117 8.92 -8.00 -3.02
N CYS A 118 9.64 -7.24 -3.88
CA CYS A 118 9.06 -6.80 -5.13
C CYS A 118 9.44 -7.81 -6.16
N ILE A 119 8.43 -8.38 -6.84
CA ILE A 119 8.68 -9.36 -7.85
C ILE A 119 7.61 -9.22 -8.88
N THR A 120 7.90 -9.61 -10.13
CA THR A 120 6.92 -9.52 -11.18
C THR A 120 5.92 -10.60 -10.90
N PRO A 121 4.65 -10.26 -10.93
CA PRO A 121 3.60 -11.22 -10.62
C PRO A 121 3.49 -12.35 -11.61
N PRO A 122 3.65 -13.57 -11.17
CA PRO A 122 3.54 -14.73 -12.04
C PRO A 122 2.11 -15.11 -12.26
N GLN A 123 1.77 -15.55 -13.50
CA GLN A 123 0.43 -15.95 -13.80
C GLN A 123 0.30 -17.41 -13.45
N PRO A 124 -0.56 -17.74 -12.50
CA PRO A 124 -0.74 -19.12 -12.11
C PRO A 124 -1.59 -19.90 -13.06
N LYS A 1 -18.62 11.09 2.85
CA LYS A 1 -18.06 11.53 1.55
C LYS A 1 -17.70 12.99 1.61
N SER A 2 -16.40 13.29 1.38
CA SER A 2 -15.96 14.67 1.43
C SER A 2 -15.85 15.15 0.01
N HIS A 3 -17.01 15.51 -0.58
CA HIS A 3 -17.05 16.01 -1.94
C HIS A 3 -16.63 14.90 -2.87
N THR A 4 -15.43 15.00 -3.46
CA THR A 4 -14.95 13.99 -4.38
C THR A 4 -13.78 13.28 -3.75
N THR A 5 -13.61 13.41 -2.42
CA THR A 5 -12.51 12.77 -1.75
C THR A 5 -13.06 11.97 -0.61
N CYS A 6 -12.27 10.99 -0.12
CA CYS A 6 -12.72 10.17 0.98
C CYS A 6 -12.54 10.95 2.24
N PRO A 7 -13.39 10.69 3.21
CA PRO A 7 -13.32 11.36 4.50
C PRO A 7 -12.19 10.86 5.34
N THR A 8 -11.77 11.68 6.34
CA THR A 8 -10.68 11.28 7.19
C THR A 8 -11.27 10.72 8.44
N SER A 9 -10.59 9.71 9.03
CA SER A 9 -11.07 9.10 10.24
C SER A 9 -10.65 9.98 11.39
N THR A 10 -11.40 9.92 12.51
CA THR A 10 -11.07 10.73 13.66
C THR A 10 -10.24 9.91 14.61
N GLU A 11 -9.99 8.63 14.25
CA GLU A 11 -9.22 7.75 15.11
C GLU A 11 -7.85 7.60 14.52
N ILE A 12 -7.47 8.49 13.57
CA ILE A 12 -6.16 8.39 12.95
C ILE A 12 -5.49 9.73 13.10
N ASP A 13 -4.17 9.76 12.83
CA ASP A 13 -3.43 10.99 12.93
C ASP A 13 -2.54 11.06 11.72
N SER A 14 -1.78 12.17 11.59
CA SER A 14 -0.89 12.33 10.46
C SER A 14 0.22 11.32 10.61
N CYS A 15 0.66 10.77 9.46
CA CYS A 15 1.71 9.78 9.45
C CYS A 15 3.00 10.45 9.82
N SER A 16 3.89 9.72 10.52
CA SER A 16 5.17 10.28 10.91
C SER A 16 5.95 10.55 9.65
N ASN A 17 5.87 9.62 8.66
CA ASN A 17 6.57 9.80 7.42
C ASN A 17 5.53 9.97 6.35
N ASP A 18 5.85 10.78 5.33
CA ASP A 18 4.89 11.03 4.27
C ASP A 18 4.95 9.93 3.24
N ASN A 19 5.87 8.94 3.42
CA ASN A 19 5.99 7.89 2.44
C ASN A 19 5.21 6.69 2.91
N ASN A 20 4.23 6.89 3.82
CA ASN A 20 3.45 5.78 4.29
C ASN A 20 2.27 5.60 3.38
N ALA A 21 1.70 4.38 3.37
CA ALA A 21 0.57 4.08 2.53
C ALA A 21 -0.67 4.34 3.34
N CYS A 22 -1.79 4.59 2.63
CA CYS A 22 -3.04 4.88 3.30
C CYS A 22 -4.15 4.48 2.38
N GLY A 23 -5.15 3.76 2.93
CA GLY A 23 -6.29 3.38 2.14
C GLY A 23 -6.20 1.94 1.81
N LYS A 24 -7.36 1.27 1.84
CA LYS A 24 -7.42 -0.13 1.54
C LYS A 24 -8.82 -0.42 1.10
N ASP A 25 -9.00 -1.51 0.31
CA ASP A 25 -10.31 -1.87 -0.17
C ASP A 25 -10.74 -3.09 0.59
N VAL A 26 -11.76 -2.95 1.47
CA VAL A 26 -12.23 -4.08 2.24
C VAL A 26 -13.69 -4.28 1.94
N SER A 27 -14.53 -3.27 2.28
CA SER A 27 -15.95 -3.38 2.07
C SER A 27 -16.33 -2.63 0.83
N GLY A 28 -15.34 -2.11 0.08
CA GLY A 28 -15.65 -1.36 -1.11
C GLY A 28 -15.61 0.09 -0.75
N SER A 29 -15.52 0.38 0.57
CA SER A 29 -15.46 1.74 1.02
C SER A 29 -14.02 2.03 1.31
N CYS A 30 -13.57 3.26 1.00
CA CYS A 30 -12.19 3.60 1.22
C CYS A 30 -12.01 3.89 2.69
N SER A 31 -11.20 3.05 3.36
CA SER A 31 -10.95 3.25 4.77
C SER A 31 -9.74 4.12 4.89
N SER A 32 -9.75 5.07 5.87
CA SER A 32 -8.62 5.95 6.05
C SER A 32 -7.86 5.36 7.20
N LEU A 33 -6.58 5.01 6.95
CA LEU A 33 -5.78 4.37 7.97
C LEU A 33 -4.84 5.37 8.58
N CYS A 34 -4.36 6.34 7.79
CA CYS A 34 -3.41 7.30 8.32
C CYS A 34 -3.50 8.54 7.49
N ASN A 35 -3.42 9.70 8.17
CA ASN A 35 -3.50 10.97 7.47
C ASN A 35 -2.16 11.22 6.84
N CYS A 36 -2.16 11.58 5.54
CA CYS A 36 -0.92 11.84 4.85
C CYS A 36 -0.65 13.31 4.91
N GLY A 37 0.61 13.67 5.20
CA GLY A 37 0.99 15.07 5.27
C GLY A 37 0.40 15.68 6.50
N ASN A 38 -0.23 16.86 6.34
CA ASN A 38 -0.81 17.55 7.46
C ASN A 38 -2.25 17.14 7.60
N GLY A 39 -2.72 16.22 6.72
CA GLY A 39 -4.10 15.79 6.79
C GLY A 39 -4.66 15.84 5.41
N GLN A 40 -4.05 15.09 4.48
CA GLN A 40 -4.52 15.05 3.12
C GLN A 40 -5.34 13.80 2.96
N THR A 41 -6.29 13.84 2.00
CA THR A 41 -7.15 12.70 1.77
C THR A 41 -6.30 11.63 1.13
N CYS A 42 -6.73 10.36 1.29
CA CYS A 42 -5.97 9.27 0.74
C CYS A 42 -6.57 8.88 -0.59
N PHE A 43 -7.68 9.54 -0.97
CA PHE A 43 -8.34 9.25 -2.23
C PHE A 43 -7.52 9.76 -3.39
N THR A 44 -6.86 10.92 -3.21
CA THR A 44 -6.10 11.53 -4.28
C THR A 44 -4.83 10.74 -4.54
N ASP A 45 -4.58 9.68 -3.75
CA ASP A 45 -3.39 8.89 -3.93
C ASP A 45 -3.75 7.69 -4.79
N SER A 46 -4.90 7.75 -5.48
CA SER A 46 -5.34 6.67 -6.33
C SER A 46 -4.32 6.44 -7.42
N ASN A 47 -3.76 7.54 -7.97
CA ASN A 47 -2.79 7.44 -9.03
C ASN A 47 -1.56 6.71 -8.55
N HIS A 48 -1.31 6.70 -7.22
CA HIS A 48 -0.12 6.05 -6.70
C HIS A 48 -0.50 4.72 -6.12
N THR A 49 -1.62 4.12 -6.59
CA THR A 49 -2.05 2.84 -6.07
C THR A 49 -0.99 1.80 -6.40
N ILE A 50 -0.89 0.79 -5.51
CA ILE A 50 0.08 -0.27 -5.69
C ILE A 50 -0.67 -1.57 -5.61
N THR A 51 -0.02 -2.67 -6.05
CA THR A 51 -0.65 -3.96 -6.01
C THR A 51 0.11 -4.80 -5.02
N LEU A 52 -0.62 -5.36 -4.04
CA LEU A 52 0.00 -6.17 -3.02
C LEU A 52 -0.67 -7.52 -3.06
N VAL A 53 0.13 -8.60 -3.11
CA VAL A 53 -0.43 -9.93 -3.15
C VAL A 53 -0.02 -10.64 -1.89
N PRO A 54 -0.91 -10.69 -0.92
CA PRO A 54 -0.64 -11.36 0.35
C PRO A 54 -0.65 -12.86 0.22
N TYR A 55 -1.48 -13.38 -0.70
CA TYR A 55 -1.57 -14.81 -0.87
C TYR A 55 -2.17 -15.10 -2.21
N TYR A 56 -2.02 -16.36 -2.68
CA TYR A 56 -2.58 -16.77 -3.94
C TYR A 56 -3.74 -17.67 -3.66
N THR A 57 -4.68 -17.77 -4.61
CA THR A 57 -5.84 -18.61 -4.41
C THR A 57 -5.93 -19.52 -5.60
N GLU A 58 -6.77 -20.57 -5.50
CA GLU A 58 -6.93 -21.51 -6.59
C GLU A 58 -7.66 -20.82 -7.71
N ASP A 59 -8.30 -19.66 -7.43
CA ASP A 59 -9.02 -18.95 -8.45
C ASP A 59 -8.04 -18.09 -9.22
N GLY A 60 -6.81 -17.91 -8.69
CA GLY A 60 -5.83 -17.11 -9.37
C GLY A 60 -5.17 -16.24 -8.35
N PRO A 61 -4.46 -15.25 -8.85
CA PRO A 61 -3.76 -14.30 -8.01
C PRO A 61 -4.70 -13.36 -7.33
N PHE A 62 -4.44 -13.06 -6.04
CA PHE A 62 -5.29 -12.17 -5.31
C PHE A 62 -4.56 -10.86 -5.26
N GLU A 63 -5.09 -9.84 -5.96
CA GLU A 63 -4.45 -8.56 -6.00
C GLU A 63 -5.21 -7.65 -5.09
N LYS A 64 -4.50 -7.07 -4.10
CA LYS A 64 -5.12 -6.17 -3.18
C LYS A 64 -4.55 -4.83 -3.47
N LYS A 65 -5.40 -3.79 -3.55
CA LYS A 65 -4.94 -2.46 -3.88
C LYS A 65 -4.73 -1.68 -2.62
N TYR A 66 -3.68 -0.83 -2.66
CA TYR A 66 -3.34 0.01 -1.55
C TYR A 66 -2.89 1.29 -2.19
N TYR A 67 -3.05 2.43 -1.49
CA TYR A 67 -2.65 3.69 -2.07
C TYR A 67 -1.49 4.15 -1.26
N THR A 68 -0.51 4.82 -1.90
CA THR A 68 0.67 5.25 -1.19
C THR A 68 0.77 6.74 -1.28
N CYS A 69 1.48 7.34 -0.31
CA CYS A 69 1.65 8.78 -0.28
C CYS A 69 3.12 9.05 -0.37
N GLY A 70 3.48 10.28 -0.80
CA GLY A 70 4.87 10.66 -0.89
C GLY A 70 5.31 10.57 -2.31
N ASP A 71 4.57 9.79 -3.14
CA ASP A 71 4.92 9.66 -4.55
C ASP A 71 6.34 9.15 -4.66
N PRO A 72 6.55 7.89 -4.37
CA PRO A 72 7.87 7.28 -4.45
C PRO A 72 8.35 7.05 -5.87
N SER A 73 7.94 7.92 -6.81
CA SER A 73 8.33 7.76 -8.19
C SER A 73 9.82 8.05 -8.30
N GLU A 74 10.30 9.08 -7.55
CA GLU A 74 11.69 9.45 -7.62
C GLU A 74 12.49 8.64 -6.64
N LEU A 75 11.83 7.70 -5.92
CA LEU A 75 12.53 6.90 -4.96
C LEU A 75 13.32 5.85 -5.71
N ASP A 76 14.35 5.29 -5.04
CA ASP A 76 15.19 4.29 -5.67
C ASP A 76 14.35 3.07 -5.92
N GLU A 77 14.66 2.34 -7.02
CA GLU A 77 13.91 1.14 -7.37
C GLU A 77 14.20 0.08 -6.35
N CYS A 78 13.13 -0.66 -5.95
CA CYS A 78 13.28 -1.73 -4.98
C CYS A 78 14.04 -2.85 -5.60
N TYR A 79 14.78 -3.59 -4.76
CA TYR A 79 15.54 -4.71 -5.24
C TYR A 79 14.63 -5.90 -5.16
N ASP A 80 15.03 -7.01 -5.84
CA ASP A 80 14.22 -8.21 -5.84
C ASP A 80 14.34 -8.88 -4.49
N ILE A 81 15.30 -8.43 -3.65
CA ILE A 81 15.49 -9.03 -2.35
C ILE A 81 15.51 -7.92 -1.34
N ASP A 82 15.53 -8.30 -0.04
CA ASP A 82 15.56 -7.35 1.06
C ASP A 82 14.14 -6.93 1.32
N LYS A 83 13.96 -5.86 2.13
CA LYS A 83 12.62 -5.41 2.47
C LYS A 83 12.24 -4.38 1.45
N ALA A 84 11.16 -4.66 0.70
CA ALA A 84 10.69 -3.73 -0.30
C ALA A 84 9.51 -3.01 0.26
N LEU A 85 8.82 -3.62 1.25
CA LEU A 85 7.67 -2.99 1.83
C LEU A 85 7.61 -3.42 3.27
N GLU A 86 7.41 -2.45 4.17
CA GLU A 86 7.35 -2.74 5.58
C GLU A 86 5.94 -2.49 6.01
N VAL A 87 5.30 -3.49 6.63
CA VAL A 87 3.95 -3.35 7.07
C VAL A 87 3.87 -3.82 8.50
N ASN A 88 2.83 -3.37 9.25
CA ASN A 88 2.70 -3.77 10.63
C ASN A 88 2.01 -5.12 10.71
N GLU A 89 1.19 -5.46 9.70
CA GLU A 89 0.51 -6.74 9.72
C GLU A 89 0.47 -7.25 8.32
N SER A 90 0.80 -8.52 8.15
CA SER A 90 0.83 -9.13 6.83
C SER A 90 -0.56 -9.31 6.28
N ASP A 91 -1.52 -9.75 7.12
CA ASP A 91 -2.86 -10.03 6.63
C ASP A 91 -3.63 -8.75 6.38
N ASP A 92 -3.52 -7.74 7.27
CA ASP A 92 -4.27 -6.53 7.08
C ASP A 92 -3.52 -5.41 7.74
N PRO A 93 -2.58 -4.85 7.02
CA PRO A 93 -1.78 -3.76 7.55
C PRO A 93 -2.51 -2.46 7.62
N ASN A 94 -2.19 -1.66 8.67
CA ASN A 94 -2.82 -0.38 8.84
C ASN A 94 -1.77 0.65 8.54
N SER A 95 -0.50 0.31 8.85
CA SER A 95 0.58 1.22 8.60
C SER A 95 1.52 0.53 7.66
N VAL A 96 1.75 1.15 6.49
CA VAL A 96 2.64 0.59 5.51
C VAL A 96 3.63 1.67 5.19
N GLU A 97 4.94 1.36 5.27
CA GLU A 97 5.94 2.36 5.00
C GLU A 97 6.63 1.98 3.72
N VAL A 98 6.72 2.96 2.79
CA VAL A 98 7.40 2.72 1.52
C VAL A 98 8.87 2.93 1.76
N LEU A 99 9.67 1.87 1.48
CA LEU A 99 11.11 1.97 1.67
C LEU A 99 11.72 2.29 0.35
N CYS A 100 11.07 1.87 -0.75
CA CYS A 100 11.63 2.11 -2.06
C CYS A 100 10.52 2.08 -3.07
N HIS A 101 10.85 2.48 -4.32
CA HIS A 101 9.86 2.52 -5.38
C HIS A 101 9.68 1.15 -5.95
N CYS A 102 8.41 0.73 -6.06
CA CYS A 102 8.11 -0.56 -6.62
C CYS A 102 7.26 -0.28 -7.82
N PRO A 103 7.66 -0.79 -8.97
CA PRO A 103 6.91 -0.54 -10.20
C PRO A 103 5.60 -1.27 -10.25
N SER A 104 4.66 -0.75 -11.07
CA SER A 104 3.35 -1.35 -11.19
C SER A 104 3.45 -2.65 -11.95
N ASP A 105 4.62 -2.91 -12.57
CA ASP A 105 4.79 -4.13 -13.32
C ASP A 105 5.22 -5.22 -12.35
N LYS A 106 5.35 -4.87 -11.06
CA LYS A 106 5.76 -5.84 -10.07
C LYS A 106 4.78 -5.77 -8.95
N ILE A 107 4.76 -6.85 -8.14
CA ILE A 107 3.84 -6.92 -7.02
C ILE A 107 4.65 -7.16 -5.79
N TYR A 108 4.02 -6.92 -4.62
CA TYR A 108 4.69 -7.18 -3.37
C TYR A 108 4.28 -8.56 -2.98
N LEU A 109 5.26 -9.49 -2.90
CA LEU A 109 4.94 -10.84 -2.55
C LEU A 109 5.22 -11.04 -1.10
N TRP A 110 4.26 -11.67 -0.39
CA TRP A 110 4.42 -11.92 1.03
C TRP A 110 5.12 -13.24 1.19
N ILE A 111 6.27 -13.23 1.89
CA ILE A 111 7.00 -14.46 2.11
C ILE A 111 7.42 -14.47 3.56
N HIS A 112 7.63 -15.69 4.10
CA HIS A 112 8.06 -15.87 5.48
C HIS A 112 7.00 -15.30 6.39
N ARG A 113 7.43 -14.83 7.60
CA ARG A 113 6.51 -14.28 8.57
C ARG A 113 5.87 -13.04 8.03
N GLY A 114 6.67 -12.13 7.45
CA GLY A 114 6.10 -10.92 6.92
C GLY A 114 7.18 -10.14 6.24
N TYR A 115 7.72 -10.71 5.14
CA TYR A 115 8.76 -10.04 4.41
C TYR A 115 8.18 -9.81 3.04
N TYR A 116 8.12 -8.54 2.60
CA TYR A 116 7.57 -8.25 1.31
C TYR A 116 8.70 -7.85 0.40
N ILE A 117 8.71 -8.46 -0.80
CA ILE A 117 9.74 -8.18 -1.77
C ILE A 117 9.04 -7.84 -3.05
N CYS A 118 9.72 -7.07 -3.93
CA CYS A 118 9.13 -6.71 -5.20
C CYS A 118 9.56 -7.73 -6.20
N ILE A 119 8.58 -8.35 -6.88
CA ILE A 119 8.90 -9.36 -7.86
C ILE A 119 7.81 -9.32 -8.89
N THR A 120 8.14 -9.71 -10.14
CA THR A 120 7.16 -9.72 -11.19
C THR A 120 6.20 -10.84 -10.85
N PRO A 121 4.91 -10.57 -10.89
CA PRO A 121 3.91 -11.57 -10.54
C PRO A 121 3.85 -12.75 -11.47
N PRO A 122 4.06 -13.95 -10.97
CA PRO A 122 3.97 -15.13 -11.78
C PRO A 122 2.54 -15.58 -11.96
N GLN A 123 2.23 -16.22 -13.10
CA GLN A 123 0.89 -16.66 -13.33
C GLN A 123 0.70 -17.96 -12.57
N PRO A 124 -0.52 -18.23 -12.17
CA PRO A 124 -0.83 -19.45 -11.44
C PRO A 124 -0.64 -20.68 -12.28
N LYS A 1 -25.24 15.64 -0.65
CA LYS A 1 -24.18 14.95 0.14
C LYS A 1 -23.32 14.11 -0.76
N SER A 2 -22.16 14.66 -1.17
CA SER A 2 -21.28 13.92 -2.04
C SER A 2 -19.90 14.43 -1.78
N HIS A 3 -18.89 13.54 -1.88
CA HIS A 3 -17.53 13.95 -1.65
C HIS A 3 -16.72 13.43 -2.80
N THR A 4 -15.74 14.23 -3.26
CA THR A 4 -14.92 13.82 -4.38
C THR A 4 -13.60 13.33 -3.82
N THR A 5 -13.43 13.39 -2.48
CA THR A 5 -12.20 12.95 -1.89
C THR A 5 -12.56 12.10 -0.70
N CYS A 6 -11.58 11.29 -0.24
CA CYS A 6 -11.79 10.41 0.89
C CYS A 6 -11.79 11.31 2.10
N PRO A 7 -12.76 11.14 2.97
CA PRO A 7 -12.86 11.95 4.17
C PRO A 7 -11.76 11.69 5.16
N THR A 8 -11.42 12.72 5.97
CA THR A 8 -10.37 12.57 6.95
C THR A 8 -11.02 12.16 8.23
N SER A 9 -10.58 11.00 8.79
CA SER A 9 -11.15 10.53 10.02
C SER A 9 -10.36 11.13 11.15
N THR A 10 -11.05 11.40 12.28
CA THR A 10 -10.37 11.99 13.42
C THR A 10 -9.91 10.86 14.31
N GLU A 11 -10.17 9.60 13.90
CA GLU A 11 -9.76 8.47 14.69
C GLU A 11 -8.39 8.04 14.25
N ILE A 12 -7.80 8.75 13.26
CA ILE A 12 -6.49 8.40 12.78
C ILE A 12 -5.63 9.63 12.90
N ASP A 13 -4.30 9.41 12.98
CA ASP A 13 -3.38 10.52 13.12
C ASP A 13 -2.49 10.51 11.92
N SER A 14 -1.79 11.65 11.68
CA SER A 14 -0.89 11.73 10.56
C SER A 14 0.30 10.87 10.87
N CYS A 15 0.81 10.16 9.85
CA CYS A 15 1.96 9.31 10.03
C CYS A 15 3.18 10.18 10.13
N SER A 16 4.18 9.73 10.91
CA SER A 16 5.40 10.50 11.08
C SER A 16 6.10 10.60 9.75
N ASN A 17 6.12 9.49 8.99
CA ASN A 17 6.76 9.51 7.69
C ASN A 17 5.66 9.62 6.68
N ASP A 18 5.89 10.45 5.64
CA ASP A 18 4.89 10.66 4.61
C ASP A 18 4.99 9.57 3.58
N ASN A 19 5.97 8.66 3.71
CA ASN A 19 6.13 7.61 2.71
C ASN A 19 5.36 6.39 3.16
N ASN A 20 4.38 6.57 4.06
CA ASN A 20 3.60 5.44 4.53
C ASN A 20 2.40 5.32 3.64
N ALA A 21 1.95 4.06 3.43
CA ALA A 21 0.79 3.81 2.62
C ALA A 21 -0.41 4.08 3.48
N CYS A 22 -1.57 4.37 2.87
CA CYS A 22 -2.73 4.65 3.65
C CYS A 22 -3.94 4.20 2.91
N GLY A 23 -5.00 3.85 3.66
CA GLY A 23 -6.24 3.44 3.07
C GLY A 23 -6.14 2.02 2.63
N LYS A 24 -7.32 1.44 2.31
CA LYS A 24 -7.37 0.08 1.86
C LYS A 24 -8.75 -0.12 1.28
N ASP A 25 -8.87 -1.09 0.34
CA ASP A 25 -10.13 -1.34 -0.29
C ASP A 25 -10.72 -2.57 0.36
N VAL A 26 -11.83 -2.40 1.11
CA VAL A 26 -12.43 -3.53 1.78
C VAL A 26 -13.77 -3.82 1.14
N SER A 27 -14.78 -2.95 1.39
CA SER A 27 -16.10 -3.17 0.85
C SER A 27 -16.31 -2.29 -0.35
N GLY A 28 -15.23 -1.60 -0.80
CA GLY A 28 -15.36 -0.72 -1.93
C GLY A 28 -15.41 0.67 -1.38
N SER A 29 -15.68 0.79 -0.07
CA SER A 29 -15.72 2.07 0.57
C SER A 29 -14.30 2.51 0.75
N CYS A 30 -14.08 3.81 1.01
CA CYS A 30 -12.73 4.28 1.17
C CYS A 30 -12.41 4.29 2.63
N SER A 31 -11.48 3.39 3.03
CA SER A 31 -11.05 3.34 4.40
C SER A 31 -9.82 4.18 4.51
N SER A 32 -9.56 4.75 5.71
CA SER A 32 -8.36 5.54 5.90
C SER A 32 -7.73 5.00 7.13
N LEU A 33 -6.44 4.61 7.02
CA LEU A 33 -5.75 4.00 8.14
C LEU A 33 -4.83 5.00 8.77
N CYS A 34 -4.25 5.90 7.97
CA CYS A 34 -3.32 6.86 8.51
C CYS A 34 -3.37 8.08 7.65
N ASN A 35 -3.30 9.26 8.30
CA ASN A 35 -3.33 10.51 7.58
C ASN A 35 -1.94 10.75 7.04
N CYS A 36 -1.86 11.51 5.92
CA CYS A 36 -0.57 11.78 5.32
C CYS A 36 -0.36 13.26 5.39
N GLY A 37 0.82 13.69 5.90
CA GLY A 37 1.10 15.10 6.00
C GLY A 37 0.22 15.70 7.05
N ASN A 38 -0.57 16.73 6.66
CA ASN A 38 -1.43 17.38 7.61
C ASN A 38 -2.81 16.79 7.52
N GLY A 39 -2.98 15.74 6.69
CA GLY A 39 -4.29 15.13 6.54
C GLY A 39 -4.64 15.12 5.08
N GLN A 40 -3.64 14.80 4.23
CA GLN A 40 -3.87 14.73 2.80
C GLN A 40 -4.75 13.54 2.55
N THR A 41 -5.78 13.72 1.70
CA THR A 41 -6.69 12.63 1.40
C THR A 41 -5.93 11.58 0.65
N CYS A 42 -6.33 10.30 0.86
CA CYS A 42 -5.66 9.19 0.20
C CYS A 42 -6.35 8.94 -1.11
N PHE A 43 -7.44 9.69 -1.39
CA PHE A 43 -8.18 9.50 -2.63
C PHE A 43 -7.33 9.99 -3.78
N THR A 44 -6.59 11.09 -3.56
CA THR A 44 -5.77 11.66 -4.62
C THR A 44 -4.52 10.83 -4.79
N ASP A 45 -4.36 9.78 -3.95
CA ASP A 45 -3.19 8.93 -4.04
C ASP A 45 -3.57 7.73 -4.86
N SER A 46 -4.72 7.79 -5.57
CA SER A 46 -5.17 6.70 -6.40
C SER A 46 -4.17 6.44 -7.49
N ASN A 47 -3.55 7.52 -8.04
CA ASN A 47 -2.58 7.36 -9.10
C ASN A 47 -1.34 6.71 -8.55
N HIS A 48 -1.22 6.61 -7.20
CA HIS A 48 -0.04 6.01 -6.61
C HIS A 48 -0.45 4.71 -5.98
N THR A 49 -1.56 4.11 -6.47
CA THR A 49 -2.02 2.85 -5.91
C THR A 49 -1.02 1.78 -6.23
N ILE A 50 -0.94 0.78 -5.33
CA ILE A 50 0.00 -0.30 -5.51
C ILE A 50 -0.76 -1.59 -5.41
N THR A 51 -0.14 -2.70 -5.90
CA THR A 51 -0.78 -3.99 -5.83
C THR A 51 -0.03 -4.80 -4.83
N LEU A 52 -0.76 -5.34 -3.83
CA LEU A 52 -0.15 -6.13 -2.79
C LEU A 52 -0.79 -7.48 -2.84
N VAL A 53 0.04 -8.56 -2.84
CA VAL A 53 -0.49 -9.90 -2.86
C VAL A 53 -0.11 -10.56 -1.57
N PRO A 54 -1.02 -10.55 -0.61
CA PRO A 54 -0.78 -11.15 0.68
C PRO A 54 -0.86 -12.65 0.65
N TYR A 55 -1.64 -13.20 -0.30
CA TYR A 55 -1.78 -14.62 -0.38
C TYR A 55 -2.27 -14.97 -1.76
N TYR A 56 -2.15 -16.26 -2.12
CA TYR A 56 -2.58 -16.73 -3.42
C TYR A 56 -3.74 -17.63 -3.19
N THR A 57 -4.65 -17.72 -4.19
CA THR A 57 -5.80 -18.57 -4.08
C THR A 57 -5.75 -19.54 -5.21
N GLU A 58 -6.61 -20.57 -5.18
CA GLU A 58 -6.64 -21.57 -6.21
C GLU A 58 -7.06 -20.92 -7.51
N ASP A 59 -7.99 -19.94 -7.43
CA ASP A 59 -8.47 -19.27 -8.62
C ASP A 59 -7.37 -18.45 -9.22
N GLY A 60 -6.38 -18.00 -8.42
CA GLY A 60 -5.30 -17.21 -8.96
C GLY A 60 -4.80 -16.32 -7.88
N PRO A 61 -4.00 -15.35 -8.30
CA PRO A 61 -3.42 -14.38 -7.38
C PRO A 61 -4.44 -13.44 -6.83
N PHE A 62 -4.32 -13.11 -5.53
CA PHE A 62 -5.25 -12.20 -4.91
C PHE A 62 -4.57 -10.86 -4.91
N GLU A 63 -5.16 -9.89 -5.65
CA GLU A 63 -4.57 -8.58 -5.73
C GLU A 63 -5.35 -7.67 -4.84
N LYS A 64 -4.65 -7.01 -3.89
CA LYS A 64 -5.29 -6.09 -3.00
C LYS A 64 -4.67 -4.76 -3.30
N LYS A 65 -5.50 -3.71 -3.44
CA LYS A 65 -4.98 -2.42 -3.78
C LYS A 65 -4.78 -1.61 -2.51
N TYR A 66 -3.70 -0.81 -2.53
CA TYR A 66 -3.38 0.05 -1.41
C TYR A 66 -2.96 1.34 -2.04
N TYR A 67 -3.05 2.44 -1.26
CA TYR A 67 -2.69 3.74 -1.79
C TYR A 67 -1.46 4.14 -1.06
N THR A 68 -0.50 4.79 -1.75
CA THR A 68 0.72 5.19 -1.09
C THR A 68 0.80 6.68 -1.13
N CYS A 69 1.52 7.25 -0.16
CA CYS A 69 1.67 8.67 -0.07
C CYS A 69 3.14 8.96 -0.10
N GLY A 70 3.50 10.18 -0.56
CA GLY A 70 4.89 10.57 -0.60
C GLY A 70 5.39 10.46 -2.00
N ASP A 71 4.69 9.64 -2.83
CA ASP A 71 5.06 9.47 -4.21
C ASP A 71 6.51 9.03 -4.30
N PRO A 72 6.75 7.75 -4.02
CA PRO A 72 8.11 7.20 -4.07
C PRO A 72 8.62 7.03 -5.48
N SER A 73 8.48 8.08 -6.32
CA SER A 73 8.94 8.00 -7.68
C SER A 73 10.39 8.39 -7.72
N GLU A 74 10.83 9.15 -6.69
CA GLU A 74 12.21 9.58 -6.63
C GLU A 74 12.97 8.59 -5.80
N LEU A 75 12.28 7.55 -5.31
CA LEU A 75 12.92 6.55 -4.49
C LEU A 75 13.67 5.63 -5.41
N ASP A 76 14.68 4.93 -4.85
CA ASP A 76 15.47 4.02 -5.64
C ASP A 76 14.60 2.85 -6.04
N GLU A 77 14.81 2.36 -7.28
CA GLU A 77 14.05 1.24 -7.79
C GLU A 77 14.34 0.05 -6.92
N CYS A 78 13.29 -0.69 -6.53
CA CYS A 78 13.48 -1.82 -5.66
C CYS A 78 14.11 -2.94 -6.43
N TYR A 79 14.85 -3.79 -5.70
CA TYR A 79 15.50 -4.92 -6.30
C TYR A 79 14.62 -6.11 -6.03
N ASP A 80 14.88 -7.24 -6.72
CA ASP A 80 14.09 -8.43 -6.53
C ASP A 80 14.27 -8.95 -5.12
N ILE A 81 15.38 -8.55 -4.46
CA ILE A 81 15.63 -9.01 -3.12
C ILE A 81 15.76 -7.79 -2.23
N ASP A 82 15.85 -8.05 -0.89
CA ASP A 82 15.97 -7.01 0.11
C ASP A 82 14.59 -6.62 0.55
N LYS A 83 14.49 -5.88 1.68
CA LYS A 83 13.20 -5.49 2.20
C LYS A 83 12.59 -4.52 1.24
N ALA A 84 11.42 -4.89 0.68
CA ALA A 84 10.77 -4.03 -0.26
C ALA A 84 9.61 -3.38 0.41
N LEU A 85 9.00 -4.05 1.42
CA LEU A 85 7.86 -3.45 2.06
C LEU A 85 7.84 -3.92 3.48
N GLU A 86 7.61 -2.96 4.41
CA GLU A 86 7.56 -3.27 5.80
C GLU A 86 6.17 -2.92 6.23
N VAL A 87 5.43 -3.91 6.77
CA VAL A 87 4.07 -3.66 7.18
C VAL A 87 3.87 -4.17 8.57
N ASN A 88 2.85 -3.61 9.26
CA ASN A 88 2.55 -4.02 10.61
C ASN A 88 1.92 -5.40 10.59
N GLU A 89 1.01 -5.66 9.62
CA GLU A 89 0.35 -6.94 9.57
C GLU A 89 0.24 -7.34 8.14
N SER A 90 0.32 -8.66 7.88
CA SER A 90 0.26 -9.16 6.52
C SER A 90 -1.13 -9.03 5.94
N ASP A 91 -2.19 -9.22 6.77
CA ASP A 91 -3.53 -9.19 6.24
C ASP A 91 -4.07 -7.78 6.21
N ASP A 92 -4.09 -7.07 7.37
CA ASP A 92 -4.64 -5.74 7.38
C ASP A 92 -3.69 -4.82 8.09
N PRO A 93 -2.64 -4.43 7.41
CA PRO A 93 -1.67 -3.51 7.99
C PRO A 93 -2.21 -2.12 8.09
N ASN A 94 -2.11 -1.52 9.30
CA ASN A 94 -2.59 -0.18 9.48
C ASN A 94 -1.44 0.76 9.23
N SER A 95 -0.22 0.20 9.09
CA SER A 95 0.94 1.01 8.84
C SER A 95 1.78 0.27 7.85
N VAL A 96 2.03 0.90 6.69
CA VAL A 96 2.86 0.31 5.66
C VAL A 96 3.88 1.35 5.33
N GLU A 97 5.19 1.01 5.45
CA GLU A 97 6.21 1.99 5.18
C GLU A 97 6.87 1.64 3.88
N VAL A 98 6.96 2.64 2.96
CA VAL A 98 7.61 2.43 1.69
C VAL A 98 9.08 2.58 1.91
N LEU A 99 9.85 1.52 1.58
CA LEU A 99 11.29 1.56 1.75
C LEU A 99 11.92 1.77 0.41
N CYS A 100 11.20 1.39 -0.66
CA CYS A 100 11.76 1.51 -1.99
C CYS A 100 10.67 1.75 -2.98
N HIS A 101 11.07 2.12 -4.22
CA HIS A 101 10.11 2.36 -5.26
C HIS A 101 9.73 1.04 -5.86
N CYS A 102 8.43 0.69 -5.77
CA CYS A 102 7.96 -0.55 -6.32
C CYS A 102 6.92 -0.16 -7.34
N PRO A 103 7.15 -0.49 -8.58
CA PRO A 103 6.21 -0.15 -9.64
C PRO A 103 4.97 -0.97 -9.61
N SER A 104 3.89 -0.48 -10.26
CA SER A 104 2.63 -1.18 -10.27
C SER A 104 2.74 -2.39 -11.16
N ASP A 105 3.85 -2.50 -11.92
CA ASP A 105 4.04 -3.64 -12.79
C ASP A 105 4.56 -4.78 -11.96
N LYS A 106 4.87 -4.51 -10.68
CA LYS A 106 5.38 -5.53 -9.80
C LYS A 106 4.47 -5.62 -8.62
N ILE A 107 4.54 -6.74 -7.89
CA ILE A 107 3.70 -6.93 -6.74
C ILE A 107 4.59 -7.22 -5.58
N TYR A 108 4.01 -7.13 -4.36
CA TYR A 108 4.75 -7.42 -3.17
C TYR A 108 4.42 -8.84 -2.82
N LEU A 109 5.45 -9.71 -2.79
CA LEU A 109 5.22 -11.11 -2.50
C LEU A 109 5.43 -11.32 -1.02
N TRP A 110 4.52 -12.10 -0.41
CA TRP A 110 4.60 -12.40 1.00
C TRP A 110 5.42 -13.66 1.12
N ILE A 111 6.63 -13.55 1.73
CA ILE A 111 7.47 -14.71 1.89
C ILE A 111 8.08 -14.68 3.26
N HIS A 112 8.59 -15.85 3.71
CA HIS A 112 9.24 -15.95 5.00
C HIS A 112 8.21 -15.71 6.08
N ARG A 113 8.70 -15.46 7.33
CA ARG A 113 7.80 -15.20 8.43
C ARG A 113 7.04 -13.95 8.14
N GLY A 114 7.75 -12.92 7.61
CA GLY A 114 7.09 -11.68 7.30
C GLY A 114 8.07 -10.82 6.58
N TYR A 115 8.23 -11.05 5.27
CA TYR A 115 9.16 -10.29 4.50
C TYR A 115 8.54 -10.09 3.14
N TYR A 116 8.35 -8.82 2.74
CA TYR A 116 7.77 -8.56 1.43
C TYR A 116 8.88 -8.13 0.51
N ILE A 117 8.85 -8.67 -0.73
CA ILE A 117 9.85 -8.33 -1.72
C ILE A 117 9.10 -7.96 -2.96
N CYS A 118 9.74 -7.13 -3.83
CA CYS A 118 9.10 -6.73 -5.06
C CYS A 118 9.46 -7.74 -6.10
N ILE A 119 8.43 -8.32 -6.76
CA ILE A 119 8.70 -9.31 -7.77
C ILE A 119 7.63 -9.16 -8.81
N THR A 120 7.96 -9.53 -10.07
CA THR A 120 7.00 -9.44 -11.13
C THR A 120 6.04 -10.58 -10.91
N PRO A 121 4.74 -10.30 -10.93
CA PRO A 121 3.74 -11.32 -10.67
C PRO A 121 3.64 -12.37 -11.74
N PRO A 122 3.84 -13.62 -11.39
CA PRO A 122 3.73 -14.71 -12.34
C PRO A 122 2.31 -15.17 -12.49
N GLN A 123 1.91 -15.52 -13.73
CA GLN A 123 0.57 -16.00 -13.94
C GLN A 123 0.57 -17.48 -13.68
N PRO A 124 -0.26 -17.93 -12.75
CA PRO A 124 -0.33 -19.35 -12.44
C PRO A 124 -0.76 -20.19 -13.61
N LYS A 1 -19.82 17.87 2.62
CA LYS A 1 -19.23 19.09 2.02
C LYS A 1 -18.82 18.84 0.60
N SER A 2 -18.05 17.76 0.37
CA SER A 2 -17.61 17.45 -0.97
C SER A 2 -17.44 15.96 -1.03
N HIS A 3 -17.78 15.36 -2.19
CA HIS A 3 -17.65 13.93 -2.34
C HIS A 3 -16.61 13.67 -3.38
N THR A 4 -15.78 14.69 -3.71
CA THR A 4 -14.76 14.53 -4.71
C THR A 4 -13.63 13.72 -4.12
N THR A 5 -13.52 13.70 -2.77
CA THR A 5 -12.47 12.94 -2.13
C THR A 5 -13.10 12.14 -1.03
N CYS A 6 -12.38 11.09 -0.57
CA CYS A 6 -12.90 10.26 0.48
C CYS A 6 -12.68 10.96 1.78
N PRO A 7 -13.55 10.74 2.72
CA PRO A 7 -13.44 11.34 4.05
C PRO A 7 -12.36 10.69 4.85
N THR A 8 -11.92 11.37 5.93
CA THR A 8 -10.87 10.81 6.75
C THR A 8 -11.43 10.63 8.13
N SER A 9 -11.00 9.54 8.80
CA SER A 9 -11.47 9.25 10.14
C SER A 9 -10.75 10.17 11.08
N THR A 10 -11.42 10.52 12.20
CA THR A 10 -10.81 11.37 13.19
C THR A 10 -10.12 10.50 14.20
N GLU A 11 -10.18 9.17 14.00
CA GLU A 11 -9.57 8.25 14.93
C GLU A 11 -8.18 7.93 14.44
N ILE A 12 -7.74 8.56 13.32
CA ILE A 12 -6.41 8.30 12.82
C ILE A 12 -5.65 9.59 12.87
N ASP A 13 -4.31 9.47 12.93
CA ASP A 13 -3.46 10.65 13.00
C ASP A 13 -2.58 10.63 11.78
N SER A 14 -1.90 11.77 11.52
CA SER A 14 -1.01 11.85 10.39
C SER A 14 0.20 11.01 10.69
N CYS A 15 0.71 10.30 9.66
CA CYS A 15 1.88 9.47 9.84
C CYS A 15 3.08 10.38 9.90
N SER A 16 4.10 9.97 10.69
CA SER A 16 5.31 10.77 10.83
C SER A 16 5.98 10.87 9.49
N ASN A 17 6.04 9.75 8.75
CA ASN A 17 6.69 9.76 7.46
C ASN A 17 5.60 9.83 6.44
N ASP A 18 5.81 10.65 5.39
CA ASP A 18 4.83 10.84 4.36
C ASP A 18 4.93 9.74 3.33
N ASN A 19 5.89 8.80 3.50
CA ASN A 19 6.04 7.74 2.51
C ASN A 19 5.29 6.52 2.98
N ASN A 20 4.31 6.71 3.88
CA ASN A 20 3.54 5.58 4.36
C ASN A 20 2.34 5.43 3.48
N ALA A 21 1.83 4.18 3.39
CA ALA A 21 0.66 3.90 2.61
C ALA A 21 -0.53 4.07 3.50
N CYS A 22 -1.71 4.28 2.90
CA CYS A 22 -2.90 4.47 3.69
C CYS A 22 -4.08 3.95 2.93
N GLY A 23 -5.16 3.65 3.68
CA GLY A 23 -6.38 3.19 3.07
C GLY A 23 -6.28 1.73 2.78
N LYS A 24 -7.45 1.13 2.46
CA LYS A 24 -7.50 -0.26 2.15
C LYS A 24 -8.82 -0.51 1.48
N ASP A 25 -8.89 -1.56 0.63
CA ASP A 25 -10.12 -1.87 -0.05
C ASP A 25 -10.71 -3.08 0.61
N VAL A 26 -11.86 -2.89 1.31
CA VAL A 26 -12.49 -4.01 1.98
C VAL A 26 -13.83 -4.24 1.35
N SER A 27 -14.79 -3.31 1.55
CA SER A 27 -16.12 -3.46 1.02
C SER A 27 -16.26 -2.62 -0.21
N GLY A 28 -15.16 -1.99 -0.66
CA GLY A 28 -15.21 -1.14 -1.82
C GLY A 28 -15.22 0.28 -1.34
N SER A 29 -15.56 0.47 -0.04
CA SER A 29 -15.57 1.79 0.53
C SER A 29 -14.14 2.12 0.83
N CYS A 30 -13.73 3.38 0.58
CA CYS A 30 -12.36 3.75 0.83
C CYS A 30 -12.21 4.00 2.30
N SER A 31 -11.42 3.15 2.98
CA SER A 31 -11.18 3.32 4.40
C SER A 31 -9.93 4.14 4.55
N SER A 32 -9.68 4.64 5.78
CA SER A 32 -8.49 5.42 6.03
C SER A 32 -7.84 4.82 7.23
N LEU A 33 -6.51 4.62 7.17
CA LEU A 33 -5.81 4.00 8.27
C LEU A 33 -4.86 5.00 8.87
N CYS A 34 -4.30 5.89 8.03
CA CYS A 34 -3.38 6.87 8.53
C CYS A 34 -3.47 8.06 7.63
N ASN A 35 -3.40 9.26 8.23
CA ASN A 35 -3.49 10.48 7.46
C ASN A 35 -2.13 10.75 6.88
N CYS A 36 -2.09 11.38 5.69
CA CYS A 36 -0.83 11.67 5.05
C CYS A 36 -0.62 13.14 5.09
N GLY A 37 0.61 13.57 5.46
CA GLY A 37 0.92 14.97 5.50
C GLY A 37 0.11 15.63 6.59
N ASN A 38 -0.61 16.71 6.23
CA ASN A 38 -1.40 17.44 7.19
C ASN A 38 -2.78 16.86 7.26
N GLY A 39 -3.04 15.76 6.50
CA GLY A 39 -4.36 15.17 6.51
C GLY A 39 -4.85 15.12 5.11
N GLN A 40 -4.05 14.55 4.20
CA GLN A 40 -4.44 14.45 2.82
C GLN A 40 -5.28 13.21 2.69
N THR A 41 -6.27 13.25 1.78
CA THR A 41 -7.13 12.12 1.57
C THR A 41 -6.34 11.09 0.81
N CYS A 42 -6.73 9.81 0.95
CA CYS A 42 -6.03 8.74 0.28
C CYS A 42 -6.63 8.58 -1.10
N PHE A 43 -7.75 9.29 -1.36
CA PHE A 43 -8.41 9.19 -2.65
C PHE A 43 -7.53 9.80 -3.72
N THR A 44 -6.85 10.92 -3.40
CA THR A 44 -6.02 11.59 -4.37
C THR A 44 -4.77 10.79 -4.62
N ASP A 45 -4.56 9.71 -3.83
CA ASP A 45 -3.40 8.88 -4.00
C ASP A 45 -3.80 7.68 -4.82
N SER A 46 -4.96 7.75 -5.50
CA SER A 46 -5.45 6.64 -6.30
C SER A 46 -4.45 6.35 -7.40
N ASN A 47 -3.84 7.41 -7.97
CA ASN A 47 -2.90 7.23 -9.06
C ASN A 47 -1.63 6.60 -8.52
N HIS A 48 -1.47 6.51 -7.18
CA HIS A 48 -0.28 5.93 -6.62
C HIS A 48 -0.65 4.62 -5.99
N THR A 49 -1.76 4.00 -6.45
CA THR A 49 -2.18 2.73 -5.90
C THR A 49 -1.16 1.68 -6.24
N ILE A 50 -1.03 0.68 -5.34
CA ILE A 50 -0.08 -0.38 -5.53
C ILE A 50 -0.83 -1.68 -5.46
N THR A 51 -0.17 -2.78 -5.90
CA THR A 51 -0.80 -4.08 -5.88
C THR A 51 -0.06 -4.91 -4.86
N LEU A 52 -0.80 -5.49 -3.90
CA LEU A 52 -0.19 -6.29 -2.87
C LEU A 52 -0.80 -7.66 -2.91
N VAL A 53 0.05 -8.71 -2.90
CA VAL A 53 -0.45 -10.07 -2.91
C VAL A 53 0.02 -10.75 -1.65
N PRO A 54 -0.85 -10.77 -0.65
CA PRO A 54 -0.53 -11.38 0.62
C PRO A 54 -0.61 -12.87 0.60
N TYR A 55 -1.45 -13.43 -0.29
CA TYR A 55 -1.60 -14.86 -0.36
C TYR A 55 -2.18 -15.21 -1.70
N TYR A 56 -2.12 -16.51 -2.04
CA TYR A 56 -2.64 -16.99 -3.30
C TYR A 56 -3.81 -17.88 -3.00
N THR A 57 -4.75 -17.97 -3.96
CA THR A 57 -5.92 -18.79 -3.78
C THR A 57 -5.97 -19.76 -4.93
N GLU A 58 -6.88 -20.75 -4.84
CA GLU A 58 -7.02 -21.75 -5.88
C GLU A 58 -7.48 -21.06 -7.15
N ASP A 59 -8.35 -20.03 -7.01
CA ASP A 59 -8.86 -19.34 -8.16
C ASP A 59 -7.73 -18.59 -8.84
N GLY A 60 -6.69 -18.20 -8.08
CA GLY A 60 -5.59 -17.49 -8.68
C GLY A 60 -5.03 -16.55 -7.66
N PRO A 61 -4.17 -15.68 -8.13
CA PRO A 61 -3.53 -14.68 -7.29
C PRO A 61 -4.52 -13.75 -6.66
N PHE A 62 -4.33 -13.45 -5.36
CA PHE A 62 -5.22 -12.54 -4.69
C PHE A 62 -4.54 -11.22 -4.69
N GLU A 63 -5.13 -10.24 -5.40
CA GLU A 63 -4.52 -8.94 -5.48
C GLU A 63 -5.37 -7.98 -4.71
N LYS A 64 -4.72 -7.17 -3.85
CA LYS A 64 -5.44 -6.18 -3.08
C LYS A 64 -4.76 -4.88 -3.35
N LYS A 65 -5.54 -3.79 -3.40
CA LYS A 65 -4.99 -2.50 -3.71
C LYS A 65 -4.77 -1.73 -2.44
N TYR A 66 -3.75 -0.85 -2.48
CA TYR A 66 -3.42 -0.02 -1.36
C TYR A 66 -3.00 1.29 -1.96
N TYR A 67 -3.19 2.40 -1.21
CA TYR A 67 -2.84 3.69 -1.74
C TYR A 67 -1.60 4.11 -1.01
N THR A 68 -0.64 4.74 -1.73
CA THR A 68 0.58 5.14 -1.08
C THR A 68 0.70 6.62 -1.15
N CYS A 69 1.43 7.20 -0.19
CA CYS A 69 1.61 8.63 -0.16
C CYS A 69 3.08 8.91 -0.27
N GLY A 70 3.41 10.14 -0.73
CA GLY A 70 4.80 10.53 -0.84
C GLY A 70 5.22 10.43 -2.27
N ASP A 71 4.50 9.61 -3.07
CA ASP A 71 4.83 9.45 -4.47
C ASP A 71 6.28 9.05 -4.60
N PRO A 72 6.58 7.79 -4.29
CA PRO A 72 7.93 7.28 -4.37
C PRO A 72 8.42 7.06 -5.78
N SER A 73 8.23 8.08 -6.65
CA SER A 73 8.66 7.96 -8.03
C SER A 73 10.10 8.39 -8.11
N GLU A 74 10.55 9.22 -7.14
CA GLU A 74 11.92 9.69 -7.15
C GLU A 74 12.72 8.82 -6.22
N LEU A 75 12.07 7.79 -5.65
CA LEU A 75 12.75 6.91 -4.74
C LEU A 75 13.56 5.94 -5.55
N ASP A 76 14.59 5.33 -4.92
CA ASP A 76 15.44 4.39 -5.60
C ASP A 76 14.62 3.16 -5.92
N GLU A 77 14.96 2.49 -7.04
CA GLU A 77 14.24 1.31 -7.45
C GLU A 77 14.51 0.22 -6.46
N CYS A 78 13.46 -0.56 -6.11
CA CYS A 78 13.61 -1.63 -5.16
C CYS A 78 14.48 -2.70 -5.76
N TYR A 79 15.29 -3.37 -4.92
CA TYR A 79 16.16 -4.41 -5.40
C TYR A 79 15.34 -5.67 -5.49
N ASP A 80 15.84 -6.67 -6.24
CA ASP A 80 15.13 -7.91 -6.41
C ASP A 80 14.97 -8.61 -5.07
N ILE A 81 16.05 -8.66 -4.27
CA ILE A 81 15.97 -9.33 -2.99
C ILE A 81 16.39 -8.36 -1.91
N ASP A 82 15.41 -7.65 -1.34
CA ASP A 82 15.70 -6.72 -0.30
C ASP A 82 14.37 -6.30 0.25
N LYS A 83 14.36 -5.63 1.42
CA LYS A 83 13.11 -5.21 2.00
C LYS A 83 12.51 -4.20 1.07
N ALA A 84 11.32 -4.54 0.52
CA ALA A 84 10.67 -3.64 -0.39
C ALA A 84 9.49 -3.04 0.29
N LEU A 85 8.92 -3.74 1.30
CA LEU A 85 7.77 -3.19 1.96
C LEU A 85 7.74 -3.69 3.37
N GLU A 86 7.54 -2.76 4.33
CA GLU A 86 7.47 -3.11 5.71
C GLU A 86 6.05 -2.82 6.11
N VAL A 87 5.34 -3.84 6.66
CA VAL A 87 3.97 -3.63 7.02
C VAL A 87 3.75 -4.12 8.42
N ASN A 88 2.69 -3.58 9.07
CA ASN A 88 2.36 -3.96 10.43
C ASN A 88 1.79 -5.37 10.43
N GLU A 89 0.93 -5.70 9.44
CA GLU A 89 0.33 -7.01 9.40
C GLU A 89 0.31 -7.46 7.98
N SER A 90 0.43 -8.79 7.77
CA SER A 90 0.44 -9.34 6.43
C SER A 90 -0.93 -9.25 5.79
N ASP A 91 -2.01 -9.44 6.57
CA ASP A 91 -3.33 -9.44 5.96
C ASP A 91 -3.89 -8.04 5.90
N ASP A 92 -4.02 -7.34 7.05
CA ASP A 92 -4.59 -6.02 7.03
C ASP A 92 -3.69 -5.09 7.79
N PRO A 93 -2.63 -4.64 7.15
CA PRO A 93 -1.70 -3.71 7.78
C PRO A 93 -2.30 -2.35 7.96
N ASN A 94 -2.06 -1.75 9.14
CA ASN A 94 -2.60 -0.43 9.40
C ASN A 94 -1.58 0.57 8.95
N SER A 95 -0.29 0.20 9.02
CA SER A 95 0.75 1.10 8.61
C SER A 95 1.64 0.36 7.67
N VAL A 96 1.92 0.99 6.51
CA VAL A 96 2.78 0.40 5.52
C VAL A 96 3.79 1.45 5.19
N GLU A 97 5.10 1.14 5.26
CA GLU A 97 6.10 2.13 4.99
C GLU A 97 6.78 1.80 3.69
N VAL A 98 6.87 2.80 2.78
CA VAL A 98 7.53 2.60 1.52
C VAL A 98 9.01 2.78 1.75
N LEU A 99 9.80 1.74 1.38
CA LEU A 99 11.23 1.81 1.56
C LEU A 99 11.87 2.15 0.26
N CYS A 100 11.21 1.81 -0.86
CA CYS A 100 11.80 2.08 -2.15
C CYS A 100 10.72 2.11 -3.19
N HIS A 101 11.09 2.52 -4.42
CA HIS A 101 10.13 2.62 -5.50
C HIS A 101 9.83 1.24 -6.01
N CYS A 102 8.53 0.86 -5.89
CA CYS A 102 8.09 -0.42 -6.38
C CYS A 102 7.02 -0.10 -7.37
N PRO A 103 7.20 -0.50 -8.61
CA PRO A 103 6.22 -0.22 -9.64
C PRO A 103 4.95 -1.01 -9.46
N SER A 104 3.82 -0.45 -9.96
CA SER A 104 2.53 -1.10 -9.82
C SER A 104 2.49 -2.31 -10.72
N ASP A 105 3.43 -2.40 -11.69
CA ASP A 105 3.46 -3.53 -12.58
C ASP A 105 3.90 -4.73 -11.80
N LYS A 106 4.68 -4.50 -10.72
CA LYS A 106 5.16 -5.58 -9.90
C LYS A 106 4.28 -5.66 -8.69
N ILE A 107 4.38 -6.79 -7.97
CA ILE A 107 3.57 -6.99 -6.81
C ILE A 107 4.47 -7.25 -5.66
N TYR A 108 3.93 -7.12 -4.43
CA TYR A 108 4.70 -7.39 -3.25
C TYR A 108 4.39 -8.81 -2.90
N LEU A 109 5.43 -9.66 -2.85
CA LEU A 109 5.23 -11.06 -2.57
C LEU A 109 5.58 -11.30 -1.13
N TRP A 110 4.67 -11.98 -0.41
CA TRP A 110 4.87 -12.29 0.98
C TRP A 110 5.75 -13.51 1.05
N ILE A 111 6.94 -13.35 1.68
CA ILE A 111 7.86 -14.47 1.81
C ILE A 111 8.40 -14.46 3.20
N HIS A 112 8.96 -15.62 3.63
CA HIS A 112 9.55 -15.73 4.95
C HIS A 112 8.46 -15.59 5.99
N ARG A 113 8.85 -15.23 7.23
CA ARG A 113 7.89 -15.07 8.29
C ARG A 113 7.35 -13.67 8.23
N GLY A 114 7.97 -12.79 7.43
CA GLY A 114 7.49 -11.44 7.34
C GLY A 114 8.48 -10.64 6.55
N TYR A 115 8.41 -10.74 5.22
CA TYR A 115 9.32 -10.01 4.40
C TYR A 115 8.66 -9.85 3.06
N TYR A 116 8.45 -8.59 2.61
CA TYR A 116 7.84 -8.39 1.32
C TYR A 116 8.91 -7.95 0.37
N ILE A 117 8.88 -8.55 -0.85
CA ILE A 117 9.85 -8.21 -1.86
C ILE A 117 9.05 -7.89 -3.10
N CYS A 118 9.65 -7.08 -4.00
CA CYS A 118 8.95 -6.72 -5.22
C CYS A 118 9.35 -7.71 -6.26
N ILE A 119 8.34 -8.31 -6.92
CA ILE A 119 8.62 -9.28 -7.94
C ILE A 119 7.52 -9.19 -8.95
N THR A 120 7.81 -9.56 -10.21
CA THR A 120 6.80 -9.53 -11.24
C THR A 120 5.85 -10.66 -10.91
N PRO A 121 4.57 -10.39 -10.88
CA PRO A 121 3.58 -11.40 -10.51
C PRO A 121 3.52 -12.57 -11.45
N PRO A 122 3.78 -13.76 -10.94
CA PRO A 122 3.71 -14.97 -11.73
C PRO A 122 2.31 -15.50 -11.79
N GLN A 123 1.91 -16.02 -12.97
CA GLN A 123 0.57 -16.57 -13.11
C GLN A 123 0.65 -18.01 -12.68
N PRO A 124 -0.13 -18.38 -11.69
CA PRO A 124 -0.13 -19.75 -11.21
C PRO A 124 -1.03 -20.65 -12.01
N LYS A 1 -23.22 13.73 3.41
CA LYS A 1 -24.15 13.09 2.42
C LYS A 1 -23.37 12.47 1.28
N SER A 2 -22.37 13.22 0.77
CA SER A 2 -21.58 12.71 -0.32
C SER A 2 -20.26 13.40 -0.26
N HIS A 3 -19.18 12.70 -0.67
CA HIS A 3 -17.86 13.29 -0.64
C HIS A 3 -17.27 13.12 -2.00
N THR A 4 -16.60 14.18 -2.50
CA THR A 4 -15.99 14.12 -3.81
C THR A 4 -14.85 13.14 -3.78
N THR A 5 -14.05 13.17 -2.70
CA THR A 5 -12.92 12.27 -2.60
C THR A 5 -13.27 11.19 -1.60
N CYS A 6 -12.75 11.32 -0.36
CA CYS A 6 -13.03 10.32 0.64
C CYS A 6 -12.83 11.01 1.97
N PRO A 7 -13.74 10.80 2.89
CA PRO A 7 -13.64 11.40 4.22
C PRO A 7 -12.52 10.81 5.03
N THR A 8 -12.09 11.53 6.09
CA THR A 8 -11.01 11.04 6.90
C THR A 8 -11.56 10.82 8.28
N SER A 9 -11.04 9.77 8.95
CA SER A 9 -11.47 9.44 10.28
C SER A 9 -10.77 10.36 11.24
N THR A 10 -11.41 10.62 12.40
CA THR A 10 -10.82 11.49 13.40
C THR A 10 -10.02 10.62 14.33
N GLU A 11 -10.01 9.30 14.08
CA GLU A 11 -9.28 8.39 14.93
C GLU A 11 -7.90 8.20 14.36
N ILE A 12 -7.58 8.90 13.24
CA ILE A 12 -6.27 8.77 12.65
C ILE A 12 -5.65 10.13 12.64
N ASP A 13 -4.31 10.18 12.49
CA ASP A 13 -3.61 11.42 12.47
C ASP A 13 -2.70 11.41 11.27
N SER A 14 -1.91 12.49 11.07
CA SER A 14 -1.01 12.54 9.94
C SER A 14 0.05 11.51 10.14
N CYS A 15 0.61 11.01 9.02
CA CYS A 15 1.64 10.01 9.09
C CYS A 15 2.90 10.65 9.57
N SER A 16 3.68 9.91 10.40
CA SER A 16 4.91 10.45 10.94
C SER A 16 5.88 10.62 9.80
N ASN A 17 5.92 9.64 8.87
CA ASN A 17 6.82 9.72 7.75
C ASN A 17 5.99 9.98 6.53
N ASP A 18 6.57 10.67 5.54
CA ASP A 18 5.84 10.99 4.34
C ASP A 18 5.89 9.83 3.38
N ASN A 19 6.65 8.76 3.71
CA ASN A 19 6.76 7.64 2.80
C ASN A 19 5.87 6.54 3.30
N ASN A 20 4.89 6.86 4.16
CA ASN A 20 4.02 5.82 4.67
C ASN A 20 2.86 5.71 3.72
N ALA A 21 2.31 4.47 3.63
CA ALA A 21 1.20 4.21 2.76
C ALA A 21 -0.05 4.34 3.59
N CYS A 22 -1.19 4.57 2.91
CA CYS A 22 -2.43 4.71 3.64
C CYS A 22 -3.54 4.24 2.76
N GLY A 23 -4.67 3.86 3.39
CA GLY A 23 -5.83 3.43 2.65
C GLY A 23 -5.72 1.97 2.36
N LYS A 24 -6.90 1.31 2.26
CA LYS A 24 -6.94 -0.09 1.96
C LYS A 24 -8.32 -0.39 1.48
N ASP A 25 -8.47 -1.51 0.72
CA ASP A 25 -9.76 -1.88 0.21
C ASP A 25 -10.39 -2.78 1.22
N VAL A 26 -11.41 -2.28 1.94
CA VAL A 26 -12.06 -3.07 2.95
C VAL A 26 -13.27 -3.75 2.32
N SER A 27 -14.45 -3.12 2.35
CA SER A 27 -15.65 -3.72 1.79
C SER A 27 -15.91 -3.09 0.46
N GLY A 28 -14.96 -2.24 -0.03
CA GLY A 28 -15.15 -1.59 -1.29
C GLY A 28 -15.25 -0.12 -1.02
N SER A 29 -15.01 0.28 0.25
CA SER A 29 -15.06 1.67 0.61
C SER A 29 -13.66 2.07 0.93
N CYS A 30 -13.33 3.37 0.73
CA CYS A 30 -11.98 3.80 1.01
C CYS A 30 -11.85 4.01 2.49
N SER A 31 -11.00 3.20 3.13
CA SER A 31 -10.77 3.33 4.54
C SER A 31 -9.59 4.24 4.71
N SER A 32 -9.62 5.12 5.72
CA SER A 32 -8.50 6.01 5.93
C SER A 32 -7.74 5.44 7.09
N LEU A 33 -6.47 5.03 6.84
CA LEU A 33 -5.67 4.43 7.87
C LEU A 33 -4.76 5.46 8.45
N CYS A 34 -4.33 6.42 7.62
CA CYS A 34 -3.42 7.43 8.08
C CYS A 34 -3.63 8.63 7.22
N ASN A 35 -3.57 9.82 7.85
CA ASN A 35 -3.75 11.04 7.11
C ASN A 35 -2.48 11.30 6.35
N CYS A 36 -2.61 11.65 5.06
CA CYS A 36 -1.46 11.88 4.23
C CYS A 36 -1.15 13.34 4.26
N GLY A 37 0.10 13.70 4.61
CA GLY A 37 0.49 15.09 4.65
C GLY A 37 -0.19 15.75 5.81
N ASN A 38 -0.87 16.89 5.54
CA ASN A 38 -1.53 17.63 6.59
C ASN A 38 -2.96 17.18 6.71
N GLY A 39 -3.38 16.19 5.89
CA GLY A 39 -4.75 15.74 5.95
C GLY A 39 -5.27 15.61 4.55
N GLN A 40 -4.41 15.13 3.63
CA GLN A 40 -4.81 14.95 2.26
C GLN A 40 -5.47 13.61 2.18
N THR A 41 -6.62 13.55 1.49
CA THR A 41 -7.33 12.30 1.36
C THR A 41 -6.45 11.33 0.62
N CYS A 42 -6.54 10.04 0.98
CA CYS A 42 -5.71 9.03 0.36
C CYS A 42 -6.31 8.65 -0.97
N PHE A 43 -7.55 9.12 -1.24
CA PHE A 43 -8.22 8.79 -2.48
C PHE A 43 -7.48 9.42 -3.63
N THR A 44 -6.96 10.66 -3.44
CA THR A 44 -6.28 11.35 -4.52
C THR A 44 -4.88 10.80 -4.67
N ASP A 45 -4.48 9.82 -3.84
CA ASP A 45 -3.16 9.26 -3.96
C ASP A 45 -3.27 7.98 -4.76
N SER A 46 -4.38 7.83 -5.52
CA SER A 46 -4.60 6.64 -6.32
C SER A 46 -3.56 6.58 -7.41
N ASN A 47 -2.96 7.74 -7.76
CA ASN A 47 -1.96 7.77 -8.80
C ASN A 47 -0.74 7.02 -8.35
N HIS A 48 -0.53 6.90 -7.02
CA HIS A 48 0.62 6.21 -6.50
C HIS A 48 0.17 4.93 -5.88
N THR A 49 -0.99 4.38 -6.32
CA THR A 49 -1.49 3.15 -5.76
C THR A 49 -0.54 2.04 -6.11
N ILE A 50 -0.47 1.02 -5.22
CA ILE A 50 0.41 -0.11 -5.43
C ILE A 50 -0.43 -1.35 -5.33
N THR A 51 0.12 -2.48 -5.81
CA THR A 51 -0.60 -3.73 -5.76
C THR A 51 0.14 -4.63 -4.82
N LEU A 52 -0.58 -5.20 -3.83
CA LEU A 52 0.04 -6.06 -2.86
C LEU A 52 -0.65 -7.39 -2.96
N VAL A 53 0.13 -8.49 -3.09
CA VAL A 53 -0.44 -9.81 -3.19
C VAL A 53 0.06 -10.63 -2.03
N PRO A 54 -0.76 -10.76 -1.01
CA PRO A 54 -0.39 -11.54 0.17
C PRO A 54 -0.44 -13.02 -0.08
N TYR A 55 -1.31 -13.46 -1.00
CA TYR A 55 -1.42 -14.87 -1.29
C TYR A 55 -2.10 -15.03 -2.62
N TYR A 56 -1.98 -16.26 -3.19
CA TYR A 56 -2.60 -16.54 -4.47
C TYR A 56 -3.67 -17.55 -4.21
N THR A 57 -4.70 -17.58 -5.09
CA THR A 57 -5.79 -18.52 -4.91
C THR A 57 -5.96 -19.25 -6.22
N GLU A 58 -6.74 -20.34 -6.18
CA GLU A 58 -6.98 -21.13 -7.37
C GLU A 58 -7.76 -20.30 -8.36
N ASP A 59 -8.65 -19.42 -7.84
CA ASP A 59 -9.46 -18.60 -8.72
C ASP A 59 -8.58 -17.62 -9.44
N GLY A 60 -7.42 -17.27 -8.86
CA GLY A 60 -6.55 -16.33 -9.53
C GLY A 60 -5.78 -15.59 -8.47
N PRO A 61 -5.12 -14.55 -8.92
CA PRO A 61 -4.32 -13.70 -8.05
C PRO A 61 -5.17 -12.86 -7.15
N PHE A 62 -4.80 -12.79 -5.86
CA PHE A 62 -5.54 -11.99 -4.92
C PHE A 62 -4.75 -10.72 -4.81
N GLU A 63 -5.34 -9.59 -5.24
CA GLU A 63 -4.63 -8.34 -5.22
C GLU A 63 -5.32 -7.39 -4.31
N LYS A 64 -4.49 -6.63 -3.55
CA LYS A 64 -5.01 -5.63 -2.65
C LYS A 64 -4.45 -4.33 -3.14
N LYS A 65 -5.22 -3.24 -2.98
CA LYS A 65 -4.78 -1.96 -3.44
C LYS A 65 -4.48 -1.14 -2.23
N TYR A 66 -3.35 -0.42 -2.29
CA TYR A 66 -2.94 0.43 -1.21
C TYR A 66 -2.45 1.69 -1.86
N TYR A 67 -2.55 2.83 -1.14
CA TYR A 67 -2.13 4.08 -1.71
C TYR A 67 -0.90 4.46 -0.97
N THR A 68 0.08 5.07 -1.66
CA THR A 68 1.31 5.44 -1.00
C THR A 68 1.49 6.91 -1.15
N CYS A 69 2.23 7.50 -0.18
CA CYS A 69 2.50 8.92 -0.21
C CYS A 69 3.98 9.09 -0.26
N GLY A 70 4.43 10.29 -0.68
CA GLY A 70 5.84 10.58 -0.74
C GLY A 70 6.29 10.50 -2.16
N ASP A 71 5.51 9.77 -3.01
CA ASP A 71 5.86 9.63 -4.40
C ASP A 71 7.26 9.08 -4.51
N PRO A 72 7.42 7.80 -4.18
CA PRO A 72 8.72 7.15 -4.24
C PRO A 72 9.22 6.90 -5.63
N SER A 73 8.80 7.71 -6.61
CA SER A 73 9.26 7.54 -7.97
C SER A 73 10.75 7.80 -8.02
N GLU A 74 11.22 8.82 -7.27
CA GLU A 74 12.62 9.16 -7.27
C GLU A 74 13.36 8.33 -6.24
N LEU A 75 12.65 7.42 -5.54
CA LEU A 75 13.29 6.60 -4.56
C LEU A 75 14.08 5.53 -5.28
N ASP A 76 15.03 4.90 -4.55
CA ASP A 76 15.84 3.85 -5.15
C ASP A 76 14.95 2.71 -5.53
N GLU A 77 15.30 2.01 -6.63
CA GLU A 77 14.51 0.90 -7.10
C GLU A 77 14.65 -0.24 -6.11
N CYS A 78 13.52 -0.92 -5.82
CA CYS A 78 13.53 -2.02 -4.88
C CYS A 78 14.26 -3.17 -5.50
N TYR A 79 14.89 -3.99 -4.63
CA TYR A 79 15.61 -5.14 -5.09
C TYR A 79 14.65 -6.30 -5.03
N ASP A 80 15.01 -7.44 -5.67
CA ASP A 80 14.15 -8.59 -5.66
C ASP A 80 14.31 -9.31 -4.35
N ILE A 81 15.17 -8.78 -3.48
CA ILE A 81 15.41 -9.39 -2.19
C ILE A 81 15.47 -8.28 -1.18
N ASP A 82 15.60 -8.66 0.11
CA ASP A 82 15.67 -7.71 1.20
C ASP A 82 14.26 -7.28 1.52
N LYS A 83 14.12 -6.11 2.19
CA LYS A 83 12.82 -5.64 2.57
C LYS A 83 12.38 -4.63 1.56
N ALA A 84 11.29 -4.95 0.83
CA ALA A 84 10.78 -4.04 -0.17
C ALA A 84 9.63 -3.30 0.45
N LEU A 85 8.96 -3.92 1.45
CA LEU A 85 7.85 -3.27 2.09
C LEU A 85 7.84 -3.68 3.52
N GLU A 86 7.56 -2.71 4.41
CA GLU A 86 7.51 -3.00 5.83
C GLU A 86 6.10 -2.72 6.25
N VAL A 87 5.42 -3.73 6.81
CA VAL A 87 4.05 -3.55 7.22
C VAL A 87 3.92 -4.09 8.62
N ASN A 88 2.90 -3.61 9.37
CA ASN A 88 2.70 -4.06 10.72
C ASN A 88 1.88 -5.33 10.72
N GLU A 89 1.30 -5.72 9.57
CA GLU A 89 0.49 -6.92 9.53
C GLU A 89 0.58 -7.48 8.15
N SER A 90 0.57 -8.82 8.05
CA SER A 90 0.68 -9.46 6.76
C SER A 90 -0.67 -9.58 6.10
N ASP A 91 -1.78 -9.47 6.86
CA ASP A 91 -3.09 -9.62 6.25
C ASP A 91 -3.60 -8.28 5.82
N ASP A 92 -3.99 -7.41 6.78
CA ASP A 92 -4.52 -6.12 6.43
C ASP A 92 -3.80 -5.09 7.26
N PRO A 93 -2.62 -4.72 6.84
CA PRO A 93 -1.81 -3.74 7.56
C PRO A 93 -2.40 -2.35 7.52
N ASN A 94 -2.25 -1.63 8.65
CA ASN A 94 -2.76 -0.28 8.74
C ASN A 94 -1.58 0.65 8.67
N SER A 95 -0.37 0.12 8.95
CA SER A 95 0.81 0.94 8.91
C SER A 95 1.72 0.30 7.90
N VAL A 96 2.00 1.04 6.80
CA VAL A 96 2.85 0.53 5.75
C VAL A 96 3.87 1.58 5.48
N GLU A 97 5.17 1.19 5.40
CA GLU A 97 6.21 2.16 5.15
C GLU A 97 6.92 1.77 3.90
N VAL A 98 7.09 2.75 2.97
CA VAL A 98 7.78 2.50 1.74
C VAL A 98 9.25 2.64 2.00
N LEU A 99 10.04 1.58 1.67
CA LEU A 99 11.46 1.61 1.89
C LEU A 99 12.13 1.93 0.58
N CYS A 100 11.49 1.53 -0.54
CA CYS A 100 12.09 1.76 -1.83
C CYS A 100 10.98 1.82 -2.85
N HIS A 101 11.37 2.18 -4.10
CA HIS A 101 10.40 2.30 -5.16
C HIS A 101 10.12 0.95 -5.74
N CYS A 102 8.84 0.56 -5.77
CA CYS A 102 8.46 -0.70 -6.32
C CYS A 102 7.52 -0.38 -7.45
N PRO A 103 7.90 -0.70 -8.67
CA PRO A 103 7.05 -0.41 -9.84
C PRO A 103 5.71 -1.08 -9.75
N SER A 104 4.67 -0.44 -10.33
CA SER A 104 3.34 -0.98 -10.30
C SER A 104 3.26 -2.19 -11.19
N ASP A 105 4.31 -2.40 -12.02
CA ASP A 105 4.31 -3.54 -12.90
C ASP A 105 4.73 -4.76 -12.10
N LYS A 106 5.15 -4.53 -10.83
CA LYS A 106 5.56 -5.60 -9.98
C LYS A 106 4.66 -5.60 -8.79
N ILE A 107 4.66 -6.73 -8.05
CA ILE A 107 3.80 -6.84 -6.90
C ILE A 107 4.67 -7.16 -5.72
N TYR A 108 4.09 -7.00 -4.52
CA TYR A 108 4.81 -7.32 -3.33
C TYR A 108 4.36 -8.69 -2.96
N LEU A 109 5.32 -9.64 -2.87
CA LEU A 109 4.97 -11.00 -2.58
C LEU A 109 5.29 -11.25 -1.14
N TRP A 110 4.30 -11.79 -0.39
CA TRP A 110 4.48 -12.09 1.01
C TRP A 110 5.17 -13.43 1.11
N ILE A 111 6.35 -13.45 1.76
CA ILE A 111 7.08 -14.67 1.93
C ILE A 111 7.55 -14.73 3.35
N HIS A 112 7.88 -15.95 3.83
CA HIS A 112 8.37 -16.13 5.18
C HIS A 112 7.29 -15.74 6.15
N ARG A 113 7.70 -15.35 7.39
CA ARG A 113 6.74 -14.95 8.39
C ARG A 113 6.11 -13.65 7.99
N GLY A 114 6.90 -12.72 7.44
CA GLY A 114 6.35 -11.44 7.06
C GLY A 114 7.42 -10.65 6.39
N TYR A 115 7.81 -11.09 5.18
CA TYR A 115 8.82 -10.39 4.43
C TYR A 115 8.23 -10.12 3.09
N TYR A 116 8.22 -8.83 2.67
CA TYR A 116 7.68 -8.50 1.39
C TYR A 116 8.80 -8.12 0.48
N ILE A 117 8.80 -8.72 -0.73
CA ILE A 117 9.82 -8.45 -1.72
C ILE A 117 9.12 -8.10 -2.99
N CYS A 118 9.80 -7.35 -3.88
CA CYS A 118 9.19 -6.97 -5.13
C CYS A 118 9.53 -8.02 -6.13
N ILE A 119 8.50 -8.53 -6.83
CA ILE A 119 8.72 -9.55 -7.82
C ILE A 119 7.65 -9.38 -8.86
N THR A 120 7.94 -9.82 -10.11
CA THR A 120 6.96 -9.72 -11.17
C THR A 120 5.91 -10.76 -10.84
N PRO A 121 4.65 -10.37 -10.86
CA PRO A 121 3.57 -11.28 -10.50
C PRO A 121 3.39 -12.44 -11.46
N PRO A 122 3.51 -13.66 -10.98
CA PRO A 122 3.29 -14.84 -11.81
C PRO A 122 1.84 -14.96 -12.19
N GLN A 123 1.56 -15.44 -13.41
CA GLN A 123 0.19 -15.58 -13.83
C GLN A 123 -0.32 -16.87 -13.26
N PRO A 124 -1.61 -16.92 -12.99
CA PRO A 124 -2.24 -18.13 -12.46
C PRO A 124 -2.08 -19.32 -13.36
N LYS A 1 -15.37 21.02 -5.87
CA LYS A 1 -14.88 19.62 -5.97
C LYS A 1 -15.79 18.80 -6.83
N SER A 2 -15.24 18.26 -7.95
CA SER A 2 -16.03 17.46 -8.85
C SER A 2 -15.94 16.03 -8.41
N HIS A 3 -15.08 15.74 -7.41
CA HIS A 3 -14.93 14.39 -6.92
C HIS A 3 -14.97 14.45 -5.44
N THR A 4 -15.57 13.43 -4.80
CA THR A 4 -15.67 13.40 -3.36
C THR A 4 -14.36 12.87 -2.83
N THR A 5 -14.10 13.12 -1.53
CA THR A 5 -12.88 12.67 -0.91
C THR A 5 -13.27 11.99 0.37
N CYS A 6 -12.36 11.16 0.92
CA CYS A 6 -12.65 10.46 2.15
C CYS A 6 -12.44 11.42 3.29
N PRO A 7 -13.41 11.56 4.17
CA PRO A 7 -13.30 12.44 5.31
C PRO A 7 -12.16 12.09 6.23
N THR A 8 -11.56 13.10 6.88
CA THR A 8 -10.46 12.86 7.76
C THR A 8 -11.02 12.25 9.02
N SER A 9 -10.46 11.09 9.43
CA SER A 9 -10.93 10.43 10.63
C SER A 9 -10.18 11.00 11.79
N THR A 10 -10.84 11.10 12.95
CA THR A 10 -10.21 11.65 14.13
C THR A 10 -9.69 10.53 14.98
N GLU A 11 -9.90 9.27 14.52
CA GLU A 11 -9.44 8.13 15.28
C GLU A 11 -8.05 7.77 14.82
N ILE A 12 -7.50 8.53 13.86
CA ILE A 12 -6.18 8.25 13.36
C ILE A 12 -5.36 9.50 13.47
N ASP A 13 -4.02 9.34 13.53
CA ASP A 13 -3.14 10.48 13.65
C ASP A 13 -2.28 10.52 12.41
N SER A 14 -1.56 11.64 12.21
CA SER A 14 -0.69 11.77 11.06
C SER A 14 0.49 10.85 11.26
N CYS A 15 1.04 10.36 10.13
CA CYS A 15 2.19 9.48 10.20
C CYS A 15 3.42 10.33 10.23
N SER A 16 4.50 9.84 10.86
CA SER A 16 5.74 10.59 10.93
C SER A 16 6.28 10.77 9.55
N ASN A 17 6.23 9.70 8.73
CA ASN A 17 6.73 9.79 7.37
C ASN A 17 5.55 9.83 6.45
N ASP A 18 5.68 10.63 5.36
CA ASP A 18 4.61 10.78 4.42
C ASP A 18 4.62 9.67 3.40
N ASN A 19 5.61 8.74 3.46
CA ASN A 19 5.67 7.68 2.48
C ASN A 19 4.93 6.48 3.00
N ASN A 20 4.02 6.69 3.98
CA ASN A 20 3.27 5.57 4.52
C ASN A 20 2.02 5.38 3.70
N ALA A 21 1.49 4.14 3.73
CA ALA A 21 0.28 3.83 3.00
C ALA A 21 -0.90 4.26 3.82
N CYS A 22 -2.05 4.46 3.15
CA CYS A 22 -3.23 4.90 3.87
C CYS A 22 -4.44 4.41 3.14
N GLY A 23 -5.27 3.61 3.84
CA GLY A 23 -6.50 3.14 3.25
C GLY A 23 -6.28 1.83 2.58
N LYS A 24 -7.38 1.06 2.50
CA LYS A 24 -7.34 -0.23 1.86
C LYS A 24 -8.76 -0.56 1.53
N ASP A 25 -8.98 -1.48 0.57
CA ASP A 25 -10.33 -1.82 0.18
C ASP A 25 -10.81 -2.88 1.12
N VAL A 26 -11.80 -2.55 1.99
CA VAL A 26 -12.32 -3.51 2.92
C VAL A 26 -13.62 -4.06 2.36
N SER A 27 -14.76 -3.40 2.71
CA SER A 27 -16.04 -3.83 2.23
C SER A 27 -16.46 -2.91 1.11
N GLY A 28 -15.54 -2.02 0.69
CA GLY A 28 -15.85 -1.07 -0.35
C GLY A 28 -15.93 0.27 0.30
N SER A 29 -16.04 0.27 1.65
CA SER A 29 -16.09 1.51 2.38
C SER A 29 -14.69 2.06 2.40
N CYS A 30 -14.57 3.40 2.48
CA CYS A 30 -13.25 3.99 2.46
C CYS A 30 -12.69 3.86 3.85
N SER A 31 -11.61 3.06 3.99
CA SER A 31 -10.98 2.86 5.26
C SER A 31 -9.84 3.83 5.37
N SER A 32 -9.55 4.30 6.61
CA SER A 32 -8.46 5.21 6.82
C SER A 32 -7.62 4.56 7.87
N LEU A 33 -6.28 4.54 7.66
CA LEU A 33 -5.42 3.88 8.62
C LEU A 33 -4.49 4.89 9.23
N CYS A 34 -4.08 5.91 8.46
CA CYS A 34 -3.16 6.89 8.99
C CYS A 34 -3.34 8.15 8.20
N ASN A 35 -3.27 9.30 8.89
CA ASN A 35 -3.41 10.57 8.22
C ASN A 35 -2.12 10.87 7.53
N CYS A 36 -2.21 11.38 6.28
CA CYS A 36 -1.02 11.70 5.52
C CYS A 36 -0.81 13.19 5.61
N GLY A 37 0.45 13.60 5.86
CA GLY A 37 0.75 15.01 5.95
C GLY A 37 0.17 15.54 7.22
N ASN A 38 -0.58 16.66 7.12
CA ASN A 38 -1.17 17.27 8.28
C ASN A 38 -2.58 16.77 8.43
N GLY A 39 -3.02 15.85 7.55
CA GLY A 39 -4.37 15.35 7.62
C GLY A 39 -4.96 15.46 6.25
N GLN A 40 -4.25 14.91 5.25
CA GLN A 40 -4.71 14.96 3.89
C GLN A 40 -5.59 13.76 3.65
N THR A 41 -6.48 13.87 2.65
CA THR A 41 -7.37 12.78 2.34
C THR A 41 -6.55 11.72 1.66
N CYS A 42 -6.98 10.45 1.79
CA CYS A 42 -6.23 9.37 1.20
C CYS A 42 -6.93 8.93 -0.05
N PHE A 43 -8.07 9.56 -0.38
CA PHE A 43 -8.83 9.21 -1.57
C PHE A 43 -8.08 9.64 -2.80
N THR A 44 -7.40 10.80 -2.73
CA THR A 44 -6.69 11.32 -3.88
C THR A 44 -5.45 10.52 -4.16
N ASP A 45 -5.17 9.48 -3.34
CA ASP A 45 -4.00 8.67 -3.54
C ASP A 45 -4.39 7.48 -4.36
N SER A 46 -5.60 7.52 -4.96
CA SER A 46 -6.09 6.42 -5.77
C SER A 46 -5.17 6.24 -6.95
N ASN A 47 -4.66 7.35 -7.51
CA ASN A 47 -3.79 7.27 -8.67
C ASN A 47 -2.45 6.70 -8.27
N HIS A 48 -2.18 6.57 -6.95
CA HIS A 48 -0.91 6.03 -6.51
C HIS A 48 -1.15 4.70 -5.87
N THR A 49 -2.27 4.02 -6.24
CA THR A 49 -2.58 2.73 -5.66
C THR A 49 -1.51 1.75 -6.07
N ILE A 50 -1.29 0.73 -5.20
CA ILE A 50 -0.29 -0.27 -5.47
C ILE A 50 -0.95 -1.61 -5.33
N THR A 51 -0.29 -2.68 -5.85
CA THR A 51 -0.86 -4.00 -5.78
C THR A 51 -0.05 -4.79 -4.78
N LEU A 52 -0.74 -5.37 -3.80
CA LEU A 52 -0.09 -6.16 -2.77
C LEU A 52 -0.71 -7.52 -2.81
N VAL A 53 0.13 -8.59 -2.85
CA VAL A 53 -0.39 -9.93 -2.88
C VAL A 53 0.07 -10.62 -1.62
N PRO A 54 -0.81 -10.69 -0.64
CA PRO A 54 -0.50 -11.34 0.62
C PRO A 54 -0.50 -12.84 0.55
N TYR A 55 -1.30 -13.40 -0.38
CA TYR A 55 -1.37 -14.84 -0.50
C TYR A 55 -1.90 -15.19 -1.86
N TYR A 56 -1.72 -16.46 -2.27
CA TYR A 56 -2.19 -16.92 -3.55
C TYR A 56 -3.38 -17.79 -3.32
N THR A 57 -4.25 -17.91 -4.34
CA THR A 57 -5.43 -18.74 -4.22
C THR A 57 -5.42 -19.70 -5.37
N GLU A 58 -6.33 -20.69 -5.33
CA GLU A 58 -6.41 -21.69 -6.39
C GLU A 58 -6.80 -21.00 -7.67
N ASP A 59 -7.67 -19.97 -7.59
CA ASP A 59 -8.13 -19.28 -8.77
C ASP A 59 -6.97 -18.51 -9.38
N GLY A 60 -5.96 -18.13 -8.56
CA GLY A 60 -4.84 -17.40 -9.10
C GLY A 60 -4.35 -16.48 -8.04
N PRO A 61 -3.58 -15.50 -8.46
CA PRO A 61 -3.04 -14.51 -7.54
C PRO A 61 -4.10 -13.62 -6.97
N PHE A 62 -3.99 -13.31 -5.66
CA PHE A 62 -4.96 -12.47 -5.02
C PHE A 62 -4.36 -11.10 -4.99
N GLU A 63 -4.92 -10.16 -5.77
CA GLU A 63 -4.40 -8.83 -5.81
C GLU A 63 -5.23 -7.98 -4.91
N LYS A 64 -4.57 -7.31 -3.94
CA LYS A 64 -5.26 -6.45 -3.03
C LYS A 64 -4.71 -5.08 -3.26
N LYS A 65 -5.59 -4.07 -3.35
CA LYS A 65 -5.14 -2.73 -3.64
C LYS A 65 -4.94 -1.98 -2.35
N TYR A 66 -3.90 -1.13 -2.36
CA TYR A 66 -3.58 -0.30 -1.22
C TYR A 66 -3.25 1.04 -1.78
N TYR A 67 -3.42 2.11 -1.00
CA TYR A 67 -3.14 3.43 -1.49
C TYR A 67 -1.95 3.92 -0.72
N THR A 68 -1.05 4.68 -1.38
CA THR A 68 0.13 5.15 -0.69
C THR A 68 0.22 6.63 -0.82
N CYS A 69 0.94 7.27 0.11
CA CYS A 69 1.11 8.70 0.10
C CYS A 69 2.56 8.98 -0.13
N GLY A 70 2.86 10.19 -0.65
CA GLY A 70 4.23 10.58 -0.86
C GLY A 70 4.57 10.44 -2.31
N ASP A 71 3.83 9.59 -3.05
CA ASP A 71 4.09 9.41 -4.46
C ASP A 71 5.52 8.97 -4.66
N PRO A 72 5.80 7.70 -4.40
CA PRO A 72 7.15 7.15 -4.54
C PRO A 72 7.62 7.02 -5.97
N SER A 73 7.12 7.88 -6.86
CA SER A 73 7.52 7.84 -8.25
C SER A 73 8.97 8.23 -8.35
N GLU A 74 9.39 9.22 -7.53
CA GLU A 74 10.76 9.68 -7.56
C GLU A 74 11.62 8.78 -6.73
N LEU A 75 11.03 7.77 -6.05
CA LEU A 75 11.81 6.87 -5.24
C LEU A 75 12.55 5.95 -6.17
N ASP A 76 13.65 5.37 -5.67
CA ASP A 76 14.47 4.49 -6.48
C ASP A 76 13.69 3.24 -6.78
N GLU A 77 13.97 2.64 -7.96
CA GLU A 77 13.30 1.43 -8.36
C GLU A 77 13.68 0.35 -7.39
N CYS A 78 12.68 -0.44 -6.95
CA CYS A 78 12.93 -1.48 -5.99
C CYS A 78 13.62 -2.63 -6.68
N TYR A 79 14.50 -3.32 -5.91
CA TYR A 79 15.21 -4.45 -6.43
C TYR A 79 14.34 -5.66 -6.25
N ASP A 80 14.66 -6.76 -6.96
CA ASP A 80 13.86 -7.96 -6.89
C ASP A 80 13.90 -8.52 -5.48
N ILE A 81 15.07 -8.46 -4.80
CA ILE A 81 15.17 -9.01 -3.47
C ILE A 81 15.57 -7.91 -2.53
N ASP A 82 15.51 -8.24 -1.21
CA ASP A 82 15.88 -7.31 -0.14
C ASP A 82 14.60 -6.70 0.38
N LYS A 83 14.72 -5.83 1.41
CA LYS A 83 13.56 -5.20 2.01
C LYS A 83 12.93 -4.31 0.97
N ALA A 84 11.60 -4.45 0.79
CA ALA A 84 10.90 -3.65 -0.18
C ALA A 84 9.74 -2.97 0.50
N LEU A 85 9.01 -3.69 1.38
CA LEU A 85 7.88 -3.09 2.01
C LEU A 85 7.82 -3.59 3.42
N GLU A 86 7.54 -2.68 4.38
CA GLU A 86 7.45 -3.05 5.76
C GLU A 86 6.04 -2.81 6.18
N VAL A 87 5.41 -3.85 6.78
CA VAL A 87 4.04 -3.71 7.22
C VAL A 87 3.97 -4.32 8.60
N ASN A 88 2.99 -3.88 9.42
CA ASN A 88 2.86 -4.43 10.76
C ASN A 88 2.06 -5.71 10.72
N GLU A 89 1.37 -5.99 9.60
CA GLU A 89 0.59 -7.21 9.52
C GLU A 89 0.54 -7.61 8.08
N SER A 90 0.66 -8.93 7.83
CA SER A 90 0.65 -9.43 6.48
C SER A 90 -0.74 -9.37 5.87
N ASP A 91 -1.80 -9.61 6.68
CA ASP A 91 -3.13 -9.63 6.12
C ASP A 91 -3.72 -8.25 6.05
N ASP A 92 -3.90 -7.59 7.23
CA ASP A 92 -4.51 -6.27 7.23
C ASP A 92 -3.64 -5.33 8.00
N PRO A 93 -2.61 -4.83 7.36
CA PRO A 93 -1.71 -3.88 7.99
C PRO A 93 -2.32 -2.53 8.15
N ASN A 94 -1.92 -1.82 9.23
CA ASN A 94 -2.44 -0.50 9.47
C ASN A 94 -1.33 0.47 9.21
N SER A 95 -0.08 -0.02 9.33
CA SER A 95 1.07 0.83 9.09
C SER A 95 1.89 0.17 8.04
N VAL A 96 2.01 0.86 6.88
CA VAL A 96 2.79 0.34 5.79
C VAL A 96 3.71 1.45 5.40
N GLU A 97 5.03 1.18 5.35
CA GLU A 97 5.97 2.22 5.01
C GLU A 97 6.59 1.87 3.69
N VAL A 98 6.55 2.83 2.73
CA VAL A 98 7.13 2.62 1.43
C VAL A 98 8.61 2.89 1.54
N LEU A 99 9.42 1.86 1.22
CA LEU A 99 10.86 2.00 1.29
C LEU A 99 11.39 2.15 -0.10
N CYS A 100 10.63 1.65 -1.10
CA CYS A 100 11.10 1.71 -2.46
C CYS A 100 9.92 1.81 -3.39
N HIS A 101 10.22 2.15 -4.66
CA HIS A 101 9.19 2.31 -5.66
C HIS A 101 9.05 1.04 -6.43
N CYS A 102 7.80 0.56 -6.57
CA CYS A 102 7.54 -0.63 -7.34
C CYS A 102 6.63 -0.25 -8.45
N PRO A 103 6.91 -0.74 -9.63
CA PRO A 103 6.09 -0.46 -10.79
C PRO A 103 4.81 -1.23 -10.78
N SER A 104 3.88 -0.88 -11.70
CA SER A 104 2.60 -1.56 -11.76
C SER A 104 2.82 -2.93 -12.34
N ASP A 105 4.05 -3.21 -12.81
CA ASP A 105 4.35 -4.50 -13.40
C ASP A 105 4.89 -5.40 -12.31
N LYS A 106 4.94 -4.91 -11.05
CA LYS A 106 5.46 -5.74 -9.98
C LYS A 106 4.48 -5.68 -8.84
N ILE A 107 4.55 -6.71 -7.98
CA ILE A 107 3.68 -6.79 -6.84
C ILE A 107 4.53 -6.99 -5.62
N TYR A 108 3.93 -6.81 -4.43
CA TYR A 108 4.65 -7.03 -3.22
C TYR A 108 4.22 -8.39 -2.74
N LEU A 109 5.18 -9.34 -2.63
CA LEU A 109 4.86 -10.67 -2.20
C LEU A 109 5.50 -10.92 -0.88
N TRP A 110 4.78 -11.61 0.01
CA TRP A 110 5.31 -11.92 1.31
C TRP A 110 6.00 -13.25 1.19
N ILE A 111 7.27 -13.34 1.65
CA ILE A 111 7.99 -14.57 1.54
C ILE A 111 8.23 -15.12 2.92
N HIS A 112 7.60 -16.29 3.20
CA HIS A 112 7.75 -16.96 4.47
C HIS A 112 7.35 -16.02 5.58
N ARG A 113 8.12 -16.07 6.70
CA ARG A 113 7.85 -15.23 7.85
C ARG A 113 8.67 -13.98 7.75
N GLY A 114 9.44 -13.83 6.64
CA GLY A 114 10.31 -12.69 6.48
C GLY A 114 9.51 -11.46 6.15
N TYR A 115 10.04 -10.65 5.20
CA TYR A 115 9.39 -9.42 4.84
C TYR A 115 8.89 -9.52 3.42
N TYR A 116 8.23 -8.44 2.95
CA TYR A 116 7.69 -8.40 1.61
C TYR A 116 8.80 -8.03 0.66
N ILE A 117 8.74 -8.60 -0.56
CA ILE A 117 9.74 -8.32 -1.56
C ILE A 117 9.01 -7.82 -2.78
N CYS A 118 9.73 -7.05 -3.63
CA CYS A 118 9.13 -6.49 -4.81
C CYS A 118 9.53 -7.39 -5.94
N ILE A 119 8.55 -8.04 -6.59
CA ILE A 119 8.89 -8.94 -7.66
C ILE A 119 7.75 -8.98 -8.63
N THR A 120 8.06 -9.33 -9.90
CA THR A 120 7.05 -9.42 -10.92
C THR A 120 6.20 -10.63 -10.59
N PRO A 121 4.89 -10.47 -10.63
CA PRO A 121 3.98 -11.56 -10.28
C PRO A 121 4.03 -12.73 -11.24
N PRO A 122 4.32 -13.91 -10.77
CA PRO A 122 4.34 -15.09 -11.60
C PRO A 122 2.97 -15.63 -11.86
N GLN A 123 2.75 -16.18 -13.07
CA GLN A 123 1.46 -16.72 -13.40
C GLN A 123 1.43 -18.15 -12.90
N PRO A 124 0.45 -18.47 -12.09
CA PRO A 124 0.33 -19.82 -11.55
C PRO A 124 -0.24 -20.78 -12.55
N LYS A 1 -16.25 20.17 -0.11
CA LYS A 1 -16.11 20.73 -1.47
C LYS A 1 -16.44 19.69 -2.51
N SER A 2 -15.94 18.45 -2.32
CA SER A 2 -16.21 17.39 -3.26
C SER A 2 -16.68 16.22 -2.46
N HIS A 3 -17.60 15.41 -3.05
CA HIS A 3 -18.12 14.26 -2.35
C HIS A 3 -17.47 13.03 -2.92
N THR A 4 -16.45 13.22 -3.79
CA THR A 4 -15.78 12.09 -4.39
C THR A 4 -14.61 11.72 -3.52
N THR A 5 -14.18 12.65 -2.64
CA THR A 5 -13.06 12.39 -1.77
C THR A 5 -13.54 11.60 -0.59
N CYS A 6 -12.61 10.90 0.09
CA CYS A 6 -12.97 10.11 1.23
C CYS A 6 -13.15 11.06 2.39
N PRO A 7 -14.03 10.71 3.30
CA PRO A 7 -14.30 11.53 4.49
C PRO A 7 -13.07 11.73 5.33
N THR A 8 -12.97 12.91 5.99
CA THR A 8 -11.82 13.17 6.82
C THR A 8 -11.99 12.39 8.09
N SER A 9 -11.04 11.47 8.36
CA SER A 9 -11.11 10.67 9.55
C SER A 9 -10.38 11.40 10.63
N THR A 10 -11.05 11.58 11.79
CA THR A 10 -10.42 12.27 12.90
C THR A 10 -10.03 11.24 13.92
N GLU A 11 -10.25 9.95 13.61
CA GLU A 11 -9.92 8.89 14.54
C GLU A 11 -8.52 8.42 14.22
N ILE A 12 -7.86 9.04 13.24
CA ILE A 12 -6.52 8.62 12.88
C ILE A 12 -5.64 9.83 12.97
N ASP A 13 -4.33 9.60 13.15
CA ASP A 13 -3.39 10.70 13.28
C ASP A 13 -2.53 10.70 12.05
N SER A 14 -1.86 11.86 11.80
CA SER A 14 -0.99 11.98 10.65
C SER A 14 0.24 11.17 10.92
N CYS A 15 0.76 10.51 9.86
CA CYS A 15 1.95 9.71 10.02
C CYS A 15 3.14 10.63 9.96
N SER A 16 4.22 10.28 10.68
CA SER A 16 5.42 11.10 10.69
C SER A 16 6.00 11.12 9.31
N ASN A 17 6.01 9.96 8.62
CA ASN A 17 6.55 9.90 7.30
C ASN A 17 5.38 9.89 6.34
N ASP A 18 5.51 10.68 5.26
CA ASP A 18 4.44 10.77 4.29
C ASP A 18 4.51 9.62 3.32
N ASN A 19 5.52 8.73 3.45
CA ASN A 19 5.63 7.63 2.52
C ASN A 19 4.91 6.43 3.07
N ASN A 20 3.94 6.65 3.98
CA ASN A 20 3.19 5.53 4.52
C ASN A 20 1.95 5.36 3.70
N ALA A 21 1.37 4.14 3.74
CA ALA A 21 0.17 3.85 3.00
C ALA A 21 -0.99 4.42 3.75
N CYS A 22 -2.10 4.69 3.02
CA CYS A 22 -3.26 5.25 3.65
C CYS A 22 -4.48 4.72 2.96
N GLY A 23 -5.24 3.86 3.66
CA GLY A 23 -6.47 3.35 3.11
C GLY A 23 -6.22 2.07 2.37
N LYS A 24 -7.30 1.30 2.21
CA LYS A 24 -7.22 0.05 1.53
C LYS A 24 -8.63 -0.30 1.12
N ASP A 25 -8.77 -1.18 0.11
CA ASP A 25 -10.08 -1.55 -0.36
C ASP A 25 -10.50 -2.78 0.40
N VAL A 26 -11.54 -2.64 1.26
CA VAL A 26 -12.01 -3.77 2.03
C VAL A 26 -13.32 -4.21 1.45
N SER A 27 -14.42 -3.53 1.84
CA SER A 27 -15.74 -3.90 1.37
C SER A 27 -16.15 -2.93 0.30
N GLY A 28 -15.21 -2.06 -0.13
CA GLY A 28 -15.52 -1.07 -1.14
C GLY A 28 -15.64 0.24 -0.44
N SER A 29 -15.80 0.21 0.90
CA SER A 29 -15.89 1.42 1.67
C SER A 29 -14.49 1.96 1.74
N CYS A 30 -14.35 3.31 1.74
CA CYS A 30 -13.03 3.89 1.78
C CYS A 30 -12.55 3.79 3.20
N SER A 31 -11.48 2.99 3.40
CA SER A 31 -10.91 2.83 4.71
C SER A 31 -9.79 3.82 4.86
N SER A 32 -9.48 4.21 6.11
CA SER A 32 -8.40 5.12 6.36
C SER A 32 -7.59 4.50 7.45
N LEU A 33 -6.24 4.50 7.32
CA LEU A 33 -5.41 3.88 8.32
C LEU A 33 -4.54 4.91 8.97
N CYS A 34 -4.11 5.93 8.18
CA CYS A 34 -3.25 6.94 8.73
C CYS A 34 -3.37 8.15 7.86
N ASN A 35 -3.34 9.34 8.48
CA ASN A 35 -3.46 10.57 7.72
C ASN A 35 -2.15 10.84 7.06
N CYS A 36 -2.19 11.41 5.83
CA CYS A 36 -0.98 11.70 5.10
C CYS A 36 -0.70 13.16 5.22
N GLY A 37 0.56 13.50 5.58
CA GLY A 37 0.94 14.89 5.70
C GLY A 37 0.20 15.51 6.84
N ASN A 38 -0.45 16.66 6.58
CA ASN A 38 -1.19 17.35 7.62
C ASN A 38 -2.62 16.91 7.56
N GLY A 39 -2.92 15.93 6.68
CA GLY A 39 -4.29 15.46 6.54
C GLY A 39 -4.66 15.66 5.10
N GLN A 40 -3.81 15.12 4.20
CA GLN A 40 -4.05 15.25 2.79
C GLN A 40 -5.05 14.20 2.42
N THR A 41 -5.90 14.51 1.42
CA THR A 41 -6.92 13.58 0.98
C THR A 41 -6.25 12.35 0.44
N CYS A 42 -6.51 11.19 1.08
CA CYS A 42 -5.89 9.94 0.67
C CYS A 42 -6.50 9.50 -0.64
N PHE A 43 -7.76 9.90 -0.89
CA PHE A 43 -8.45 9.51 -2.11
C PHE A 43 -7.69 10.02 -3.31
N THR A 44 -7.22 11.29 -3.27
CA THR A 44 -6.54 11.86 -4.40
C THR A 44 -5.20 11.20 -4.61
N ASP A 45 -4.72 10.44 -3.59
CA ASP A 45 -3.44 9.77 -3.72
C ASP A 45 -3.70 8.33 -4.11
N SER A 46 -4.92 8.04 -4.61
CA SER A 46 -5.24 6.68 -5.00
C SER A 46 -4.65 6.40 -6.35
N ASN A 47 -4.01 7.42 -6.97
CA ASN A 47 -3.41 7.23 -8.27
C ASN A 47 -2.07 6.56 -8.07
N HIS A 48 -1.66 6.40 -6.80
CA HIS A 48 -0.39 5.77 -6.49
C HIS A 48 -0.69 4.42 -5.90
N THR A 49 -1.87 3.85 -6.24
CA THR A 49 -2.27 2.56 -5.71
C THR A 49 -1.21 1.53 -6.06
N ILE A 50 -1.06 0.54 -5.17
CA ILE A 50 -0.09 -0.51 -5.36
C ILE A 50 -0.81 -1.82 -5.29
N THR A 51 -0.17 -2.90 -5.79
CA THR A 51 -0.78 -4.21 -5.76
C THR A 51 -0.01 -5.03 -4.77
N LEU A 52 -0.72 -5.59 -3.77
CA LEU A 52 -0.09 -6.39 -2.76
C LEU A 52 -0.73 -7.75 -2.80
N VAL A 53 0.09 -8.82 -2.83
CA VAL A 53 -0.44 -10.17 -2.84
C VAL A 53 -0.03 -10.84 -1.56
N PRO A 54 -0.92 -10.86 -0.59
CA PRO A 54 -0.64 -11.49 0.69
C PRO A 54 -0.67 -12.99 0.63
N TYR A 55 -1.46 -13.55 -0.30
CA TYR A 55 -1.56 -14.99 -0.41
C TYR A 55 -2.06 -15.32 -1.79
N TYR A 56 -1.89 -16.59 -2.19
CA TYR A 56 -2.34 -17.05 -3.48
C TYR A 56 -3.51 -17.96 -3.26
N THR A 57 -4.39 -18.06 -4.27
CA THR A 57 -5.54 -18.94 -4.16
C THR A 57 -5.50 -19.88 -5.32
N GLU A 58 -6.37 -20.90 -5.29
CA GLU A 58 -6.41 -21.88 -6.35
C GLU A 58 -6.85 -21.21 -7.63
N ASP A 59 -7.78 -20.24 -7.51
CA ASP A 59 -8.28 -19.55 -8.69
C ASP A 59 -7.18 -18.72 -9.29
N GLY A 60 -6.20 -18.28 -8.48
CA GLY A 60 -5.12 -17.48 -9.03
C GLY A 60 -4.62 -16.60 -7.93
N PRO A 61 -3.86 -15.61 -8.33
CA PRO A 61 -3.29 -14.65 -7.39
C PRO A 61 -4.33 -13.75 -6.80
N PHE A 62 -4.21 -13.47 -5.50
CA PHE A 62 -5.15 -12.59 -4.85
C PHE A 62 -4.50 -11.24 -4.83
N GLU A 63 -5.08 -10.29 -5.61
CA GLU A 63 -4.51 -8.98 -5.67
C GLU A 63 -5.30 -8.08 -4.78
N LYS A 64 -4.61 -7.40 -3.86
CA LYS A 64 -5.25 -6.48 -2.96
C LYS A 64 -4.65 -5.14 -3.23
N LYS A 65 -5.49 -4.09 -3.30
CA LYS A 65 -4.98 -2.78 -3.62
C LYS A 65 -4.84 -1.99 -2.35
N TYR A 66 -3.75 -1.19 -2.30
CA TYR A 66 -3.47 -0.35 -1.17
C TYR A 66 -3.12 0.97 -1.76
N TYR A 67 -3.38 2.08 -1.03
CA TYR A 67 -3.09 3.38 -1.56
C TYR A 67 -1.92 3.90 -0.78
N THR A 68 -1.03 4.66 -1.46
CA THR A 68 0.16 5.15 -0.78
C THR A 68 0.25 6.63 -0.98
N CYS A 69 1.03 7.29 -0.08
CA CYS A 69 1.21 8.72 -0.15
C CYS A 69 2.68 8.96 -0.25
N GLY A 70 3.07 10.19 -0.65
CA GLY A 70 4.46 10.56 -0.73
C GLY A 70 4.90 10.46 -2.16
N ASP A 71 4.17 9.68 -2.98
CA ASP A 71 4.51 9.54 -4.38
C ASP A 71 5.95 9.09 -4.52
N PRO A 72 6.22 7.83 -4.21
CA PRO A 72 7.56 7.29 -4.29
C PRO A 72 8.02 7.05 -5.72
N SER A 73 7.84 8.04 -6.60
CA SER A 73 8.24 7.91 -7.97
C SER A 73 9.68 8.31 -8.10
N GLU A 74 10.16 9.16 -7.17
CA GLU A 74 11.53 9.62 -7.22
C GLU A 74 12.35 8.75 -6.31
N LEU A 75 11.72 7.74 -5.70
CA LEU A 75 12.41 6.86 -4.80
C LEU A 75 13.18 5.87 -5.62
N ASP A 76 14.24 5.28 -5.01
CA ASP A 76 15.07 4.32 -5.72
C ASP A 76 14.25 3.09 -5.97
N GLU A 77 14.53 2.39 -7.09
CA GLU A 77 13.79 1.20 -7.42
C GLU A 77 14.11 0.12 -6.43
N CYS A 78 13.07 -0.61 -5.98
CA CYS A 78 13.25 -1.69 -5.02
C CYS A 78 13.95 -2.82 -5.71
N TYR A 79 14.77 -3.58 -4.95
CA TYR A 79 15.48 -4.69 -5.52
C TYR A 79 14.54 -5.86 -5.53
N ASP A 80 14.79 -6.84 -6.43
CA ASP A 80 13.92 -7.99 -6.55
C ASP A 80 13.93 -8.78 -5.26
N ILE A 81 15.11 -8.94 -4.62
CA ILE A 81 15.17 -9.71 -3.39
C ILE A 81 15.85 -8.86 -2.35
N ASP A 82 15.06 -8.04 -1.66
CA ASP A 82 15.61 -7.19 -0.63
C ASP A 82 14.43 -6.55 0.02
N LYS A 83 14.68 -5.70 1.04
CA LYS A 83 13.60 -5.03 1.73
C LYS A 83 12.91 -4.15 0.72
N ALA A 84 11.58 -4.32 0.58
CA ALA A 84 10.84 -3.52 -0.38
C ALA A 84 9.68 -2.90 0.31
N LEU A 85 8.96 -3.66 1.17
CA LEU A 85 7.81 -3.11 1.84
C LEU A 85 7.85 -3.57 3.26
N GLU A 86 7.58 -2.63 4.19
CA GLU A 86 7.57 -2.96 5.59
C GLU A 86 6.17 -2.77 6.05
N VAL A 87 5.57 -3.84 6.62
CA VAL A 87 4.21 -3.76 7.09
C VAL A 87 4.16 -4.31 8.48
N ASN A 88 3.15 -3.87 9.27
CA ASN A 88 3.01 -4.33 10.63
C ASN A 88 2.58 -5.78 10.61
N GLU A 89 1.64 -6.13 9.71
CA GLU A 89 1.17 -7.50 9.64
C GLU A 89 1.04 -7.87 8.20
N SER A 90 1.12 -9.18 7.93
CA SER A 90 1.03 -9.66 6.57
C SER A 90 -0.42 -9.85 6.19
N ASP A 91 -1.33 -9.95 7.18
CA ASP A 91 -2.72 -10.17 6.85
C ASP A 91 -3.43 -8.86 6.66
N ASP A 92 -3.55 -8.05 7.74
CA ASP A 92 -4.25 -6.80 7.63
C ASP A 92 -3.41 -5.72 8.26
N PRO A 93 -2.41 -5.25 7.55
CA PRO A 93 -1.55 -4.20 8.06
C PRO A 93 -2.22 -2.86 8.05
N ASN A 94 -2.18 -2.15 9.20
CA ASN A 94 -2.76 -0.84 9.28
C ASN A 94 -1.64 0.15 9.18
N SER A 95 -0.40 -0.36 9.07
CA SER A 95 0.73 0.51 8.97
C SER A 95 1.64 -0.08 7.93
N VAL A 96 1.80 0.63 6.80
CA VAL A 96 2.64 0.17 5.74
C VAL A 96 3.53 1.32 5.40
N GLU A 97 4.87 1.09 5.37
CA GLU A 97 5.79 2.16 5.08
C GLU A 97 6.51 1.83 3.80
N VAL A 98 6.54 2.80 2.86
CA VAL A 98 7.23 2.60 1.60
C VAL A 98 8.69 2.88 1.85
N LEU A 99 9.54 1.87 1.54
CA LEU A 99 10.96 2.03 1.73
C LEU A 99 11.59 2.38 0.40
N CYS A 100 10.95 1.96 -0.70
CA CYS A 100 11.52 2.24 -2.00
C CYS A 100 10.43 2.19 -3.03
N HIS A 101 10.78 2.60 -4.28
CA HIS A 101 9.82 2.64 -5.36
C HIS A 101 9.59 1.25 -5.87
N CYS A 102 8.32 0.82 -5.84
CA CYS A 102 7.96 -0.47 -6.35
C CYS A 102 6.97 -0.19 -7.45
N PRO A 103 7.27 -0.60 -8.66
CA PRO A 103 6.38 -0.34 -9.78
C PRO A 103 5.11 -1.14 -9.72
N SER A 104 4.05 -0.63 -10.37
CA SER A 104 2.76 -1.30 -10.37
C SER A 104 2.83 -2.49 -11.27
N ASP A 105 3.94 -2.63 -12.04
CA ASP A 105 4.08 -3.75 -12.93
C ASP A 105 4.55 -4.92 -12.11
N LYS A 106 4.88 -4.66 -10.82
CA LYS A 106 5.34 -5.71 -9.95
C LYS A 106 4.39 -5.76 -8.79
N ILE A 107 4.43 -6.88 -8.04
CA ILE A 107 3.55 -7.04 -6.92
C ILE A 107 4.39 -7.27 -5.71
N TYR A 108 3.80 -7.07 -4.53
CA TYR A 108 4.50 -7.32 -3.30
C TYR A 108 4.16 -8.72 -2.92
N LEU A 109 5.18 -9.59 -2.83
CA LEU A 109 4.94 -10.97 -2.50
C LEU A 109 5.55 -11.22 -1.16
N TRP A 110 4.76 -11.81 -0.24
CA TRP A 110 5.27 -12.12 1.07
C TRP A 110 6.11 -13.34 0.93
N ILE A 111 7.36 -13.30 1.44
CA ILE A 111 8.23 -14.43 1.30
C ILE A 111 8.51 -14.96 2.68
N HIS A 112 8.02 -16.21 2.94
CA HIS A 112 8.23 -16.87 4.20
C HIS A 112 7.65 -16.00 5.30
N ARG A 113 8.32 -16.00 6.47
CA ARG A 113 7.88 -15.23 7.61
C ARG A 113 8.59 -13.90 7.57
N GLY A 114 9.41 -13.67 6.51
CA GLY A 114 10.17 -12.44 6.42
C GLY A 114 9.29 -11.28 6.06
N TYR A 115 9.73 -10.48 5.08
CA TYR A 115 8.99 -9.30 4.68
C TYR A 115 8.53 -9.45 3.26
N TYR A 116 7.91 -8.39 2.72
CA TYR A 116 7.41 -8.42 1.37
C TYR A 116 8.51 -7.96 0.45
N ILE A 117 8.57 -8.59 -0.74
CA ILE A 117 9.57 -8.24 -1.72
C ILE A 117 8.85 -7.91 -2.99
N CYS A 118 9.49 -7.09 -3.86
CA CYS A 118 8.86 -6.73 -5.11
C CYS A 118 9.28 -7.75 -6.12
N ILE A 119 8.30 -8.36 -6.79
CA ILE A 119 8.62 -9.36 -7.78
C ILE A 119 7.56 -9.31 -8.84
N THR A 120 7.92 -9.69 -10.07
CA THR A 120 6.96 -9.70 -11.15
C THR A 120 6.03 -10.84 -10.86
N PRO A 121 4.73 -10.59 -10.90
CA PRO A 121 3.75 -11.62 -10.59
C PRO A 121 3.71 -12.76 -11.57
N PRO A 122 3.96 -13.97 -11.11
CA PRO A 122 3.90 -15.14 -11.96
C PRO A 122 2.51 -15.67 -12.10
N GLN A 123 2.16 -16.19 -13.29
CA GLN A 123 0.84 -16.73 -13.51
C GLN A 123 0.88 -18.17 -13.04
N PRO A 124 -0.01 -18.52 -12.14
CA PRO A 124 -0.06 -19.88 -11.64
C PRO A 124 -0.81 -20.82 -12.55
#